data_3SXN
#
_entry.id   3SXN
#
_cell.length_a   107.737
_cell.length_b   126.518
_cell.length_c   238.800
_cell.angle_alpha   90.00
_cell.angle_beta   90.00
_cell.angle_gamma   90.00
#
_symmetry.space_group_name_H-M   'P 21 21 21'
#
loop_
_entity.id
_entity.type
_entity.pdbx_description
1 polymer 'Enhanced intracellular survival protein'
2 non-polymer 'COENZYME A'
3 water water
#
_entity_poly.entity_id   1
_entity_poly.type   'polypeptide(L)'
_entity_poly.pdbx_seq_one_letter_code
;MGSSHHHHHHSSGLVPRGSHMITPRTLHTITDDDWTRIALLARFAFGDIEPEQTQAAWRSMVPEDATVVVPDETDDAFVG
QSLYLDMQLTVPGGEVLPVAGISFVAVAPTHRRRGVLRAMYTELHDRIARAGYPLAVLTASEGGIYGRFGYGVATIEQHV
SVDRRLAQFHPAAPDPGGVRMLVPADHRDGLADIYDRWRRRTPGGLVRPDALWDDLLADRPESRRGGGELFAFGHQDGYA
LYRVDRGPDGRRSAHVVELTAVTADAHAALWRALLGLDLIDRVSIGTHPHDPLPYLLTDPRQAQVTASADDLWIRIMNVP
AALEARRYQADLDVVLDVADGFRSDGGRFALQISGGRARCTTTDAPADIEIDLDVLGGLYLGAHRVDGFAAANRLRSKDS
ELLQQFGAAFAGDMPAELGYGF
;
_entity_poly.pdbx_strand_id   A,B,C,D,E,F
#
# COMPACT_ATOMS: atom_id res chain seq x y z
N MET A 21 3.90 -35.39 33.37
CA MET A 21 2.92 -36.15 32.59
C MET A 21 3.39 -36.36 31.15
N ILE A 22 4.68 -36.18 30.92
CA ILE A 22 5.27 -36.28 29.58
C ILE A 22 6.23 -37.45 29.42
N THR A 23 5.84 -38.45 28.64
CA THR A 23 6.72 -39.59 28.38
C THR A 23 6.80 -39.92 26.89
N PRO A 24 7.86 -39.45 26.23
CA PRO A 24 8.01 -39.74 24.80
C PRO A 24 8.19 -41.21 24.54
N ARG A 25 7.71 -41.70 23.41
CA ARG A 25 8.09 -43.03 22.96
C ARG A 25 8.69 -42.96 21.56
N THR A 26 9.63 -43.85 21.29
CA THR A 26 10.32 -43.89 20.02
C THR A 26 9.66 -44.91 19.10
N LEU A 27 9.33 -44.49 17.87
CA LEU A 27 8.78 -45.43 16.91
C LEU A 27 9.92 -46.16 16.24
N HIS A 28 9.85 -47.49 16.22
CA HIS A 28 10.89 -48.28 15.61
C HIS A 28 10.86 -48.12 14.10
N THR A 29 9.65 -48.20 13.53
CA THR A 29 9.42 -47.83 12.14
C THR A 29 8.18 -46.97 12.14
N ILE A 30 7.89 -46.30 11.03
CA ILE A 30 6.70 -45.45 10.97
C ILE A 30 5.61 -46.11 10.14
N THR A 31 4.51 -46.49 10.78
CA THR A 31 3.40 -47.11 10.07
C THR A 31 2.56 -46.06 9.38
N ASP A 32 1.75 -46.47 8.39
CA ASP A 32 0.81 -45.54 7.76
C ASP A 32 -0.09 -44.88 8.78
N ASP A 33 -0.52 -45.61 9.80
CA ASP A 33 -1.37 -45.00 10.80
C ASP A 33 -0.57 -44.02 11.63
N ASP A 34 0.69 -44.34 11.89
CA ASP A 34 1.55 -43.43 12.64
C ASP A 34 1.65 -42.13 11.84
N TRP A 35 1.92 -42.25 10.54
CA TRP A 35 2.13 -41.08 9.70
C TRP A 35 0.90 -40.19 9.63
N THR A 36 -0.27 -40.81 9.60
CA THR A 36 -1.52 -40.07 9.61
C THR A 36 -1.63 -39.18 10.85
N ARG A 37 -1.20 -39.71 12.00
CA ARG A 37 -1.15 -38.92 13.23
C ARG A 37 -0.14 -37.78 13.13
N ILE A 38 1.01 -38.08 12.55
CA ILE A 38 2.08 -37.10 12.40
C ILE A 38 1.66 -35.96 11.47
N ALA A 39 1.01 -36.31 10.35
CA ALA A 39 0.49 -35.32 9.42
C ALA A 39 -0.54 -34.41 10.07
N LEU A 40 -1.45 -35.00 10.84
CA LEU A 40 -2.47 -34.22 11.52
C LEU A 40 -1.84 -33.21 12.48
N LEU A 41 -0.93 -33.66 13.32
CA LEU A 41 -0.34 -32.74 14.29
C LEU A 41 0.44 -31.66 13.54
N ALA A 42 1.22 -32.07 12.56
CA ALA A 42 2.05 -31.15 11.78
C ALA A 42 1.17 -30.06 11.17
N ARG A 43 0.07 -30.46 10.55
CA ARG A 43 -0.80 -29.47 9.94
C ARG A 43 -1.36 -28.45 10.95
N PHE A 44 -1.81 -28.93 12.12
CA PHE A 44 -2.32 -28.03 13.16
C PHE A 44 -1.23 -27.12 13.70
N ALA A 45 -0.08 -27.70 14.02
CA ALA A 45 0.98 -26.95 14.68
C ALA A 45 1.56 -25.90 13.75
N PHE A 46 1.64 -26.22 12.47
CA PHE A 46 2.21 -25.30 11.51
C PHE A 46 1.18 -24.37 10.88
N GLY A 47 -0.04 -24.85 10.70
CA GLY A 47 -1.08 -24.06 10.06
C GLY A 47 -1.29 -24.50 8.61
N ASP A 48 -0.45 -25.43 8.17
CA ASP A 48 -0.56 -26.02 6.84
C ASP A 48 0.43 -27.18 6.73
N ILE A 49 0.43 -27.86 5.59
CA ILE A 49 1.32 -28.99 5.40
C ILE A 49 1.53 -29.21 3.92
N GLU A 50 2.73 -29.67 3.55
CA GLU A 50 3.06 -30.00 2.16
C GLU A 50 2.16 -31.12 1.63
N PRO A 51 2.13 -31.30 0.30
CA PRO A 51 1.33 -32.34 -0.37
C PRO A 51 1.74 -33.74 0.06
N GLU A 52 0.89 -34.72 -0.25
CA GLU A 52 1.10 -36.12 0.12
C GLU A 52 2.42 -36.69 -0.36
N GLN A 53 2.71 -36.52 -1.65
CA GLN A 53 3.93 -37.09 -2.23
C GLN A 53 5.15 -36.48 -1.55
N THR A 54 5.08 -35.19 -1.25
CA THR A 54 6.18 -34.54 -0.59
C THR A 54 6.42 -35.19 0.78
N GLN A 55 5.37 -35.26 1.59
CA GLN A 55 5.45 -35.93 2.88
C GLN A 55 6.09 -37.30 2.70
N ALA A 56 5.61 -38.06 1.72
CA ALA A 56 6.08 -39.42 1.50
C ALA A 56 7.57 -39.44 1.21
N ALA A 57 8.06 -38.43 0.50
CA ALA A 57 9.48 -38.37 0.17
C ALA A 57 10.32 -38.15 1.43
N TRP A 58 9.86 -37.27 2.31
CA TRP A 58 10.59 -37.05 3.56
C TRP A 58 10.52 -38.30 4.42
N ARG A 59 9.34 -38.90 4.51
CA ARG A 59 9.16 -40.11 5.30
C ARG A 59 10.13 -41.20 4.85
N SER A 60 10.35 -41.27 3.54
CA SER A 60 11.23 -42.29 2.98
C SER A 60 12.67 -42.12 3.48
N MET A 61 12.99 -40.97 4.05
CA MET A 61 14.37 -40.71 4.51
C MET A 61 14.60 -40.95 6.00
N VAL A 62 13.55 -41.38 6.70
CA VAL A 62 13.66 -41.57 8.15
C VAL A 62 14.16 -42.99 8.42
N PRO A 63 15.29 -43.12 9.12
CA PRO A 63 15.82 -44.47 9.40
C PRO A 63 15.13 -45.10 10.61
N GLU A 64 15.63 -46.26 11.03
CA GLU A 64 15.03 -46.94 12.18
C GLU A 64 15.15 -46.14 13.50
N ASP A 65 14.15 -46.26 14.37
CA ASP A 65 14.23 -45.67 15.70
C ASP A 65 14.55 -44.18 15.64
N ALA A 66 13.92 -43.47 14.72
CA ALA A 66 14.29 -42.08 14.45
C ALA A 66 13.12 -41.11 14.61
N THR A 67 12.05 -41.59 15.24
CA THR A 67 10.86 -40.78 15.44
C THR A 67 10.43 -40.86 16.90
N VAL A 68 10.26 -39.71 17.52
CA VAL A 68 9.86 -39.66 18.91
C VAL A 68 8.56 -38.91 19.01
N VAL A 69 7.58 -39.51 19.69
CA VAL A 69 6.24 -38.94 19.79
C VAL A 69 5.74 -38.95 21.24
N VAL A 70 4.81 -38.04 21.52
CA VAL A 70 4.10 -37.99 22.80
C VAL A 70 2.60 -38.03 22.53
N PRO A 71 1.92 -39.09 23.00
CA PRO A 71 0.49 -39.25 22.69
C PRO A 71 -0.36 -38.39 23.62
N ASP A 72 -1.62 -38.19 23.25
CA ASP A 72 -2.55 -37.56 24.18
C ASP A 72 -2.93 -38.52 25.31
N GLU A 73 -3.77 -38.04 26.20
CA GLU A 73 -4.21 -38.75 27.40
C GLU A 73 -4.83 -40.12 27.11
N THR A 74 -5.44 -40.28 25.95
CA THR A 74 -6.08 -41.54 25.59
C THR A 74 -5.39 -42.29 24.45
N ASP A 75 -4.16 -41.88 24.13
CA ASP A 75 -3.42 -42.45 23.01
C ASP A 75 -4.25 -42.51 21.71
N ASP A 76 -5.10 -41.52 21.51
CA ASP A 76 -5.81 -41.37 20.23
C ASP A 76 -4.92 -40.62 19.22
N ALA A 77 -4.20 -39.63 19.72
CA ALA A 77 -3.44 -38.74 18.86
C ALA A 77 -2.09 -38.39 19.46
N PHE A 78 -1.21 -37.80 18.63
CA PHE A 78 0.05 -37.28 19.13
C PHE A 78 -0.14 -35.81 19.42
N VAL A 79 0.35 -35.37 20.56
CA VAL A 79 0.36 -33.94 20.89
C VAL A 79 1.79 -33.41 20.84
N GLY A 80 2.74 -34.31 20.55
CA GLY A 80 4.11 -33.90 20.36
C GLY A 80 4.80 -34.87 19.42
N GLN A 81 5.66 -34.36 18.53
CA GLN A 81 6.43 -35.26 17.68
C GLN A 81 7.70 -34.59 17.20
N SER A 82 8.65 -35.43 16.79
CA SER A 82 9.91 -34.98 16.23
C SER A 82 10.55 -36.21 15.58
N LEU A 83 11.31 -36.01 14.50
CA LEU A 83 11.97 -37.13 13.86
C LEU A 83 13.24 -36.63 13.21
N TYR A 84 14.10 -37.54 12.74
CA TYR A 84 15.23 -37.08 11.96
C TYR A 84 15.38 -37.84 10.67
N LEU A 85 16.05 -37.20 9.73
CA LEU A 85 16.26 -37.75 8.40
C LEU A 85 17.71 -38.16 8.30
N ASP A 86 17.95 -39.28 7.61
CA ASP A 86 19.31 -39.79 7.47
C ASP A 86 19.97 -39.04 6.31
N MET A 87 20.91 -38.16 6.61
CA MET A 87 21.43 -37.24 5.60
C MET A 87 22.95 -37.24 5.52
N GLN A 88 23.48 -36.57 4.48
CA GLN A 88 24.92 -36.45 4.29
C GLN A 88 25.30 -35.04 3.92
N LEU A 89 26.17 -34.45 4.72
CA LEU A 89 26.48 -33.03 4.62
C LEU A 89 27.93 -32.79 4.24
N THR A 90 28.16 -31.92 3.26
CA THR A 90 29.52 -31.50 2.89
C THR A 90 30.02 -30.44 3.85
N VAL A 91 31.23 -30.63 4.36
CA VAL A 91 31.83 -29.65 5.27
C VAL A 91 33.04 -28.97 4.61
N PRO A 92 33.55 -27.88 5.23
CA PRO A 92 34.66 -27.18 4.55
C PRO A 92 35.84 -28.12 4.26
N GLY A 93 36.34 -28.07 3.03
CA GLY A 93 37.43 -28.94 2.62
C GLY A 93 36.96 -30.18 1.86
N GLY A 94 35.67 -30.49 1.97
CA GLY A 94 35.07 -31.50 1.10
C GLY A 94 34.67 -32.82 1.72
N GLU A 95 35.07 -33.09 2.95
CA GLU A 95 34.56 -34.32 3.59
C GLU A 95 33.03 -34.25 3.69
N VAL A 96 32.39 -35.40 3.46
CA VAL A 96 30.95 -35.56 3.54
C VAL A 96 30.60 -36.37 4.80
N LEU A 97 29.92 -35.74 5.75
CA LEU A 97 29.56 -36.41 7.01
C LEU A 97 28.12 -36.87 7.04
N PRO A 98 27.87 -38.03 7.67
CA PRO A 98 26.49 -38.44 7.93
C PRO A 98 25.93 -37.50 8.97
N VAL A 99 24.71 -37.03 8.77
CA VAL A 99 24.12 -36.13 9.77
C VAL A 99 22.65 -36.43 9.92
N ALA A 100 22.13 -36.14 11.10
CA ALA A 100 20.73 -36.34 11.42
C ALA A 100 19.97 -35.04 11.16
N GLY A 101 19.08 -35.06 10.17
CA GLY A 101 18.35 -33.86 9.81
C GLY A 101 17.01 -33.84 10.53
N ILE A 102 16.91 -33.00 11.54
CA ILE A 102 15.71 -33.00 12.36
C ILE A 102 14.58 -32.34 11.60
N SER A 103 13.39 -32.92 11.69
CA SER A 103 12.27 -32.43 10.89
C SER A 103 10.91 -32.78 11.50
N PHE A 104 9.85 -32.18 10.95
CA PHE A 104 8.48 -32.41 11.42
C PHE A 104 8.31 -32.25 12.92
N VAL A 105 9.08 -31.37 13.54
CA VAL A 105 8.95 -31.07 14.96
C VAL A 105 7.67 -30.26 15.19
N ALA A 106 6.83 -30.73 16.12
CA ALA A 106 5.55 -30.07 16.38
C ALA A 106 5.02 -30.44 17.76
N VAL A 107 4.47 -29.44 18.46
CA VAL A 107 3.75 -29.69 19.71
C VAL A 107 2.39 -29.02 19.56
N ALA A 108 1.34 -29.74 19.92
CA ALA A 108 -0.03 -29.23 19.77
C ALA A 108 -0.13 -27.87 20.43
N PRO A 109 -0.82 -26.93 19.78
CA PRO A 109 -0.94 -25.59 20.37
C PRO A 109 -1.65 -25.65 21.73
N THR A 110 -2.32 -26.77 22.00
CA THR A 110 -2.99 -26.98 23.29
C THR A 110 -2.04 -27.49 24.37
N HIS A 111 -0.86 -27.97 23.97
CA HIS A 111 0.11 -28.53 24.90
C HIS A 111 1.47 -27.82 24.92
N ARG A 112 1.56 -26.69 24.23
CA ARG A 112 2.82 -25.98 24.14
C ARG A 112 3.32 -25.44 25.49
N ARG A 113 4.61 -25.12 25.53
CA ARG A 113 5.26 -24.51 26.69
C ARG A 113 5.03 -25.27 27.99
N ARG A 114 5.03 -26.59 27.87
CA ARG A 114 4.95 -27.45 29.06
C ARG A 114 6.15 -28.41 29.10
N GLY A 115 7.14 -28.16 28.25
CA GLY A 115 8.35 -28.98 28.22
C GLY A 115 8.25 -30.18 27.31
N VAL A 116 7.24 -30.21 26.45
CA VAL A 116 7.07 -31.34 25.55
C VAL A 116 8.22 -31.44 24.50
N LEU A 117 8.60 -30.31 23.90
CA LEU A 117 9.71 -30.32 22.95
C LEU A 117 10.99 -30.77 23.66
N ARG A 118 11.24 -30.20 24.85
CA ARG A 118 12.42 -30.53 25.62
C ARG A 118 12.50 -32.04 25.88
N ALA A 119 11.40 -32.62 26.32
CA ALA A 119 11.36 -34.06 26.58
C ALA A 119 11.64 -34.84 25.31
N MET A 120 11.01 -34.44 24.21
CA MET A 120 11.18 -35.16 22.95
C MET A 120 12.60 -35.05 22.44
N TYR A 121 13.16 -33.84 22.49
CA TYR A 121 14.50 -33.60 22.00
C TYR A 121 15.53 -34.36 22.83
N THR A 122 15.27 -34.49 24.12
CA THR A 122 16.17 -35.24 24.99
C THR A 122 16.30 -36.66 24.49
N GLU A 123 15.17 -37.32 24.26
CA GLU A 123 15.18 -38.69 23.74
C GLU A 123 15.74 -38.76 22.31
N LEU A 124 15.33 -37.82 21.46
CA LEU A 124 15.72 -37.88 20.05
C LEU A 124 17.23 -37.76 19.89
N HIS A 125 17.82 -36.87 20.66
CA HIS A 125 19.25 -36.68 20.59
C HIS A 125 20.01 -37.88 21.18
N ASP A 126 19.40 -38.56 22.15
CA ASP A 126 20.00 -39.80 22.67
C ASP A 126 20.09 -40.80 21.53
N ARG A 127 19.02 -40.88 20.75
CA ARG A 127 18.97 -41.77 19.60
C ARG A 127 20.00 -41.41 18.54
N ILE A 128 20.07 -40.13 18.22
CA ILE A 128 21.06 -39.62 17.28
C ILE A 128 22.48 -39.96 17.75
N ALA A 129 22.76 -39.77 19.03
CA ALA A 129 24.08 -40.04 19.56
C ALA A 129 24.41 -41.54 19.51
N ARG A 130 23.42 -42.37 19.81
CA ARG A 130 23.59 -43.81 19.76
C ARG A 130 23.79 -44.29 18.31
N ALA A 131 23.19 -43.60 17.35
CA ALA A 131 23.35 -43.97 15.96
C ALA A 131 24.70 -43.51 15.38
N GLY A 132 25.38 -42.64 16.12
CA GLY A 132 26.74 -42.28 15.79
C GLY A 132 26.92 -41.03 14.96
N TYR A 133 25.84 -40.31 14.69
CA TYR A 133 25.93 -39.07 13.91
C TYR A 133 26.85 -38.05 14.58
N PRO A 134 27.85 -37.54 13.84
CA PRO A 134 28.68 -36.48 14.44
C PRO A 134 27.98 -35.10 14.46
N LEU A 135 26.98 -34.89 13.62
CA LEU A 135 26.25 -33.62 13.62
C LEU A 135 24.75 -33.86 13.55
N ALA A 136 23.99 -32.96 14.15
CA ALA A 136 22.58 -32.87 13.87
C ALA A 136 22.33 -31.53 13.19
N VAL A 137 21.39 -31.50 12.25
CA VAL A 137 21.14 -30.27 11.49
C VAL A 137 19.65 -30.01 11.32
N LEU A 138 19.27 -28.75 11.10
CA LEU A 138 17.85 -28.46 10.88
C LEU A 138 17.67 -27.10 10.22
N THR A 139 16.46 -26.84 9.73
CA THR A 139 16.05 -25.47 9.46
C THR A 139 14.98 -25.08 10.46
N ALA A 140 14.92 -23.82 10.83
CA ALA A 140 14.07 -23.43 11.96
C ALA A 140 12.87 -22.62 11.50
N SER A 141 11.72 -22.87 12.10
CA SER A 141 10.53 -22.09 11.79
C SER A 141 10.64 -20.70 12.40
N GLU A 142 11.34 -20.58 13.53
CA GLU A 142 11.59 -19.29 14.17
C GLU A 142 12.99 -19.30 14.73
N GLY A 143 13.55 -18.12 14.97
CA GLY A 143 14.95 -17.99 15.29
C GLY A 143 15.33 -18.13 16.76
N GLY A 144 14.33 -18.11 17.65
CA GLY A 144 14.59 -18.11 19.08
C GLY A 144 14.52 -19.48 19.75
N ILE A 145 14.40 -20.53 18.96
CA ILE A 145 14.11 -21.86 19.52
C ILE A 145 15.33 -22.69 19.92
N TYR A 146 16.28 -22.83 18.99
CA TYR A 146 17.25 -23.92 19.05
C TYR A 146 18.63 -23.62 19.62
N GLY A 147 18.99 -22.34 19.73
CA GLY A 147 20.23 -21.99 20.39
C GLY A 147 20.39 -22.72 21.70
N ARG A 148 19.31 -22.77 22.49
CA ARG A 148 19.31 -23.37 23.84
C ARG A 148 19.58 -24.87 23.80
N PHE A 149 19.34 -25.48 22.65
CA PHE A 149 19.61 -26.91 22.49
C PHE A 149 20.96 -27.18 21.84
N GLY A 150 21.73 -26.10 21.66
CA GLY A 150 23.08 -26.19 21.15
C GLY A 150 23.25 -26.01 19.64
N TYR A 151 22.19 -25.61 18.94
CA TYR A 151 22.26 -25.42 17.49
C TYR A 151 22.70 -24.00 17.16
N GLY A 152 23.68 -23.88 16.27
CA GLY A 152 24.16 -22.58 15.83
C GLY A 152 23.73 -22.32 14.38
N VAL A 153 23.58 -21.03 14.03
CA VAL A 153 23.24 -20.68 12.66
C VAL A 153 24.46 -20.82 11.78
N ALA A 154 24.44 -21.84 10.92
CA ALA A 154 25.62 -22.22 10.13
C ALA A 154 25.63 -21.68 8.69
N THR A 155 24.46 -21.48 8.10
CA THR A 155 24.39 -20.75 6.83
C THR A 155 23.31 -19.69 6.89
N ILE A 156 23.42 -18.73 5.97
CA ILE A 156 22.51 -17.60 5.89
C ILE A 156 21.91 -17.48 4.50
N GLU A 157 20.60 -17.26 4.44
CA GLU A 157 19.92 -17.04 3.19
C GLU A 157 19.50 -15.58 3.07
N GLN A 158 19.86 -14.98 1.96
CA GLN A 158 19.47 -13.60 1.69
C GLN A 158 18.58 -13.52 0.48
N HIS A 159 17.50 -12.74 0.58
CA HIS A 159 16.64 -12.54 -0.56
C HIS A 159 17.21 -11.40 -1.40
N VAL A 160 17.51 -11.69 -2.66
CA VAL A 160 18.12 -10.73 -3.56
C VAL A 160 17.18 -10.53 -4.74
N SER A 161 16.92 -9.27 -5.10
CA SER A 161 16.06 -8.96 -6.23
C SER A 161 16.84 -8.09 -7.22
N VAL A 162 16.81 -8.47 -8.50
CA VAL A 162 17.54 -7.72 -9.50
C VAL A 162 16.57 -7.06 -10.43
N ASP A 163 16.75 -5.76 -10.63
CA ASP A 163 16.02 -5.06 -11.66
C ASP A 163 16.71 -5.30 -12.98
N ARG A 164 16.20 -6.27 -13.73
CA ARG A 164 16.89 -6.70 -14.95
C ARG A 164 16.81 -5.69 -16.08
N ARG A 165 15.90 -4.73 -15.99
CA ARG A 165 15.85 -3.66 -16.99
C ARG A 165 17.00 -2.68 -16.84
N LEU A 166 17.60 -2.62 -15.65
CA LEU A 166 18.72 -1.70 -15.41
C LEU A 166 20.07 -2.39 -15.25
N ALA A 167 20.07 -3.62 -14.75
CA ALA A 167 21.32 -4.36 -14.56
C ALA A 167 22.07 -4.51 -15.88
N GLN A 168 23.38 -4.32 -15.83
CA GLN A 168 24.26 -4.58 -16.96
C GLN A 168 25.49 -5.36 -16.48
N PHE A 169 25.98 -6.27 -17.31
CA PHE A 169 27.14 -7.06 -16.91
C PHE A 169 28.45 -6.29 -17.00
N HIS A 170 29.30 -6.50 -16.00
CA HIS A 170 30.63 -5.91 -15.98
C HIS A 170 31.42 -6.36 -17.23
N PRO A 171 32.23 -5.45 -17.81
CA PRO A 171 32.98 -5.79 -19.02
C PRO A 171 33.81 -7.07 -18.89
N ALA A 172 34.29 -7.39 -17.69
CA ALA A 172 35.12 -8.58 -17.50
C ALA A 172 34.34 -9.87 -17.23
N ALA A 173 33.09 -9.76 -16.84
CA ALA A 173 32.34 -10.94 -16.43
C ALA A 173 32.31 -11.99 -17.54
N PRO A 174 32.55 -13.27 -17.19
CA PRO A 174 32.49 -14.35 -18.17
C PRO A 174 31.21 -14.33 -18.98
N ASP A 175 31.32 -14.65 -20.27
CA ASP A 175 30.14 -14.78 -21.11
C ASP A 175 30.33 -16.02 -21.98
N PRO A 176 30.28 -17.21 -21.37
CA PRO A 176 30.66 -18.43 -22.07
C PRO A 176 29.56 -19.04 -22.95
N GLY A 177 28.32 -18.60 -22.81
CA GLY A 177 27.22 -19.22 -23.56
C GLY A 177 26.96 -20.64 -23.05
N GLY A 178 26.34 -21.46 -23.90
CA GLY A 178 26.10 -22.85 -23.58
C GLY A 178 24.83 -23.14 -22.80
N VAL A 179 23.94 -22.16 -22.66
CA VAL A 179 22.72 -22.37 -21.89
C VAL A 179 21.55 -22.78 -22.77
N ARG A 180 20.86 -23.84 -22.38
CA ARG A 180 19.67 -24.31 -23.08
C ARG A 180 18.41 -24.03 -22.26
N MET A 181 17.30 -23.89 -22.96
CA MET A 181 15.98 -23.82 -22.36
C MET A 181 15.43 -25.23 -22.21
N LEU A 182 15.32 -25.69 -20.97
CA LEU A 182 14.97 -27.10 -20.69
C LEU A 182 13.56 -27.33 -20.18
N VAL A 183 13.02 -28.50 -20.54
CA VAL A 183 11.92 -29.12 -19.79
C VAL A 183 12.60 -29.89 -18.65
N PRO A 184 12.53 -29.35 -17.44
CA PRO A 184 13.36 -29.94 -16.39
C PRO A 184 13.03 -31.43 -16.11
N ALA A 185 11.75 -31.79 -16.14
CA ALA A 185 11.37 -33.18 -15.88
C ALA A 185 11.95 -34.16 -16.89
N ASP A 186 12.49 -33.66 -18.00
CA ASP A 186 13.08 -34.53 -19.02
C ASP A 186 14.58 -34.71 -18.86
N HIS A 187 15.16 -34.11 -17.82
CA HIS A 187 16.61 -34.16 -17.63
C HIS A 187 16.94 -34.42 -16.18
N ARG A 188 16.14 -35.27 -15.55
CA ARG A 188 16.31 -35.54 -14.12
C ARG A 188 17.73 -35.97 -13.80
N ASP A 189 18.26 -36.91 -14.58
CA ASP A 189 19.58 -37.44 -14.29
C ASP A 189 20.66 -36.40 -14.51
N GLY A 190 20.53 -35.59 -15.56
CA GLY A 190 21.52 -34.56 -15.85
C GLY A 190 21.56 -33.49 -14.76
N LEU A 191 20.39 -33.03 -14.34
CA LEU A 191 20.28 -32.06 -13.25
C LEU A 191 20.83 -32.64 -11.96
N ALA A 192 20.42 -33.87 -11.63
CA ALA A 192 20.92 -34.52 -10.42
C ALA A 192 22.46 -34.60 -10.41
N ASP A 193 23.05 -34.85 -11.57
CA ASP A 193 24.51 -34.95 -11.60
C ASP A 193 25.20 -33.61 -11.41
N ILE A 194 24.65 -32.56 -12.01
CA ILE A 194 25.17 -31.22 -11.78
C ILE A 194 25.05 -30.86 -10.29
N TYR A 195 23.88 -31.12 -9.72
CA TYR A 195 23.70 -30.88 -8.30
C TYR A 195 24.75 -31.67 -7.52
N ASP A 196 24.97 -32.92 -7.92
CA ASP A 196 25.90 -33.75 -7.14
C ASP A 196 27.31 -33.17 -7.17
N ARG A 197 27.70 -32.63 -8.32
CA ARG A 197 29.05 -32.07 -8.45
C ARG A 197 29.18 -30.79 -7.62
N TRP A 198 28.15 -29.93 -7.68
CA TRP A 198 28.12 -28.78 -6.80
C TRP A 198 28.18 -29.19 -5.33
N ARG A 199 27.37 -30.18 -4.96
CA ARG A 199 27.33 -30.68 -3.59
C ARG A 199 28.71 -31.06 -3.05
N ARG A 200 29.47 -31.79 -3.85
CA ARG A 200 30.78 -32.27 -3.43
C ARG A 200 31.78 -31.14 -3.21
N ARG A 201 31.55 -29.98 -3.84
CA ARG A 201 32.48 -28.87 -3.76
C ARG A 201 32.06 -27.81 -2.75
N THR A 202 30.83 -27.88 -2.24
CA THR A 202 30.25 -26.77 -1.50
C THR A 202 29.78 -27.17 -0.09
N PRO A 203 30.38 -26.57 0.94
CA PRO A 203 29.92 -26.83 2.31
C PRO A 203 28.45 -26.42 2.42
N GLY A 204 27.65 -27.25 3.08
CA GLY A 204 26.22 -27.03 3.13
C GLY A 204 25.51 -27.93 2.14
N GLY A 205 26.25 -28.45 1.17
CA GLY A 205 25.67 -29.39 0.22
C GLY A 205 25.08 -30.59 0.94
N LEU A 206 23.94 -31.07 0.45
CA LEU A 206 23.29 -32.23 1.04
C LEU A 206 23.02 -33.21 -0.07
N VAL A 207 23.25 -34.49 0.19
CA VAL A 207 22.81 -35.50 -0.77
C VAL A 207 21.31 -35.38 -0.91
N ARG A 208 20.84 -35.44 -2.15
CA ARG A 208 19.43 -35.28 -2.45
C ARG A 208 18.98 -36.57 -3.14
N PRO A 209 18.21 -37.41 -2.44
CA PRO A 209 17.73 -38.70 -2.94
C PRO A 209 16.76 -38.57 -4.11
N ASP A 210 16.56 -39.66 -4.86
CA ASP A 210 15.70 -39.64 -6.04
C ASP A 210 14.31 -39.12 -5.72
N ALA A 211 13.80 -39.50 -4.56
CA ALA A 211 12.44 -39.18 -4.18
C ALA A 211 12.21 -37.67 -4.14
N LEU A 212 13.22 -36.94 -3.70
CA LEU A 212 13.16 -35.48 -3.65
C LEU A 212 13.25 -34.88 -5.05
N TRP A 213 14.16 -35.41 -5.86
CA TRP A 213 14.25 -34.97 -7.26
C TRP A 213 12.91 -35.17 -7.97
N ASP A 214 12.34 -36.36 -7.84
CA ASP A 214 11.05 -36.66 -8.46
C ASP A 214 9.97 -35.67 -8.02
N ASP A 215 9.93 -35.37 -6.72
CA ASP A 215 8.90 -34.51 -6.19
C ASP A 215 9.11 -33.06 -6.68
N LEU A 216 10.35 -32.58 -6.62
CA LEU A 216 10.66 -31.27 -7.18
C LEU A 216 10.15 -31.14 -8.62
N LEU A 217 10.59 -32.06 -9.47
CA LEU A 217 10.25 -32.06 -10.88
C LEU A 217 8.77 -32.37 -11.21
N ALA A 218 8.06 -33.04 -10.30
CA ALA A 218 6.63 -33.23 -10.46
C ALA A 218 5.93 -31.87 -10.50
N ASP A 219 6.53 -30.88 -9.83
CA ASP A 219 6.09 -29.50 -9.88
C ASP A 219 4.59 -29.37 -9.59
N ARG A 220 4.16 -29.91 -8.45
CA ARG A 220 2.75 -29.94 -8.10
C ARG A 220 2.22 -28.55 -7.78
N PRO A 221 1.06 -28.19 -8.38
CA PRO A 221 0.48 -26.86 -8.22
C PRO A 221 0.39 -26.37 -6.77
N GLU A 222 0.09 -27.21 -5.79
CA GLU A 222 0.15 -26.73 -4.40
C GLU A 222 1.51 -26.33 -3.86
N SER A 223 2.55 -27.04 -4.23
CA SER A 223 3.88 -26.71 -3.74
C SER A 223 4.50 -25.68 -4.67
N ARG A 224 3.61 -24.93 -5.30
CA ARG A 224 3.94 -24.04 -6.37
C ARG A 224 3.82 -22.59 -6.00
N ARG A 225 4.28 -22.26 -4.81
CA ARG A 225 4.26 -20.90 -4.37
C ARG A 225 5.15 -20.02 -5.22
N GLY A 226 4.64 -18.87 -5.55
CA GLY A 226 5.45 -17.84 -6.19
C GLY A 226 5.61 -17.96 -7.70
N GLY A 227 4.59 -18.47 -8.40
CA GLY A 227 4.60 -18.49 -9.86
C GLY A 227 3.83 -19.60 -10.54
N GLY A 228 4.07 -19.73 -11.85
CA GLY A 228 3.46 -20.79 -12.65
C GLY A 228 4.37 -22.00 -12.74
N GLU A 229 4.18 -22.80 -13.77
CA GLU A 229 5.00 -23.99 -14.01
C GLU A 229 6.49 -23.66 -14.07
N LEU A 230 7.32 -24.57 -13.58
CA LEU A 230 8.77 -24.41 -13.64
C LEU A 230 9.27 -24.11 -15.05
N PHE A 231 10.31 -23.26 -15.14
CA PHE A 231 11.15 -23.16 -16.32
C PHE A 231 12.51 -23.66 -15.89
N ALA A 232 13.34 -24.10 -16.84
CA ALA A 232 14.72 -24.44 -16.49
C ALA A 232 15.70 -23.95 -17.54
N PHE A 233 16.80 -23.37 -17.08
CA PHE A 233 17.94 -23.12 -17.95
C PHE A 233 18.96 -24.19 -17.60
N GLY A 234 19.52 -24.82 -18.62
CA GLY A 234 20.53 -25.85 -18.43
C GLY A 234 21.85 -25.52 -19.06
N HIS A 235 22.92 -25.81 -18.34
CA HIS A 235 24.28 -25.63 -18.82
C HIS A 235 24.98 -26.93 -18.45
N GLN A 236 26.06 -27.24 -19.17
CA GLN A 236 26.86 -28.42 -18.89
C GLN A 236 27.21 -28.48 -17.40
N ASP A 237 27.52 -27.32 -16.84
CA ASP A 237 28.02 -27.23 -15.48
C ASP A 237 27.12 -26.45 -14.53
N GLY A 238 25.82 -26.37 -14.84
CA GLY A 238 24.91 -25.69 -13.94
C GLY A 238 23.49 -25.62 -14.47
N TYR A 239 22.55 -25.26 -13.59
CA TYR A 239 21.18 -25.08 -14.01
C TYR A 239 20.50 -24.05 -13.13
N ALA A 240 19.43 -23.48 -13.64
CA ALA A 240 18.61 -22.60 -12.84
C ALA A 240 17.17 -23.01 -13.05
N LEU A 241 16.43 -23.21 -11.96
CA LEU A 241 15.01 -23.51 -12.04
C LEU A 241 14.29 -22.27 -11.55
N TYR A 242 13.25 -21.84 -12.26
CA TYR A 242 12.56 -20.63 -11.86
C TYR A 242 11.10 -20.62 -12.30
N ARG A 243 10.32 -19.72 -11.72
CA ARG A 243 8.92 -19.53 -12.09
C ARG A 243 8.68 -18.07 -12.36
N VAL A 244 7.63 -17.80 -13.12
CA VAL A 244 7.24 -16.44 -13.43
C VAL A 244 5.85 -16.24 -12.87
N ASP A 245 5.63 -15.09 -12.25
CA ASP A 245 4.26 -14.74 -11.85
C ASP A 245 3.88 -13.32 -12.26
N ARG A 246 2.58 -13.04 -12.15
CA ARG A 246 2.01 -11.80 -12.62
C ARG A 246 1.63 -10.93 -11.43
N GLY A 247 1.74 -9.61 -11.62
CA GLY A 247 1.18 -8.69 -10.65
C GLY A 247 -0.29 -8.49 -10.97
N PRO A 248 -1.05 -7.93 -10.03
CA PRO A 248 -2.46 -7.65 -10.33
C PRO A 248 -2.53 -6.75 -11.57
N ASP A 249 -1.65 -5.75 -11.59
CA ASP A 249 -1.49 -4.85 -12.73
C ASP A 249 -1.26 -5.60 -14.04
N GLY A 250 -0.34 -6.56 -14.02
CA GLY A 250 -0.01 -7.31 -15.22
C GLY A 250 1.48 -7.37 -15.49
N ARG A 251 2.26 -6.86 -14.55
CA ARG A 251 3.72 -6.89 -14.66
C ARG A 251 4.25 -8.25 -14.23
N ARG A 252 5.28 -8.73 -14.91
CA ARG A 252 5.84 -10.05 -14.62
C ARG A 252 7.17 -9.99 -13.88
N SER A 253 7.34 -10.91 -12.94
CA SER A 253 8.62 -11.08 -12.25
C SER A 253 9.02 -12.55 -12.26
N ALA A 254 10.31 -12.82 -12.19
CA ALA A 254 10.82 -14.19 -12.16
C ALA A 254 11.40 -14.51 -10.77
N HIS A 255 11.07 -15.69 -10.25
CA HIS A 255 11.63 -16.09 -8.97
C HIS A 255 12.42 -17.37 -9.17
N VAL A 256 13.71 -17.31 -8.90
CA VAL A 256 14.56 -18.47 -9.07
C VAL A 256 14.32 -19.38 -7.88
N VAL A 257 13.89 -20.59 -8.17
CA VAL A 257 13.67 -21.60 -7.15
C VAL A 257 15.02 -22.10 -6.66
N GLU A 258 15.91 -22.33 -7.62
CA GLU A 258 17.15 -23.01 -7.35
C GLU A 258 18.12 -22.67 -8.47
N LEU A 259 19.32 -22.21 -8.13
CA LEU A 259 20.37 -22.04 -9.12
C LEU A 259 21.63 -22.72 -8.61
N THR A 260 22.09 -23.70 -9.36
CA THR A 260 23.16 -24.56 -8.89
C THR A 260 24.24 -24.58 -9.93
N ALA A 261 25.38 -23.99 -9.59
CA ALA A 261 26.47 -23.83 -10.54
C ALA A 261 27.74 -24.44 -9.98
N VAL A 262 28.27 -25.39 -10.75
CA VAL A 262 29.53 -26.05 -10.42
C VAL A 262 30.71 -25.12 -10.64
N THR A 263 30.66 -24.34 -11.72
CA THR A 263 31.76 -23.45 -12.08
C THR A 263 31.31 -22.00 -12.14
N ALA A 264 32.26 -21.08 -12.07
CA ALA A 264 31.96 -19.65 -12.22
C ALA A 264 31.39 -19.34 -13.61
N ASP A 265 31.87 -20.04 -14.62
CA ASP A 265 31.37 -19.84 -15.99
C ASP A 265 29.88 -20.12 -16.05
N ALA A 266 29.46 -21.25 -15.48
CA ALA A 266 28.05 -21.62 -15.54
C ALA A 266 27.21 -20.61 -14.76
N HIS A 267 27.69 -20.21 -13.59
CA HIS A 267 26.94 -19.26 -12.76
C HIS A 267 26.70 -17.98 -13.55
N ALA A 268 27.77 -17.46 -14.17
CA ALA A 268 27.64 -16.25 -14.98
C ALA A 268 26.69 -16.43 -16.16
N ALA A 269 26.87 -17.51 -16.91
CA ALA A 269 26.01 -17.75 -18.07
C ALA A 269 24.53 -17.86 -17.71
N LEU A 270 24.25 -18.43 -16.54
CA LEU A 270 22.88 -18.64 -16.14
C LEU A 270 22.23 -17.29 -15.78
N TRP A 271 23.01 -16.45 -15.10
CA TRP A 271 22.53 -15.13 -14.72
C TRP A 271 22.31 -14.28 -15.95
N ARG A 272 23.20 -14.39 -16.93
CA ARG A 272 23.00 -13.70 -18.20
C ARG A 272 21.70 -14.13 -18.86
N ALA A 273 21.39 -15.42 -18.82
CA ALA A 273 20.11 -15.90 -19.36
C ALA A 273 18.92 -15.35 -18.58
N LEU A 274 18.98 -15.45 -17.26
CA LEU A 274 17.86 -14.96 -16.44
C LEU A 274 17.66 -13.47 -16.63
N LEU A 275 18.75 -12.71 -16.67
CA LEU A 275 18.61 -11.26 -16.80
C LEU A 275 18.30 -10.84 -18.22
N GLY A 276 18.25 -11.81 -19.15
CA GLY A 276 17.79 -11.54 -20.50
C GLY A 276 16.30 -11.79 -20.74
N LEU A 277 15.56 -12.05 -19.66
CA LEU A 277 14.12 -12.27 -19.79
C LEU A 277 13.41 -10.93 -20.02
N ASP A 278 13.16 -10.64 -21.29
CA ASP A 278 12.68 -9.35 -21.74
C ASP A 278 11.42 -8.77 -21.09
N LEU A 279 10.42 -9.59 -20.83
CA LEU A 279 9.16 -9.06 -20.32
C LEU A 279 9.05 -9.13 -18.80
N ILE A 280 10.16 -9.51 -18.17
CA ILE A 280 10.22 -9.66 -16.71
C ILE A 280 10.88 -8.40 -16.13
N ASP A 281 10.27 -7.84 -15.09
CA ASP A 281 10.79 -6.62 -14.48
C ASP A 281 11.93 -6.93 -13.50
N ARG A 282 11.70 -7.93 -12.64
CA ARG A 282 12.67 -8.28 -11.61
C ARG A 282 12.88 -9.77 -11.49
N VAL A 283 14.12 -10.15 -11.21
CA VAL A 283 14.46 -11.54 -10.96
C VAL A 283 14.93 -11.67 -9.53
N SER A 284 14.32 -12.57 -8.77
CA SER A 284 14.68 -12.70 -7.35
C SER A 284 15.19 -14.10 -7.04
N ILE A 285 15.92 -14.21 -5.94
CA ILE A 285 16.48 -15.49 -5.52
C ILE A 285 16.77 -15.46 -4.02
N GLY A 286 16.58 -16.61 -3.38
CA GLY A 286 17.05 -16.81 -2.01
C GLY A 286 18.44 -17.39 -2.10
N THR A 287 19.47 -16.57 -1.87
CA THR A 287 20.84 -17.03 -2.09
C THR A 287 21.71 -16.83 -0.83
N HIS A 288 23.00 -17.08 -0.95
CA HIS A 288 23.92 -16.92 0.18
C HIS A 288 24.63 -15.56 0.14
N PRO A 289 25.17 -15.11 1.29
CA PRO A 289 25.76 -13.77 1.39
C PRO A 289 26.87 -13.47 0.38
N HIS A 290 27.57 -14.50 -0.07
CA HIS A 290 28.76 -14.30 -0.91
C HIS A 290 28.53 -14.67 -2.37
N ASP A 291 27.27 -14.73 -2.77
CA ASP A 291 26.92 -14.98 -4.17
C ASP A 291 27.73 -14.02 -5.06
N PRO A 292 28.37 -14.56 -6.11
CA PRO A 292 29.16 -13.67 -6.96
C PRO A 292 28.32 -12.72 -7.79
N LEU A 293 27.02 -12.90 -7.84
CA LEU A 293 26.17 -12.08 -8.71
C LEU A 293 26.54 -10.58 -8.78
N PRO A 294 26.55 -9.87 -7.64
CA PRO A 294 26.79 -8.43 -7.76
C PRO A 294 28.15 -8.11 -8.37
N TYR A 295 29.13 -8.98 -8.18
CA TYR A 295 30.46 -8.76 -8.74
C TYR A 295 30.46 -8.89 -10.26
N LEU A 296 29.43 -9.52 -10.79
CA LEU A 296 29.31 -9.69 -12.24
C LEU A 296 28.77 -8.45 -12.96
N LEU A 297 28.23 -7.50 -12.18
CA LEU A 297 27.51 -6.35 -12.75
C LEU A 297 28.33 -5.06 -12.76
N THR A 298 28.01 -4.14 -13.66
CA THR A 298 28.62 -2.81 -13.63
C THR A 298 28.21 -2.04 -12.38
N ASP A 299 26.96 -2.24 -11.94
CA ASP A 299 26.47 -1.58 -10.74
C ASP A 299 26.03 -2.65 -9.74
N PRO A 300 26.88 -2.95 -8.75
CA PRO A 300 26.56 -4.04 -7.82
C PRO A 300 25.30 -3.76 -7.01
N ARG A 301 24.92 -2.49 -6.88
CA ARG A 301 23.72 -2.15 -6.15
C ARG A 301 22.47 -2.73 -6.81
N GLN A 302 22.55 -3.10 -8.09
CA GLN A 302 21.34 -3.61 -8.74
C GLN A 302 20.96 -5.01 -8.21
N ALA A 303 21.91 -5.65 -7.52
CA ALA A 303 21.62 -6.92 -6.86
C ALA A 303 21.21 -6.58 -5.45
N GLN A 304 19.92 -6.35 -5.25
CA GLN A 304 19.49 -5.73 -4.02
C GLN A 304 19.08 -6.75 -2.96
N VAL A 305 19.76 -6.71 -1.83
CA VAL A 305 19.37 -7.55 -0.69
C VAL A 305 18.17 -6.91 0.00
N THR A 306 17.10 -7.69 0.19
CA THR A 306 15.87 -7.19 0.83
C THR A 306 15.57 -7.91 2.13
N ALA A 307 16.33 -8.98 2.41
CA ALA A 307 16.14 -9.75 3.63
C ALA A 307 17.33 -10.67 3.85
N SER A 308 17.63 -10.97 5.10
CA SER A 308 18.72 -11.90 5.44
C SER A 308 18.29 -12.66 6.69
N ALA A 309 18.44 -13.99 6.68
CA ALA A 309 18.04 -14.77 7.83
C ALA A 309 18.79 -16.10 7.91
N ASP A 310 18.72 -16.73 9.06
CA ASP A 310 19.27 -18.04 9.30
C ASP A 310 18.65 -19.02 8.33
N ASP A 311 19.46 -19.95 7.85
CA ASP A 311 19.02 -21.06 7.02
C ASP A 311 19.36 -22.42 7.67
N LEU A 312 20.55 -22.96 7.46
CA LEU A 312 20.96 -24.18 8.12
C LEU A 312 21.45 -23.93 9.53
N TRP A 313 20.94 -24.68 10.50
CA TRP A 313 21.46 -24.72 11.86
C TRP A 313 22.15 -26.06 12.07
N ILE A 314 23.18 -26.06 12.91
CA ILE A 314 23.99 -27.24 13.15
C ILE A 314 24.21 -27.42 14.64
N ARG A 315 23.98 -28.63 15.13
CA ARG A 315 24.46 -28.98 16.46
C ARG A 315 25.55 -30.02 16.31
N ILE A 316 26.72 -29.70 16.84
CA ILE A 316 27.80 -30.66 16.89
C ILE A 316 27.55 -31.66 18.02
N MET A 317 27.46 -32.94 17.67
CA MET A 317 27.20 -34.01 18.64
C MET A 317 28.52 -34.60 19.18
N ASN A 318 29.52 -34.60 18.32
CA ASN A 318 30.82 -35.22 18.60
C ASN A 318 31.89 -34.21 18.20
N VAL A 319 32.37 -33.44 19.16
CA VAL A 319 33.28 -32.35 18.88
C VAL A 319 34.55 -32.79 18.13
N PRO A 320 35.24 -33.83 18.62
CA PRO A 320 36.43 -34.26 17.89
C PRO A 320 36.13 -34.66 16.45
N ALA A 321 35.11 -35.49 16.22
CA ALA A 321 34.87 -35.94 14.85
C ALA A 321 34.56 -34.76 13.94
N ALA A 322 33.74 -33.83 14.41
CA ALA A 322 33.34 -32.71 13.56
C ALA A 322 34.53 -31.81 13.25
N LEU A 323 35.33 -31.52 14.26
CA LEU A 323 36.43 -30.59 14.11
C LEU A 323 37.56 -31.17 13.25
N GLU A 324 37.78 -32.49 13.33
CA GLU A 324 38.81 -33.13 12.51
C GLU A 324 38.36 -33.32 11.07
N ALA A 325 37.04 -33.40 10.85
CA ALA A 325 36.53 -33.67 9.50
C ALA A 325 36.72 -32.50 8.54
N ARG A 326 36.61 -31.28 9.06
CA ARG A 326 36.70 -30.10 8.20
C ARG A 326 38.12 -29.58 8.10
N ARG A 327 38.42 -28.86 7.02
CA ARG A 327 39.69 -28.18 6.83
C ARG A 327 39.60 -26.72 7.32
N TYR A 328 40.75 -26.10 7.55
CA TYR A 328 40.81 -24.77 8.15
C TYR A 328 41.70 -23.85 7.33
N GLN A 329 41.48 -22.54 7.48
CA GLN A 329 42.17 -21.55 6.65
C GLN A 329 43.41 -20.98 7.32
N ALA A 330 43.64 -21.39 8.56
CA ALA A 330 44.82 -20.93 9.26
C ALA A 330 45.12 -21.92 10.34
N ASP A 331 46.33 -21.88 10.87
CA ASP A 331 46.79 -22.80 11.89
C ASP A 331 46.66 -22.28 13.31
N LEU A 332 46.53 -23.18 14.25
CA LEU A 332 46.15 -22.88 15.60
C LEU A 332 46.62 -23.97 16.54
N ASP A 333 46.89 -23.64 17.77
CA ASP A 333 47.10 -24.63 18.80
C ASP A 333 46.54 -24.10 20.09
N VAL A 334 45.34 -24.52 20.45
CA VAL A 334 44.67 -24.01 21.63
C VAL A 334 43.97 -25.10 22.42
N VAL A 335 43.57 -24.76 23.64
CA VAL A 335 42.63 -25.58 24.40
C VAL A 335 41.28 -24.88 24.47
N LEU A 336 40.25 -25.63 24.11
CA LEU A 336 38.91 -25.11 23.91
C LEU A 336 38.00 -25.72 24.94
N ASP A 337 37.31 -24.88 25.73
CA ASP A 337 36.32 -25.37 26.67
C ASP A 337 34.93 -25.15 26.07
N VAL A 338 34.29 -26.25 25.70
CA VAL A 338 33.01 -26.17 25.01
C VAL A 338 31.86 -26.38 25.98
N ALA A 339 31.04 -25.36 26.14
CA ALA A 339 29.91 -25.42 27.06
C ALA A 339 28.65 -25.95 26.39
N ASP A 340 28.15 -27.06 26.92
CA ASP A 340 26.91 -27.69 26.46
C ASP A 340 25.90 -27.68 27.60
N GLY A 341 24.90 -26.81 27.52
CA GLY A 341 23.89 -26.73 28.55
C GLY A 341 22.70 -27.66 28.36
N PHE A 342 22.74 -28.48 27.33
CA PHE A 342 21.68 -29.41 27.03
C PHE A 342 22.08 -30.86 27.22
N ARG A 343 23.21 -31.24 26.67
CA ARG A 343 23.77 -32.54 26.92
C ARG A 343 25.17 -32.44 27.51
N SER A 344 25.90 -33.53 27.43
CA SER A 344 27.27 -33.60 27.86
C SER A 344 28.27 -33.73 26.71
N ASP A 345 28.06 -33.00 25.63
CA ASP A 345 28.88 -33.16 24.42
C ASP A 345 30.03 -32.14 24.36
N GLY A 346 30.12 -31.30 25.38
CA GLY A 346 31.20 -30.34 25.48
C GLY A 346 32.35 -30.86 26.32
N GLY A 347 33.08 -29.94 26.92
CA GLY A 347 34.25 -30.28 27.72
C GLY A 347 35.46 -29.59 27.16
N ARG A 348 36.64 -29.96 27.64
CA ARG A 348 37.88 -29.32 27.20
C ARG A 348 38.56 -30.18 26.13
N PHE A 349 38.99 -29.53 25.05
CA PHE A 349 39.59 -30.21 23.91
C PHE A 349 40.86 -29.49 23.49
N ALA A 350 41.94 -30.25 23.29
CA ALA A 350 43.13 -29.70 22.64
C ALA A 350 42.84 -29.68 21.14
N LEU A 351 42.82 -28.48 20.56
CA LEU A 351 42.61 -28.34 19.13
C LEU A 351 43.91 -27.86 18.48
N GLN A 352 44.51 -28.72 17.68
CA GLN A 352 45.77 -28.39 17.04
C GLN A 352 45.59 -28.45 15.54
N ILE A 353 45.70 -27.29 14.89
CA ILE A 353 45.47 -27.21 13.47
C ILE A 353 46.78 -26.88 12.82
N SER A 354 47.17 -27.73 11.89
CA SER A 354 48.48 -27.70 11.29
C SER A 354 48.35 -28.08 9.83
N GLY A 355 48.79 -27.20 8.95
CA GLY A 355 48.58 -27.37 7.52
C GLY A 355 47.08 -27.40 7.19
N GLY A 356 46.29 -26.65 7.94
CA GLY A 356 44.85 -26.58 7.72
C GLY A 356 44.07 -27.83 8.09
N ARG A 357 44.70 -28.74 8.84
CA ARG A 357 44.05 -29.97 9.27
C ARG A 357 44.13 -30.04 10.78
N ALA A 358 43.10 -30.61 11.42
CA ALA A 358 43.01 -30.59 12.87
C ALA A 358 43.13 -31.96 13.53
N ARG A 359 43.83 -31.96 14.67
CA ARG A 359 43.74 -33.04 15.63
C ARG A 359 42.99 -32.46 16.82
N CYS A 360 41.99 -33.17 17.30
CA CYS A 360 41.20 -32.66 18.39
C CYS A 360 41.06 -33.75 19.44
N THR A 361 41.61 -33.50 20.63
CA THR A 361 41.73 -34.52 21.67
C THR A 361 41.15 -34.04 22.98
N THR A 362 40.29 -34.84 23.59
CA THR A 362 39.83 -34.52 24.93
C THR A 362 41.02 -34.31 25.85
N THR A 363 40.96 -33.31 26.72
CA THR A 363 42.09 -33.03 27.61
C THR A 363 41.69 -32.43 28.96
N ASP A 364 42.59 -32.47 29.93
CA ASP A 364 42.36 -31.84 31.23
C ASP A 364 43.07 -30.49 31.36
N ALA A 365 43.89 -30.14 30.38
CA ALA A 365 44.64 -28.89 30.43
C ALA A 365 43.71 -27.68 30.50
N PRO A 366 44.17 -26.59 31.12
CA PRO A 366 43.33 -25.38 31.17
C PRO A 366 43.01 -24.86 29.77
N ALA A 367 41.87 -24.17 29.64
CA ALA A 367 41.40 -23.67 28.35
C ALA A 367 41.94 -22.29 28.03
N ASP A 368 42.16 -22.03 26.74
CA ASP A 368 42.55 -20.72 26.22
C ASP A 368 41.31 -19.95 25.76
N ILE A 369 40.31 -20.71 25.32
CA ILE A 369 39.09 -20.16 24.75
C ILE A 369 37.92 -20.94 25.29
N GLU A 370 36.90 -20.22 25.73
CA GLU A 370 35.64 -20.83 26.13
C GLU A 370 34.61 -20.48 25.07
N ILE A 371 33.81 -21.46 24.68
CA ILE A 371 32.86 -21.26 23.60
C ILE A 371 31.59 -22.08 23.85
N ASP A 372 30.43 -21.45 23.71
CA ASP A 372 29.17 -22.18 23.83
C ASP A 372 29.08 -23.11 22.65
N LEU A 373 28.52 -24.28 22.89
CA LEU A 373 28.41 -25.28 21.84
C LEU A 373 27.68 -24.75 20.60
N ASP A 374 26.60 -24.00 20.78
CA ASP A 374 25.88 -23.51 19.61
C ASP A 374 26.77 -22.59 18.74
N VAL A 375 27.60 -21.78 19.38
CA VAL A 375 28.54 -20.92 18.67
C VAL A 375 29.51 -21.75 17.82
N LEU A 376 30.03 -22.83 18.37
CA LEU A 376 30.94 -23.69 17.62
C LEU A 376 30.23 -24.25 16.38
N GLY A 377 28.99 -24.70 16.52
CA GLY A 377 28.21 -25.14 15.38
C GLY A 377 27.96 -24.02 14.36
N GLY A 378 27.67 -22.82 14.85
CA GLY A 378 27.46 -21.69 13.95
C GLY A 378 28.68 -21.30 13.15
N LEU A 379 29.87 -21.46 13.74
CA LEU A 379 31.11 -21.14 13.05
C LEU A 379 31.54 -22.24 12.08
N TYR A 380 30.89 -23.38 12.18
CA TYR A 380 31.40 -24.60 11.59
C TYR A 380 31.52 -24.61 10.05
N LEU A 381 30.67 -23.84 9.36
CA LEU A 381 30.71 -23.75 7.90
C LEU A 381 31.30 -22.43 7.39
N GLY A 382 31.89 -21.64 8.28
CA GLY A 382 32.60 -20.44 7.89
C GLY A 382 31.78 -19.17 7.72
N ALA A 383 30.55 -19.17 8.23
CA ALA A 383 29.58 -18.11 7.91
C ALA A 383 29.62 -16.84 8.79
N HIS A 384 30.40 -16.84 9.87
CA HIS A 384 30.42 -15.69 10.76
C HIS A 384 31.82 -15.30 11.13
N ARG A 385 31.99 -14.05 11.56
CA ARG A 385 33.17 -13.64 12.28
C ARG A 385 32.95 -13.96 13.76
N VAL A 386 34.02 -13.82 14.52
CA VAL A 386 34.02 -14.07 15.96
C VAL A 386 33.50 -12.89 16.79
N ASP A 387 33.53 -11.69 16.21
CA ASP A 387 33.32 -10.47 17.00
C ASP A 387 31.96 -10.43 17.68
N GLY A 388 30.92 -10.85 16.96
CA GLY A 388 29.56 -10.80 17.46
C GLY A 388 29.39 -11.70 18.66
N PHE A 389 29.75 -12.97 18.49
CA PHE A 389 29.65 -13.94 19.57
C PHE A 389 30.47 -13.51 20.78
N ALA A 390 31.62 -12.90 20.52
CA ALA A 390 32.53 -12.52 21.58
C ALA A 390 31.92 -11.38 22.39
N ALA A 391 31.44 -10.36 21.69
CA ALA A 391 30.78 -9.24 22.32
C ALA A 391 29.60 -9.71 23.18
N ALA A 392 28.89 -10.73 22.71
CA ALA A 392 27.74 -11.25 23.41
C ALA A 392 28.13 -12.17 24.55
N ASN A 393 29.44 -12.32 24.76
CA ASN A 393 29.94 -13.19 25.83
C ASN A 393 29.60 -14.67 25.61
N ARG A 394 29.42 -15.07 24.38
CA ARG A 394 29.10 -16.43 24.03
C ARG A 394 30.34 -17.21 23.59
N LEU A 395 31.43 -16.49 23.47
CA LEU A 395 32.75 -16.99 23.08
C LEU A 395 33.69 -16.09 23.89
N ARG A 396 34.65 -16.70 24.58
CA ARG A 396 35.38 -16.01 25.66
C ARG A 396 36.87 -16.32 25.65
N SER A 397 37.72 -15.29 25.67
CA SER A 397 39.16 -15.49 25.83
C SER A 397 39.87 -14.27 26.41
N LYS A 398 40.84 -14.51 27.28
CA LYS A 398 41.67 -13.44 27.83
C LYS A 398 42.67 -12.92 26.80
N ASP A 399 42.81 -13.65 25.69
CA ASP A 399 43.71 -13.27 24.62
C ASP A 399 42.89 -12.93 23.38
N SER A 400 42.74 -11.65 23.08
CA SER A 400 41.87 -11.25 21.96
C SER A 400 42.51 -11.54 20.61
N GLU A 401 43.84 -11.58 20.61
CA GLU A 401 44.61 -11.99 19.44
C GLU A 401 44.23 -13.41 19.07
N LEU A 402 44.07 -14.24 20.10
CA LEU A 402 43.78 -15.65 19.90
C LEU A 402 42.42 -15.85 19.24
N LEU A 403 41.41 -15.08 19.68
CA LEU A 403 40.07 -15.20 19.13
C LEU A 403 40.05 -14.86 17.65
N GLN A 404 40.85 -13.89 17.25
CA GLN A 404 40.88 -13.52 15.85
C GLN A 404 41.50 -14.65 15.03
N GLN A 405 42.53 -15.29 15.58
CA GLN A 405 43.16 -16.45 14.93
C GLN A 405 42.14 -17.57 14.79
N PHE A 406 41.40 -17.80 15.88
CA PHE A 406 40.38 -18.85 15.91
C PHE A 406 39.35 -18.59 14.81
N GLY A 407 38.84 -17.36 14.73
CA GLY A 407 37.92 -17.00 13.68
C GLY A 407 38.53 -17.18 12.30
N ALA A 408 39.80 -16.81 12.13
CA ALA A 408 40.42 -16.92 10.82
C ALA A 408 40.55 -18.38 10.38
N ALA A 409 40.87 -19.26 11.33
CA ALA A 409 40.98 -20.69 11.04
C ALA A 409 39.63 -21.25 10.59
N PHE A 410 38.54 -20.83 11.24
CA PHE A 410 37.23 -21.40 10.95
C PHE A 410 36.57 -20.83 9.70
N ALA A 411 37.20 -19.85 9.09
CA ALA A 411 36.70 -19.34 7.80
C ALA A 411 36.74 -20.47 6.78
N GLY A 412 35.99 -20.32 5.70
CA GLY A 412 36.00 -21.31 4.65
C GLY A 412 36.55 -20.76 3.35
N ASP A 413 37.10 -21.63 2.50
CA ASP A 413 37.60 -21.19 1.20
C ASP A 413 36.49 -21.19 0.14
N MET A 414 35.38 -21.86 0.44
CA MET A 414 34.20 -21.83 -0.41
C MET A 414 32.98 -21.39 0.41
N PRO A 415 32.23 -20.39 -0.07
CA PRO A 415 31.06 -19.89 0.65
C PRO A 415 30.03 -21.00 0.86
N ALA A 416 29.54 -21.13 2.08
CA ALA A 416 28.61 -22.20 2.43
C ALA A 416 27.17 -21.88 2.00
N GLU A 417 26.47 -22.91 1.55
CA GLU A 417 25.07 -22.77 1.18
C GLU A 417 24.34 -24.10 1.35
N LEU A 418 23.20 -24.08 2.03
CA LEU A 418 22.42 -25.30 2.24
C LEU A 418 21.89 -25.82 0.90
N GLY A 419 22.14 -27.08 0.60
CA GLY A 419 21.72 -27.64 -0.68
C GLY A 419 20.25 -27.46 -0.95
N TYR A 420 19.43 -27.76 0.04
CA TYR A 420 17.99 -27.61 -0.12
C TYR A 420 17.32 -27.57 1.25
N GLY A 421 16.13 -26.99 1.29
CA GLY A 421 15.41 -26.86 2.55
C GLY A 421 14.78 -28.17 2.99
N PHE A 422 14.74 -28.38 4.30
CA PHE A 422 14.11 -29.57 4.86
C PHE A 422 13.63 -29.24 6.26
N MET B 21 34.21 21.54 -26.88
CA MET B 21 35.36 20.92 -26.22
C MET B 21 35.29 21.11 -24.70
N ILE B 22 36.00 20.26 -23.98
CA ILE B 22 35.99 20.29 -22.52
C ILE B 22 37.35 20.67 -21.94
N THR B 23 37.40 21.83 -21.29
CA THR B 23 38.63 22.27 -20.65
C THR B 23 38.38 22.63 -19.18
N PRO B 24 38.70 21.69 -18.27
CA PRO B 24 38.55 21.90 -16.82
C PRO B 24 39.51 22.98 -16.34
N ARG B 25 39.12 23.70 -15.29
CA ARG B 25 39.96 24.69 -14.66
C ARG B 25 40.10 24.31 -13.19
N THR B 26 41.33 24.34 -12.69
CA THR B 26 41.55 24.06 -11.28
C THR B 26 41.55 25.38 -10.53
N LEU B 27 40.60 25.54 -9.61
CA LEU B 27 40.46 26.77 -8.85
C LEU B 27 41.43 26.78 -7.68
N HIS B 28 42.33 27.77 -7.65
CA HIS B 28 43.33 27.82 -6.58
C HIS B 28 42.69 27.76 -5.20
N THR B 29 41.72 28.64 -4.98
CA THR B 29 40.80 28.55 -3.83
C THR B 29 39.40 28.90 -4.31
N ILE B 30 38.40 28.62 -3.49
CA ILE B 30 37.02 28.81 -3.89
C ILE B 30 36.52 30.17 -3.40
N THR B 31 36.18 31.07 -4.31
CA THR B 31 35.65 32.37 -3.88
C THR B 31 34.18 32.20 -3.52
N ASP B 32 33.58 33.21 -2.90
CA ASP B 32 32.15 33.12 -2.56
C ASP B 32 31.32 32.94 -3.83
N ASP B 33 31.63 33.69 -4.88
CA ASP B 33 30.90 33.55 -6.13
C ASP B 33 31.10 32.18 -6.76
N ASP B 34 32.26 31.56 -6.53
CA ASP B 34 32.48 30.18 -6.98
C ASP B 34 31.54 29.23 -6.23
N TRP B 35 31.48 29.39 -4.90
CA TRP B 35 30.62 28.50 -4.11
C TRP B 35 29.14 28.65 -4.51
N THR B 36 28.72 29.87 -4.81
CA THR B 36 27.36 30.09 -5.28
C THR B 36 27.08 29.25 -6.54
N ARG B 37 28.04 29.21 -7.45
CA ARG B 37 27.89 28.44 -8.68
C ARG B 37 27.96 26.94 -8.41
N ILE B 38 28.81 26.56 -7.46
CA ILE B 38 28.93 25.16 -7.06
C ILE B 38 27.64 24.66 -6.39
N ALA B 39 27.05 25.47 -5.53
CA ALA B 39 25.78 25.14 -4.89
C ALA B 39 24.62 25.01 -5.89
N LEU B 40 24.55 25.92 -6.84
CA LEU B 40 23.50 25.88 -7.86
C LEU B 40 23.59 24.64 -8.73
N LEU B 41 24.78 24.36 -9.25
CA LEU B 41 24.98 23.16 -10.06
C LEU B 41 24.66 21.91 -9.27
N ALA B 42 25.13 21.85 -8.02
CA ALA B 42 24.85 20.67 -7.19
C ALA B 42 23.36 20.49 -6.95
N ARG B 43 22.67 21.58 -6.61
CA ARG B 43 21.23 21.46 -6.33
C ARG B 43 20.47 20.95 -7.57
N PHE B 44 20.80 21.47 -8.75
CA PHE B 44 20.21 20.97 -10.00
C PHE B 44 20.56 19.51 -10.32
N ALA B 45 21.85 19.18 -10.25
CA ALA B 45 22.30 17.85 -10.64
C ALA B 45 21.78 16.77 -9.69
N PHE B 46 21.75 17.08 -8.39
CA PHE B 46 21.27 16.14 -7.38
C PHE B 46 19.76 16.21 -7.16
N GLY B 47 19.19 17.40 -7.28
CA GLY B 47 17.77 17.59 -7.07
C GLY B 47 17.44 18.22 -5.72
N ASP B 48 18.47 18.41 -4.91
CA ASP B 48 18.33 19.06 -3.62
C ASP B 48 19.73 19.33 -3.09
N ILE B 49 19.85 20.05 -1.98
CA ILE B 49 21.16 20.36 -1.42
C ILE B 49 21.05 20.60 0.08
N GLU B 50 22.11 20.24 0.81
CA GLU B 50 22.11 20.41 2.27
C GLU B 50 22.08 21.89 2.63
N PRO B 51 21.75 22.22 3.88
CA PRO B 51 21.65 23.62 4.28
C PRO B 51 22.99 24.34 4.14
N GLU B 52 22.92 25.66 4.17
CA GLU B 52 24.11 26.49 4.02
C GLU B 52 25.22 26.22 5.04
N GLN B 53 24.85 25.94 6.30
CA GLN B 53 25.88 25.68 7.32
C GLN B 53 26.63 24.39 7.03
N THR B 54 25.91 23.40 6.50
CA THR B 54 26.53 22.12 6.12
C THR B 54 27.47 22.29 4.93
N GLN B 55 27.02 23.03 3.92
CA GLN B 55 27.86 23.37 2.78
C GLN B 55 29.15 24.05 3.22
N ALA B 56 29.01 25.04 4.10
CA ALA B 56 30.15 25.82 4.60
C ALA B 56 31.12 24.91 5.36
N ALA B 57 30.56 23.95 6.10
CA ALA B 57 31.41 23.02 6.84
C ALA B 57 32.24 22.18 5.89
N TRP B 58 31.62 21.66 4.83
CA TRP B 58 32.38 20.90 3.81
C TRP B 58 33.41 21.78 3.09
N ARG B 59 32.98 22.97 2.67
CA ARG B 59 33.86 23.90 1.97
C ARG B 59 35.14 24.17 2.77
N SER B 60 35.03 24.19 4.10
CA SER B 60 36.18 24.53 4.94
C SER B 60 37.24 23.41 4.93
N MET B 61 36.90 22.28 4.35
CA MET B 61 37.81 21.12 4.32
C MET B 61 38.56 20.99 3.00
N VAL B 62 38.20 21.80 2.02
CA VAL B 62 38.85 21.79 0.73
C VAL B 62 40.17 22.54 0.81
N PRO B 63 41.28 21.85 0.49
CA PRO B 63 42.58 22.54 0.50
C PRO B 63 42.81 23.31 -0.81
N GLU B 64 43.98 23.90 -0.93
CA GLU B 64 44.28 24.69 -2.10
C GLU B 64 44.35 23.79 -3.35
N ASP B 65 43.96 24.31 -4.51
CA ASP B 65 44.13 23.62 -5.80
C ASP B 65 43.45 22.25 -5.82
N ALA B 66 42.22 22.19 -5.29
CA ALA B 66 41.55 20.91 -5.10
C ALA B 66 40.11 20.96 -5.60
N THR B 67 39.83 21.96 -6.44
CA THR B 67 38.52 22.18 -7.01
C THR B 67 38.65 22.27 -8.54
N VAL B 68 38.00 21.36 -9.24
CA VAL B 68 38.10 21.37 -10.69
C VAL B 68 36.72 21.60 -11.29
N VAL B 69 36.59 22.63 -12.14
CA VAL B 69 35.29 22.95 -12.73
C VAL B 69 35.37 23.07 -14.24
N VAL B 70 34.21 23.02 -14.87
CA VAL B 70 34.12 23.26 -16.31
C VAL B 70 33.08 24.36 -16.50
N PRO B 71 33.53 25.56 -16.92
CA PRO B 71 32.62 26.70 -17.07
C PRO B 71 31.72 26.51 -18.29
N ASP B 72 30.58 27.17 -18.32
CA ASP B 72 29.76 27.15 -19.53
C ASP B 72 30.49 27.99 -20.60
N GLU B 73 29.94 28.04 -21.81
CA GLU B 73 30.70 28.62 -22.91
C GLU B 73 30.87 30.14 -22.84
N THR B 74 30.17 30.79 -21.91
CA THR B 74 30.41 32.21 -21.67
C THR B 74 31.17 32.47 -20.35
N ASP B 75 31.75 31.45 -19.75
CA ASP B 75 32.47 31.58 -18.49
C ASP B 75 31.60 32.17 -17.41
N ASP B 76 30.36 31.77 -17.36
CA ASP B 76 29.43 32.15 -16.32
C ASP B 76 29.07 31.11 -15.25
N ALA B 77 28.33 30.10 -15.63
CA ALA B 77 27.90 29.07 -14.74
C ALA B 77 28.92 27.97 -14.91
N PHE B 78 29.00 27.07 -13.97
CA PHE B 78 29.75 25.85 -14.12
C PHE B 78 28.80 24.77 -14.66
N VAL B 79 29.24 24.00 -15.65
CA VAL B 79 28.43 22.87 -16.11
C VAL B 79 29.02 21.54 -15.62
N GLY B 80 30.22 21.60 -15.05
CA GLY B 80 30.80 20.46 -14.36
C GLY B 80 31.59 20.92 -13.16
N GLN B 81 31.56 20.15 -12.09
CA GLN B 81 32.41 20.46 -10.95
C GLN B 81 32.80 19.18 -10.23
N SER B 82 33.95 19.24 -9.56
CA SER B 82 34.39 18.17 -8.66
C SER B 82 35.40 18.82 -7.72
N LEU B 83 35.50 18.32 -6.51
CA LEU B 83 36.52 18.80 -5.59
C LEU B 83 36.89 17.68 -4.64
N TYR B 84 37.94 17.89 -3.84
CA TYR B 84 38.22 16.93 -2.77
C TYR B 84 38.44 17.60 -1.41
N LEU B 85 38.23 16.81 -0.38
CA LEU B 85 38.33 17.25 0.98
C LEU B 85 39.62 16.70 1.58
N ASP B 86 40.30 17.49 2.40
CA ASP B 86 41.54 17.01 3.00
C ASP B 86 41.15 16.18 4.22
N MET B 87 41.40 14.87 4.18
CA MET B 87 40.88 13.97 5.21
C MET B 87 41.92 13.01 5.78
N GLN B 88 41.56 12.31 6.85
CA GLN B 88 42.42 11.29 7.46
C GLN B 88 41.65 10.02 7.78
N LEU B 89 42.11 8.90 7.20
CA LEU B 89 41.41 7.62 7.27
C LEU B 89 42.19 6.55 8.06
N THR B 90 41.48 5.86 8.95
CA THR B 90 42.07 4.73 9.67
C THR B 90 42.03 3.47 8.78
N VAL B 91 43.16 2.76 8.70
CA VAL B 91 43.24 1.54 7.90
C VAL B 91 43.51 0.36 8.85
N PRO B 92 43.40 -0.88 8.35
CA PRO B 92 43.58 -2.00 9.27
C PRO B 92 44.94 -1.96 9.95
N GLY B 93 44.95 -2.15 11.27
CA GLY B 93 46.19 -2.12 12.03
C GLY B 93 46.34 -0.81 12.79
N GLY B 94 45.61 0.22 12.38
CA GLY B 94 45.55 1.45 13.13
C GLY B 94 46.25 2.63 12.50
N GLU B 95 47.00 2.40 11.43
CA GLU B 95 47.67 3.52 10.81
C GLU B 95 46.62 4.50 10.25
N VAL B 96 46.92 5.79 10.35
CA VAL B 96 46.00 6.83 9.86
C VAL B 96 46.64 7.52 8.67
N LEU B 97 45.98 7.43 7.51
CA LEU B 97 46.54 7.96 6.27
C LEU B 97 45.83 9.23 5.83
N PRO B 98 46.58 10.18 5.25
CA PRO B 98 45.90 11.32 4.64
C PRO B 98 45.24 10.81 3.37
N VAL B 99 44.00 11.20 3.13
CA VAL B 99 43.27 10.76 1.94
C VAL B 99 42.49 11.93 1.38
N ALA B 100 42.24 11.90 0.09
CA ALA B 100 41.46 12.93 -0.56
C ALA B 100 40.00 12.45 -0.70
N GLY B 101 39.09 13.13 -0.02
CA GLY B 101 37.68 12.76 -0.07
C GLY B 101 37.00 13.54 -1.19
N ILE B 102 36.69 12.85 -2.28
CA ILE B 102 36.03 13.46 -3.42
C ILE B 102 34.61 13.85 -3.02
N SER B 103 34.15 15.01 -3.45
CA SER B 103 32.83 15.47 -3.05
C SER B 103 32.28 16.50 -4.04
N PHE B 104 31.00 16.81 -3.90
CA PHE B 104 30.31 17.79 -4.75
C PHE B 104 30.47 17.56 -6.25
N VAL B 105 30.62 16.30 -6.64
CA VAL B 105 30.77 15.98 -8.05
C VAL B 105 29.45 16.09 -8.79
N ALA B 106 29.43 16.86 -9.87
CA ALA B 106 28.18 17.06 -10.61
C ALA B 106 28.44 17.52 -12.02
N VAL B 107 27.62 17.03 -12.95
CA VAL B 107 27.61 17.54 -14.31
C VAL B 107 26.18 17.94 -14.63
N ALA B 108 26.02 19.12 -15.24
CA ALA B 108 24.68 19.62 -15.53
C ALA B 108 23.90 18.60 -16.38
N PRO B 109 22.60 18.42 -16.09
CA PRO B 109 21.78 17.45 -16.82
C PRO B 109 21.76 17.74 -18.31
N THR B 110 22.06 18.99 -18.68
CA THR B 110 22.14 19.39 -20.09
C THR B 110 23.46 19.01 -20.75
N HIS B 111 24.43 18.55 -19.96
CA HIS B 111 25.80 18.35 -20.48
C HIS B 111 26.35 16.97 -20.17
N ARG B 112 25.49 16.10 -19.68
CA ARG B 112 25.88 14.76 -19.23
C ARG B 112 26.25 13.82 -20.38
N ARG B 113 27.02 12.80 -20.06
CA ARG B 113 27.38 11.76 -21.03
C ARG B 113 28.10 12.32 -22.26
N ARG B 114 28.92 13.33 -22.02
CA ARG B 114 29.77 13.92 -23.05
C ARG B 114 31.23 13.91 -22.60
N GLY B 115 31.51 13.22 -21.50
CA GLY B 115 32.87 13.09 -21.03
C GLY B 115 33.34 14.18 -20.07
N VAL B 116 32.41 14.98 -19.57
CA VAL B 116 32.76 16.05 -18.63
C VAL B 116 33.34 15.51 -17.32
N LEU B 117 32.66 14.53 -16.71
CA LEU B 117 33.19 13.88 -15.51
C LEU B 117 34.58 13.31 -15.76
N ARG B 118 34.73 12.59 -16.86
CA ARG B 118 36.04 12.00 -17.16
C ARG B 118 37.11 13.08 -17.26
N ALA B 119 36.83 14.17 -17.97
CA ALA B 119 37.81 15.25 -18.08
C ALA B 119 38.12 15.79 -16.69
N MET B 120 37.06 16.07 -15.92
CA MET B 120 37.27 16.64 -14.60
C MET B 120 38.06 15.70 -13.70
N TYR B 121 37.73 14.41 -13.75
CA TYR B 121 38.39 13.43 -12.88
C TYR B 121 39.86 13.25 -13.26
N THR B 122 40.16 13.37 -14.55
CA THR B 122 41.56 13.25 -14.98
C THR B 122 42.41 14.33 -14.33
N GLU B 123 41.94 15.57 -14.39
CA GLU B 123 42.67 16.68 -13.77
C GLU B 123 42.70 16.51 -12.25
N LEU B 124 41.55 16.19 -11.65
CA LEU B 124 41.44 16.14 -10.21
C LEU B 124 42.38 15.10 -9.61
N HIS B 125 42.46 13.93 -10.23
CA HIS B 125 43.34 12.89 -9.76
C HIS B 125 44.84 13.21 -10.01
N ASP B 126 45.14 13.95 -11.07
CA ASP B 126 46.48 14.52 -11.17
C ASP B 126 46.78 15.43 -9.94
N ARG B 127 45.82 16.26 -9.54
CA ARG B 127 46.06 17.16 -8.42
C ARG B 127 46.28 16.34 -7.15
N ILE B 128 45.45 15.33 -6.95
CA ILE B 128 45.53 14.44 -5.79
C ILE B 128 46.88 13.73 -5.72
N ALA B 129 47.32 13.22 -6.87
CA ALA B 129 48.60 12.51 -6.90
C ALA B 129 49.73 13.49 -6.60
N ARG B 130 49.68 14.64 -7.25
CA ARG B 130 50.70 15.68 -7.07
C ARG B 130 50.80 16.04 -5.59
N ALA B 131 49.67 16.02 -4.87
CA ALA B 131 49.66 16.41 -3.46
C ALA B 131 50.15 15.32 -2.53
N GLY B 132 50.33 14.11 -3.04
CA GLY B 132 50.92 13.03 -2.27
C GLY B 132 49.98 12.09 -1.53
N TYR B 133 48.67 12.19 -1.78
CA TYR B 133 47.72 11.30 -1.12
C TYR B 133 47.89 9.86 -1.58
N PRO B 134 48.04 8.93 -0.63
CA PRO B 134 48.14 7.52 -1.07
C PRO B 134 46.79 6.92 -1.44
N LEU B 135 45.69 7.55 -1.02
CA LEU B 135 44.33 7.07 -1.33
C LEU B 135 43.42 8.25 -1.63
N ALA B 136 42.46 8.01 -2.51
CA ALA B 136 41.30 8.89 -2.64
C ALA B 136 40.07 8.10 -2.20
N VAL B 137 39.08 8.78 -1.65
CA VAL B 137 37.93 8.09 -1.10
C VAL B 137 36.64 8.83 -1.43
N LEU B 138 35.53 8.10 -1.49
CA LEU B 138 34.25 8.76 -1.74
C LEU B 138 33.08 7.90 -1.30
N THR B 139 31.91 8.51 -1.21
CA THR B 139 30.66 7.76 -1.15
C THR B 139 29.94 8.06 -2.46
N ALA B 140 29.18 7.10 -2.96
CA ALA B 140 28.64 7.22 -4.31
C ALA B 140 27.13 7.40 -4.31
N SER B 141 26.65 8.33 -5.13
CA SER B 141 25.22 8.51 -5.35
C SER B 141 24.62 7.29 -6.03
N GLU B 142 25.41 6.66 -6.91
CA GLU B 142 24.95 5.49 -7.63
C GLU B 142 26.10 4.51 -7.76
N GLY B 143 25.78 3.23 -7.85
CA GLY B 143 26.79 2.19 -7.80
C GLY B 143 27.57 1.93 -9.07
N GLY B 144 27.11 2.45 -10.20
CA GLY B 144 27.73 2.09 -11.47
C GLY B 144 28.73 3.11 -12.03
N ILE B 145 29.09 4.10 -11.22
CA ILE B 145 29.91 5.22 -11.71
C ILE B 145 31.42 5.03 -11.61
N TYR B 146 31.91 4.66 -10.43
CA TYR B 146 33.32 4.84 -10.10
C TYR B 146 34.26 3.62 -10.23
N GLY B 147 33.70 2.43 -10.42
CA GLY B 147 34.53 1.27 -10.69
C GLY B 147 35.51 1.52 -11.82
N ARG B 148 35.02 2.15 -12.90
CA ARG B 148 35.81 2.37 -14.10
C ARG B 148 36.95 3.36 -13.83
N PHE B 149 36.89 4.06 -12.70
CA PHE B 149 37.95 5.00 -12.36
C PHE B 149 38.89 4.41 -11.31
N GLY B 150 38.72 3.12 -11.02
CA GLY B 150 39.58 2.44 -10.05
C GLY B 150 39.12 2.42 -8.60
N TYR B 151 37.90 2.90 -8.36
CA TYR B 151 37.37 2.89 -6.99
C TYR B 151 36.70 1.55 -6.68
N GLY B 152 37.06 0.94 -5.56
CA GLY B 152 36.39 -0.28 -5.11
C GLY B 152 35.51 -0.03 -3.89
N VAL B 153 34.47 -0.84 -3.71
CA VAL B 153 33.61 -0.73 -2.54
C VAL B 153 34.36 -1.27 -1.32
N ALA B 154 34.73 -0.38 -0.40
CA ALA B 154 35.58 -0.75 0.72
C ALA B 154 34.80 -1.08 1.98
N THR B 155 33.63 -0.47 2.17
CA THR B 155 32.75 -0.85 3.27
C THR B 155 31.33 -0.95 2.78
N ILE B 156 30.53 -1.69 3.53
CA ILE B 156 29.14 -1.95 3.20
C ILE B 156 28.25 -1.45 4.34
N GLU B 157 27.19 -0.72 3.99
CA GLU B 157 26.20 -0.32 4.98
C GLU B 157 24.89 -1.11 4.80
N GLN B 158 24.42 -1.70 5.88
CA GLN B 158 23.15 -2.43 5.88
C GLN B 158 22.11 -1.71 6.75
N HIS B 159 20.88 -1.62 6.24
CA HIS B 159 19.80 -1.07 7.05
C HIS B 159 19.17 -2.20 7.85
N VAL B 160 19.23 -2.06 9.17
CA VAL B 160 18.70 -3.05 10.09
C VAL B 160 17.53 -2.46 10.88
N SER B 161 16.42 -3.19 10.96
CA SER B 161 15.25 -2.70 11.69
C SER B 161 14.89 -3.71 12.78
N VAL B 162 14.90 -3.25 14.02
CA VAL B 162 14.66 -4.11 15.17
C VAL B 162 13.23 -3.92 15.68
N ASP B 163 12.50 -5.02 15.77
CA ASP B 163 11.19 -5.02 16.42
C ASP B 163 11.44 -5.06 17.92
N ARG B 164 11.36 -3.91 18.58
CA ARG B 164 11.74 -3.87 19.99
C ARG B 164 10.67 -4.41 20.94
N ARG B 165 9.48 -4.69 20.42
CA ARG B 165 8.46 -5.35 21.22
C ARG B 165 8.72 -6.84 21.34
N LEU B 166 9.43 -7.42 20.37
CA LEU B 166 9.65 -8.86 20.40
C LEU B 166 11.09 -9.23 20.77
N ALA B 167 12.01 -8.34 20.45
CA ALA B 167 13.44 -8.60 20.70
C ALA B 167 13.70 -8.82 22.18
N GLN B 168 14.55 -9.79 22.47
CA GLN B 168 14.98 -10.09 23.83
C GLN B 168 16.48 -10.34 23.81
N PHE B 169 17.17 -9.92 24.87
CA PHE B 169 18.61 -10.12 24.92
C PHE B 169 18.98 -11.51 25.38
N HIS B 170 19.95 -12.11 24.70
CA HIS B 170 20.47 -13.42 25.03
C HIS B 170 20.86 -13.43 26.50
N PRO B 171 20.69 -14.57 27.19
CA PRO B 171 21.03 -14.57 28.61
C PRO B 171 22.49 -14.22 28.90
N ALA B 172 23.39 -14.43 27.95
CA ALA B 172 24.81 -14.17 28.18
C ALA B 172 25.22 -12.73 27.91
N ALA B 173 24.40 -12.00 27.14
CA ALA B 173 24.81 -10.67 26.70
C ALA B 173 25.09 -9.72 27.87
N PRO B 174 26.16 -8.93 27.74
CA PRO B 174 26.48 -7.91 28.76
C PRO B 174 25.30 -6.99 29.04
N ASP B 175 25.12 -6.65 30.31
CA ASP B 175 24.17 -5.63 30.74
C ASP B 175 24.91 -4.71 31.71
N PRO B 176 25.80 -3.87 31.18
CA PRO B 176 26.71 -3.14 32.08
C PRO B 176 26.15 -1.86 32.71
N GLY B 177 24.95 -1.42 32.31
CA GLY B 177 24.42 -0.14 32.75
C GLY B 177 25.31 1.03 32.36
N GLY B 178 25.16 2.16 33.05
CA GLY B 178 26.02 3.31 32.81
C GLY B 178 25.59 4.22 31.67
N VAL B 179 24.37 4.05 31.14
CA VAL B 179 23.89 4.91 30.05
C VAL B 179 23.06 6.07 30.61
N ARG B 180 23.31 7.27 30.09
CA ARG B 180 22.57 8.46 30.50
C ARG B 180 21.76 9.04 29.35
N MET B 181 20.69 9.73 29.69
CA MET B 181 19.93 10.51 28.73
C MET B 181 20.63 11.86 28.60
N LEU B 182 21.00 12.24 27.38
CA LEU B 182 21.83 13.43 27.19
C LEU B 182 21.22 14.45 26.26
N VAL B 183 21.49 15.72 26.54
CA VAL B 183 21.31 16.78 25.57
C VAL B 183 22.62 16.82 24.81
N PRO B 184 22.60 16.37 23.54
CA PRO B 184 23.82 16.18 22.76
C PRO B 184 24.69 17.43 22.73
N ALA B 185 24.07 18.56 22.41
CA ALA B 185 24.80 19.82 22.26
C ALA B 185 25.53 20.24 23.54
N ASP B 186 25.09 19.73 24.68
CA ASP B 186 25.77 20.06 25.94
C ASP B 186 26.99 19.19 26.19
N HIS B 187 27.30 18.32 25.24
CA HIS B 187 28.41 17.40 25.46
C HIS B 187 29.30 17.26 24.24
N ARG B 188 29.51 18.37 23.53
CA ARG B 188 30.26 18.31 22.29
C ARG B 188 31.63 17.63 22.46
N ASP B 189 32.39 18.06 23.47
CA ASP B 189 33.75 17.56 23.66
C ASP B 189 33.76 16.10 24.07
N GLY B 190 32.81 15.73 24.92
CA GLY B 190 32.70 14.36 25.38
C GLY B 190 32.37 13.43 24.24
N LEU B 191 31.44 13.82 23.39
CA LEU B 191 31.05 12.96 22.27
C LEU B 191 32.18 12.87 21.24
N ALA B 192 32.82 14.00 20.97
CA ALA B 192 33.91 14.04 20.01
C ALA B 192 35.08 13.16 20.47
N ASP B 193 35.30 13.05 21.77
CA ASP B 193 36.39 12.21 22.24
C ASP B 193 36.06 10.71 22.17
N ILE B 194 34.80 10.36 22.40
CA ILE B 194 34.40 8.97 22.23
C ILE B 194 34.54 8.57 20.75
N TYR B 195 34.13 9.46 19.85
CA TYR B 195 34.23 9.17 18.43
C TYR B 195 35.71 9.02 18.05
N ASP B 196 36.53 9.92 18.58
CA ASP B 196 37.96 9.84 18.30
C ASP B 196 38.57 8.51 18.74
N ARG B 197 38.15 8.00 19.89
CA ARG B 197 38.68 6.73 20.37
C ARG B 197 38.20 5.58 19.48
N TRP B 198 36.93 5.64 19.08
CA TRP B 198 36.39 4.68 18.12
C TRP B 198 37.16 4.79 16.79
N ARG B 199 37.37 6.03 16.35
CA ARG B 199 38.03 6.28 15.08
C ARG B 199 39.41 5.64 15.01
N ARG B 200 40.18 5.80 16.08
CA ARG B 200 41.56 5.31 16.10
C ARG B 200 41.64 3.79 16.05
N ARG B 201 40.58 3.08 16.42
CA ARG B 201 40.70 1.63 16.35
C ARG B 201 39.82 0.97 15.31
N THR B 202 39.11 1.76 14.52
CA THR B 202 38.22 1.21 13.49
C THR B 202 38.61 1.61 12.08
N PRO B 203 39.00 0.64 11.27
CA PRO B 203 39.31 0.98 9.88
C PRO B 203 38.07 1.58 9.24
N GLY B 204 38.22 2.67 8.50
CA GLY B 204 37.07 3.39 7.98
C GLY B 204 36.78 4.63 8.81
N GLY B 205 37.33 4.67 10.02
CA GLY B 205 37.27 5.87 10.82
C GLY B 205 37.83 7.08 10.07
N LEU B 206 37.18 8.23 10.22
CA LEU B 206 37.66 9.47 9.59
C LEU B 206 37.76 10.54 10.66
N VAL B 207 38.79 11.38 10.59
CA VAL B 207 38.86 12.52 11.49
C VAL B 207 37.65 13.40 11.21
N ARG B 208 36.97 13.82 12.26
CA ARG B 208 35.77 14.63 12.12
C ARG B 208 36.06 16.00 12.72
N PRO B 209 36.28 17.01 11.87
CA PRO B 209 36.63 18.35 12.36
C PRO B 209 35.47 18.98 13.12
N ASP B 210 35.81 19.99 13.92
CA ASP B 210 34.84 20.73 14.72
C ASP B 210 33.64 21.18 13.92
N ALA B 211 33.88 21.70 12.72
CA ALA B 211 32.78 22.25 11.93
C ALA B 211 31.68 21.20 11.69
N LEU B 212 32.09 19.95 11.53
CA LEU B 212 31.14 18.87 11.28
C LEU B 212 30.37 18.57 12.56
N TRP B 213 31.10 18.52 13.68
CA TRP B 213 30.46 18.31 14.97
C TRP B 213 29.42 19.39 15.26
N ASP B 214 29.80 20.65 15.04
CA ASP B 214 28.91 21.77 15.30
C ASP B 214 27.65 21.67 14.44
N ASP B 215 27.82 21.24 13.20
CA ASP B 215 26.69 21.14 12.29
C ASP B 215 25.77 20.01 12.71
N LEU B 216 26.37 18.87 13.09
CA LEU B 216 25.58 17.74 13.57
C LEU B 216 24.72 18.15 14.77
N LEU B 217 25.34 18.75 15.78
CA LEU B 217 24.66 19.07 17.02
C LEU B 217 23.75 20.30 16.92
N ALA B 218 23.94 21.11 15.88
CA ALA B 218 23.01 22.21 15.61
C ALA B 218 21.62 21.64 15.39
N ASP B 219 21.57 20.44 14.80
CA ASP B 219 20.32 19.74 14.60
C ASP B 219 19.27 20.63 13.93
N ARG B 220 19.59 21.11 12.74
CA ARG B 220 18.69 21.95 11.96
C ARG B 220 17.56 21.12 11.38
N PRO B 221 16.33 21.65 11.42
CA PRO B 221 15.11 21.00 10.95
C PRO B 221 15.25 20.35 9.56
N GLU B 222 16.00 20.98 8.65
CA GLU B 222 16.23 20.42 7.32
C GLU B 222 16.98 19.09 7.37
N SER B 223 17.71 18.89 8.43
CA SER B 223 18.70 17.86 8.55
C SER B 223 18.08 16.55 8.93
N ARG B 224 16.76 16.47 8.88
CA ARG B 224 16.03 15.40 9.53
C ARG B 224 15.37 14.44 8.54
N ARG B 225 15.89 13.22 8.48
CA ARG B 225 15.39 12.19 7.58
C ARG B 225 14.77 11.02 8.36
N GLY B 226 14.81 11.16 9.67
CA GLY B 226 14.20 10.23 10.59
C GLY B 226 13.16 10.94 11.43
N GLY B 227 12.96 12.22 11.16
CA GLY B 227 11.93 13.02 11.79
C GLY B 227 12.45 13.48 13.12
N GLY B 228 12.11 14.67 13.56
CA GLY B 228 12.14 15.07 14.96
C GLY B 228 13.46 15.38 15.62
N GLU B 229 13.43 16.11 16.70
CA GLU B 229 14.62 16.61 17.38
C GLU B 229 15.49 15.49 17.95
N LEU B 230 16.81 15.69 17.85
CA LEU B 230 17.82 14.72 18.27
C LEU B 230 17.72 14.31 19.75
N PHE B 231 17.72 13.00 19.99
CA PHE B 231 17.92 12.44 21.31
C PHE B 231 19.33 11.84 21.37
N ALA B 232 19.87 11.68 22.57
CA ALA B 232 21.17 11.04 22.72
C ALA B 232 21.23 10.18 23.99
N PHE B 233 21.78 8.98 23.85
CA PHE B 233 22.15 8.14 24.98
C PHE B 233 23.66 8.21 25.13
N GLY B 234 24.12 8.39 26.36
CA GLY B 234 25.54 8.55 26.61
C GLY B 234 26.09 7.52 27.57
N HIS B 235 27.28 7.03 27.28
CA HIS B 235 27.96 6.04 28.10
C HIS B 235 29.41 6.48 28.11
N GLN B 236 30.16 6.04 29.11
CA GLN B 236 31.56 6.42 29.19
C GLN B 236 32.32 6.13 27.89
N ASP B 237 31.97 5.02 27.25
CA ASP B 237 32.70 4.53 26.09
C ASP B 237 31.84 4.38 24.84
N GLY B 238 30.76 5.16 24.76
CA GLY B 238 29.90 5.11 23.60
C GLY B 238 28.74 6.08 23.68
N TYR B 239 28.14 6.36 22.53
CA TYR B 239 26.92 7.17 22.48
C TYR B 239 26.04 6.70 21.33
N ALA B 240 24.76 7.01 21.44
CA ALA B 240 23.83 6.82 20.33
C ALA B 240 22.99 8.08 20.15
N LEU B 241 23.00 8.62 18.94
CA LEU B 241 22.12 9.74 18.57
C LEU B 241 20.98 9.17 17.75
N TYR B 242 19.75 9.55 18.08
CA TYR B 242 18.60 9.05 17.35
C TYR B 242 17.47 10.06 17.30
N ARG B 243 16.50 9.81 16.43
CA ARG B 243 15.33 10.66 16.28
C ARG B 243 14.14 9.73 16.31
N VAL B 244 12.99 10.26 16.72
CA VAL B 244 11.75 9.51 16.71
C VAL B 244 10.83 10.07 15.63
N ASP B 245 10.19 9.16 14.91
CA ASP B 245 9.29 9.52 13.82
C ASP B 245 7.91 8.92 14.08
N ARG B 246 6.87 9.65 13.70
CA ARG B 246 5.49 9.23 13.88
C ARG B 246 4.91 8.83 12.54
N GLY B 247 4.14 7.74 12.51
CA GLY B 247 3.47 7.32 11.29
C GLY B 247 2.13 8.02 11.17
N PRO B 248 1.49 7.91 9.99
CA PRO B 248 0.18 8.54 9.78
C PRO B 248 -0.81 8.06 10.85
N ASP B 249 -0.88 6.74 11.01
CA ASP B 249 -1.69 6.09 12.04
C ASP B 249 -1.37 6.58 13.45
N GLY B 250 -0.10 6.83 13.73
CA GLY B 250 0.32 7.30 15.04
C GLY B 250 1.34 6.38 15.70
N ARG B 251 1.92 5.50 14.89
CA ARG B 251 2.92 4.53 15.35
C ARG B 251 4.34 5.11 15.33
N ARG B 252 4.98 5.15 16.50
CA ARG B 252 6.32 5.72 16.64
C ARG B 252 7.46 4.76 16.26
N SER B 253 8.43 5.28 15.51
CA SER B 253 9.67 4.57 15.21
C SER B 253 10.89 5.39 15.64
N ALA B 254 12.00 4.71 15.98
CA ALA B 254 13.23 5.43 16.25
C ALA B 254 14.25 5.16 15.16
N HIS B 255 14.83 6.22 14.63
CA HIS B 255 15.94 6.03 13.71
C HIS B 255 17.25 6.47 14.35
N VAL B 256 18.13 5.51 14.53
CA VAL B 256 19.45 5.80 15.04
C VAL B 256 20.27 6.51 13.97
N VAL B 257 20.69 7.73 14.27
CA VAL B 257 21.46 8.51 13.31
C VAL B 257 22.91 8.05 13.36
N GLU B 258 23.37 7.74 14.57
CA GLU B 258 24.76 7.39 14.76
C GLU B 258 24.90 6.68 16.09
N LEU B 259 25.55 5.53 16.07
CA LEU B 259 25.89 4.80 17.29
C LEU B 259 27.37 4.45 17.25
N THR B 260 28.13 5.04 18.17
CA THR B 260 29.58 4.91 18.19
C THR B 260 30.00 4.33 19.53
N ALA B 261 30.57 3.13 19.50
CA ALA B 261 30.89 2.42 20.73
C ALA B 261 32.34 1.95 20.70
N VAL B 262 33.08 2.33 21.73
CA VAL B 262 34.49 1.96 21.84
C VAL B 262 34.64 0.56 22.40
N THR B 263 33.70 0.12 23.22
CA THR B 263 33.76 -1.22 23.81
C THR B 263 32.48 -1.99 23.54
N ALA B 264 32.58 -3.32 23.63
CA ALA B 264 31.42 -4.19 23.51
C ALA B 264 30.40 -3.92 24.61
N ASP B 265 30.87 -3.56 25.80
CA ASP B 265 29.99 -3.20 26.90
C ASP B 265 29.11 -2.02 26.52
N ALA B 266 29.75 -0.98 26.00
CA ALA B 266 29.04 0.23 25.61
C ALA B 266 28.01 -0.05 24.51
N HIS B 267 28.41 -0.81 23.50
CA HIS B 267 27.53 -1.15 22.39
C HIS B 267 26.30 -1.86 22.95
N ALA B 268 26.51 -2.85 23.79
CA ALA B 268 25.37 -3.57 24.37
C ALA B 268 24.51 -2.69 25.28
N ALA B 269 25.16 -1.84 26.07
CA ALA B 269 24.42 -1.02 27.02
C ALA B 269 23.54 -0.07 26.22
N LEU B 270 24.11 0.51 25.16
CA LEU B 270 23.36 1.44 24.33
C LEU B 270 22.17 0.74 23.63
N TRP B 271 22.37 -0.48 23.19
CA TRP B 271 21.28 -1.19 22.51
C TRP B 271 20.16 -1.55 23.49
N ARG B 272 20.53 -1.91 24.71
CA ARG B 272 19.53 -2.17 25.73
C ARG B 272 18.69 -0.92 26.02
N ALA B 273 19.34 0.24 26.05
CA ALA B 273 18.63 1.50 26.23
C ALA B 273 17.65 1.73 25.07
N LEU B 274 18.17 1.63 23.85
CA LEU B 274 17.36 1.85 22.66
C LEU B 274 16.16 0.90 22.59
N LEU B 275 16.37 -0.37 22.92
CA LEU B 275 15.28 -1.32 22.83
C LEU B 275 14.37 -1.21 24.06
N GLY B 276 14.70 -0.29 24.96
CA GLY B 276 13.87 -0.01 26.10
C GLY B 276 12.88 1.14 25.89
N LEU B 277 12.84 1.69 24.69
CA LEU B 277 11.91 2.77 24.36
C LEU B 277 10.47 2.28 24.24
N ASP B 278 9.73 2.34 25.34
CA ASP B 278 8.45 1.67 25.46
C ASP B 278 7.40 1.92 24.38
N LEU B 279 7.26 3.16 23.92
CA LEU B 279 6.20 3.48 22.98
C LEU B 279 6.70 3.46 21.54
N ILE B 280 7.87 2.86 21.36
CA ILE B 280 8.49 2.77 20.03
C ILE B 280 8.28 1.36 19.47
N ASP B 281 7.85 1.30 18.23
CA ASP B 281 7.58 0.00 17.61
C ASP B 281 8.87 -0.65 17.09
N ARG B 282 9.63 0.10 16.31
CA ARG B 282 10.86 -0.41 15.74
C ARG B 282 12.01 0.57 15.90
N VAL B 283 13.21 0.03 16.00
CA VAL B 283 14.42 0.83 16.02
C VAL B 283 15.27 0.44 14.80
N SER B 284 15.67 1.44 14.03
CA SER B 284 16.45 1.15 12.82
C SER B 284 17.80 1.84 12.87
N ILE B 285 18.73 1.37 12.05
CA ILE B 285 20.08 1.90 11.99
C ILE B 285 20.76 1.47 10.68
N GLY B 286 21.65 2.31 10.17
CA GLY B 286 22.53 1.93 9.08
C GLY B 286 23.83 1.47 9.71
N THR B 287 24.14 0.18 9.60
CA THR B 287 25.32 -0.33 10.27
C THR B 287 26.16 -1.22 9.34
N HIS B 288 27.26 -1.77 9.83
CA HIS B 288 28.07 -2.67 9.01
C HIS B 288 27.59 -4.12 9.16
N PRO B 289 27.94 -4.99 8.19
CA PRO B 289 27.36 -6.34 8.17
C PRO B 289 27.68 -7.18 9.41
N HIS B 290 28.76 -6.87 10.11
CA HIS B 290 29.12 -7.74 11.23
C HIS B 290 28.79 -7.13 12.60
N ASP B 291 27.84 -6.20 12.60
CA ASP B 291 27.36 -5.60 13.84
C ASP B 291 26.99 -6.68 14.86
N PRO B 292 27.51 -6.56 16.10
CA PRO B 292 27.22 -7.58 17.10
C PRO B 292 25.75 -7.65 17.49
N LEU B 293 24.95 -6.66 17.13
CA LEU B 293 23.57 -6.59 17.60
C LEU B 293 22.81 -7.92 17.57
N PRO B 294 22.67 -8.55 16.38
CA PRO B 294 21.85 -9.77 16.38
C PRO B 294 22.42 -10.88 17.26
N TYR B 295 23.73 -10.91 17.45
CA TYR B 295 24.35 -11.93 18.30
C TYR B 295 24.02 -11.72 19.78
N LEU B 296 23.59 -10.50 20.10
CA LEU B 296 23.19 -10.14 21.45
C LEU B 296 21.77 -10.60 21.79
N LEU B 297 21.01 -11.06 20.80
CA LEU B 297 19.59 -11.37 21.00
C LEU B 297 19.31 -12.87 21.12
N THR B 298 18.21 -13.23 21.81
CA THR B 298 17.83 -14.63 21.88
C THR B 298 17.36 -15.09 20.51
N ASP B 299 16.74 -14.17 19.76
CA ASP B 299 16.29 -14.47 18.41
C ASP B 299 16.88 -13.44 17.46
N PRO B 300 17.95 -13.81 16.75
CA PRO B 300 18.64 -12.86 15.85
C PRO B 300 17.75 -12.32 14.74
N ARG B 301 16.67 -13.02 14.39
CA ARG B 301 15.74 -12.54 13.37
C ARG B 301 15.01 -11.26 13.75
N GLN B 302 15.08 -10.88 15.02
CA GLN B 302 14.40 -9.63 15.39
C GLN B 302 15.21 -8.42 14.95
N ALA B 303 16.47 -8.64 14.56
CA ALA B 303 17.32 -7.58 13.99
C ALA B 303 17.37 -7.74 12.48
N GLN B 304 16.38 -7.17 11.83
CA GLN B 304 16.08 -7.48 10.44
C GLN B 304 16.85 -6.59 9.45
N VAL B 305 17.65 -7.22 8.59
CA VAL B 305 18.32 -6.54 7.50
C VAL B 305 17.29 -6.30 6.41
N THR B 306 17.12 -5.06 6.01
CA THR B 306 16.13 -4.72 5.00
C THR B 306 16.78 -4.19 3.72
N ALA B 307 18.07 -3.87 3.79
CA ALA B 307 18.81 -3.36 2.63
C ALA B 307 20.30 -3.46 2.90
N SER B 308 21.09 -3.45 1.82
CA SER B 308 22.54 -3.51 1.90
C SER B 308 23.12 -2.81 0.68
N ALA B 309 24.07 -1.91 0.92
CA ALA B 309 24.64 -1.15 -0.18
C ALA B 309 26.08 -0.78 0.10
N ASP B 310 26.77 -0.37 -0.94
CA ASP B 310 28.09 0.16 -0.85
C ASP B 310 28.08 1.41 0.01
N ASP B 311 29.10 1.58 0.80
CA ASP B 311 29.27 2.79 1.56
C ASP B 311 30.50 3.64 1.26
N LEU B 312 31.64 3.31 1.82
CA LEU B 312 32.89 3.90 1.42
C LEU B 312 33.47 3.26 0.19
N TRP B 313 33.90 4.09 -0.76
CA TRP B 313 34.68 3.60 -1.88
C TRP B 313 36.11 4.10 -1.74
N ILE B 314 37.06 3.30 -2.22
CA ILE B 314 38.49 3.64 -2.15
C ILE B 314 39.19 3.44 -3.48
N ARG B 315 39.89 4.48 -3.93
CA ARG B 315 40.89 4.30 -4.98
C ARG B 315 42.30 4.42 -4.41
N ILE B 316 43.08 3.38 -4.61
CA ILE B 316 44.49 3.40 -4.23
C ILE B 316 45.25 4.24 -5.24
N MET B 317 45.87 5.34 -4.79
CA MET B 317 46.68 6.19 -5.67
C MET B 317 48.13 5.68 -5.74
N ASN B 318 48.60 5.11 -4.63
CA ASN B 318 50.00 4.72 -4.48
C ASN B 318 50.03 3.32 -3.89
N VAL B 319 50.21 2.31 -4.74
CA VAL B 319 50.03 0.92 -4.29
C VAL B 319 51.01 0.52 -3.17
N PRO B 320 52.32 0.74 -3.37
CA PRO B 320 53.24 0.39 -2.28
C PRO B 320 52.94 1.13 -0.97
N ALA B 321 52.73 2.45 -1.02
CA ALA B 321 52.41 3.18 0.20
C ALA B 321 51.13 2.66 0.88
N ALA B 322 50.10 2.40 0.10
CA ALA B 322 48.85 1.89 0.69
C ALA B 322 49.06 0.52 1.30
N LEU B 323 49.68 -0.38 0.53
CA LEU B 323 49.78 -1.75 0.99
C LEU B 323 50.70 -1.92 2.19
N GLU B 324 51.68 -1.04 2.32
CA GLU B 324 52.62 -1.11 3.44
C GLU B 324 52.03 -0.46 4.69
N ALA B 325 51.09 0.46 4.48
CA ALA B 325 50.50 1.18 5.58
C ALA B 325 49.57 0.32 6.45
N ARG B 326 48.82 -0.60 5.84
CA ARG B 326 47.90 -1.44 6.61
C ARG B 326 48.58 -2.71 7.10
N ARG B 327 47.97 -3.38 8.07
CA ARG B 327 48.47 -4.65 8.56
C ARG B 327 47.62 -5.81 8.05
N TYR B 328 48.15 -7.02 8.14
CA TYR B 328 47.54 -8.20 7.53
C TYR B 328 47.43 -9.31 8.55
N GLN B 329 46.57 -10.29 8.29
CA GLN B 329 46.39 -11.38 9.25
C GLN B 329 46.87 -12.74 8.75
N ALA B 330 47.60 -12.76 7.63
CA ALA B 330 48.29 -13.97 7.20
C ALA B 330 49.55 -13.58 6.43
N ASP B 331 50.52 -14.49 6.37
CA ASP B 331 51.76 -14.25 5.61
C ASP B 331 51.54 -14.54 4.13
N LEU B 332 52.38 -13.96 3.29
CA LEU B 332 52.19 -14.03 1.86
C LEU B 332 53.47 -13.63 1.16
N ASP B 333 53.69 -14.19 -0.02
CA ASP B 333 54.86 -13.87 -0.84
C ASP B 333 54.43 -14.01 -2.28
N VAL B 334 54.04 -12.90 -2.90
CA VAL B 334 53.53 -12.97 -4.26
C VAL B 334 53.97 -11.80 -5.12
N VAL B 335 53.74 -11.95 -6.41
CA VAL B 335 53.87 -10.83 -7.32
C VAL B 335 52.48 -10.55 -7.87
N LEU B 336 52.05 -9.30 -7.66
CA LEU B 336 50.74 -8.81 -8.04
C LEU B 336 50.88 -7.97 -9.29
N ASP B 337 50.02 -8.20 -10.28
CA ASP B 337 49.94 -7.31 -11.43
C ASP B 337 48.67 -6.49 -11.30
N VAL B 338 48.80 -5.23 -10.90
CA VAL B 338 47.62 -4.37 -10.70
C VAL B 338 47.25 -3.65 -12.00
N ALA B 339 46.06 -3.94 -12.50
CA ALA B 339 45.57 -3.32 -13.73
C ALA B 339 44.85 -1.99 -13.46
N ASP B 340 45.34 -0.91 -14.06
CA ASP B 340 44.72 0.41 -13.92
C ASP B 340 44.36 0.93 -15.30
N GLY B 341 43.07 0.99 -15.61
CA GLY B 341 42.61 1.40 -16.90
C GLY B 341 42.31 2.89 -16.98
N PHE B 342 42.61 3.63 -15.92
CA PHE B 342 42.30 5.05 -15.87
C PHE B 342 43.55 5.91 -15.76
N ARG B 343 44.46 5.52 -14.89
CA ARG B 343 45.72 6.16 -14.72
C ARG B 343 46.81 5.12 -14.77
N SER B 344 48.04 5.50 -14.51
CA SER B 344 49.15 4.55 -14.49
C SER B 344 49.64 4.20 -13.09
N ASP B 345 48.70 3.90 -12.18
CA ASP B 345 49.04 3.62 -10.81
C ASP B 345 49.16 2.12 -10.55
N GLY B 346 48.99 1.32 -11.59
CA GLY B 346 49.17 -0.11 -11.47
C GLY B 346 50.59 -0.55 -11.79
N GLY B 347 50.72 -1.78 -12.27
CA GLY B 347 52.01 -2.35 -12.61
C GLY B 347 52.24 -3.60 -11.78
N ARG B 348 53.44 -4.16 -11.83
CA ARG B 348 53.72 -5.38 -11.09
C ARG B 348 54.47 -5.05 -9.81
N PHE B 349 54.09 -5.71 -8.72
CA PHE B 349 54.68 -5.42 -7.42
C PHE B 349 54.96 -6.72 -6.68
N ALA B 350 56.14 -6.82 -6.07
CA ALA B 350 56.40 -7.89 -5.12
C ALA B 350 55.74 -7.53 -3.81
N LEU B 351 54.87 -8.42 -3.31
CA LEU B 351 54.19 -8.21 -2.05
C LEU B 351 54.61 -9.27 -1.05
N GLN B 352 55.39 -8.87 -0.06
CA GLN B 352 55.92 -9.81 0.91
C GLN B 352 55.44 -9.44 2.30
N ILE B 353 54.68 -10.36 2.90
CA ILE B 353 54.05 -10.13 4.18
C ILE B 353 54.48 -11.17 5.20
N SER B 354 55.07 -10.71 6.29
CA SER B 354 55.34 -11.59 7.41
C SER B 354 55.22 -10.81 8.70
N GLY B 355 54.76 -11.49 9.74
CA GLY B 355 54.46 -10.83 11.00
C GLY B 355 53.35 -9.83 10.82
N GLY B 356 52.52 -10.04 9.81
CA GLY B 356 51.41 -9.14 9.53
C GLY B 356 51.85 -7.80 8.94
N ARG B 357 53.14 -7.67 8.64
CA ARG B 357 53.66 -6.46 8.02
C ARG B 357 54.03 -6.72 6.57
N ALA B 358 53.67 -5.78 5.69
CA ALA B 358 53.97 -5.95 4.27
C ALA B 358 55.08 -5.05 3.74
N ARG B 359 55.83 -5.61 2.82
CA ARG B 359 56.76 -4.86 1.98
C ARG B 359 56.24 -5.01 0.55
N CYS B 360 56.12 -3.90 -0.17
CA CYS B 360 55.53 -3.92 -1.50
C CYS B 360 56.37 -3.04 -2.39
N THR B 361 57.11 -3.67 -3.30
CA THR B 361 58.00 -2.92 -4.18
C THR B 361 57.82 -3.28 -5.63
N THR B 362 57.90 -2.26 -6.48
CA THR B 362 57.83 -2.46 -7.92
C THR B 362 58.79 -3.56 -8.34
N THR B 363 58.39 -4.37 -9.32
CA THR B 363 59.23 -5.46 -9.80
C THR B 363 58.96 -5.76 -11.26
N ASP B 364 59.86 -6.54 -11.86
CA ASP B 364 59.72 -6.98 -13.25
C ASP B 364 59.38 -8.45 -13.34
N ALA B 365 59.47 -9.15 -12.20
CA ALA B 365 59.19 -10.59 -12.17
C ALA B 365 57.77 -10.90 -12.62
N PRO B 366 57.54 -12.13 -13.13
CA PRO B 366 56.19 -12.50 -13.58
C PRO B 366 55.20 -12.47 -12.42
N ALA B 367 53.94 -12.15 -12.70
CA ALA B 367 52.95 -12.06 -11.64
C ALA B 367 52.31 -13.41 -11.31
N ASP B 368 52.08 -13.61 -10.02
CA ASP B 368 51.31 -14.75 -9.53
C ASP B 368 49.82 -14.47 -9.63
N ILE B 369 49.47 -13.21 -9.38
CA ILE B 369 48.08 -12.79 -9.27
C ILE B 369 47.84 -11.51 -10.05
N GLU B 370 46.81 -11.51 -10.87
CA GLU B 370 46.40 -10.31 -11.59
C GLU B 370 45.13 -9.77 -10.95
N ILE B 371 45.12 -8.46 -10.70
CA ILE B 371 44.01 -7.86 -9.96
C ILE B 371 43.71 -6.47 -10.49
N ASP B 372 42.44 -6.19 -10.73
CA ASP B 372 42.03 -4.86 -11.14
C ASP B 372 42.27 -3.89 -9.99
N LEU B 373 42.71 -2.68 -10.30
CA LEU B 373 42.97 -1.68 -9.27
C LEU B 373 41.75 -1.45 -8.34
N ASP B 374 40.55 -1.30 -8.92
CA ASP B 374 39.35 -1.13 -8.07
C ASP B 374 39.16 -2.31 -7.09
N VAL B 375 39.44 -3.53 -7.54
CA VAL B 375 39.32 -4.69 -6.66
C VAL B 375 40.28 -4.57 -5.46
N LEU B 376 41.51 -4.14 -5.73
CA LEU B 376 42.49 -3.94 -4.66
C LEU B 376 41.93 -2.95 -3.63
N GLY B 377 41.29 -1.88 -4.08
CA GLY B 377 40.71 -0.93 -3.15
C GLY B 377 39.58 -1.55 -2.35
N GLY B 378 38.77 -2.36 -3.02
CA GLY B 378 37.61 -2.98 -2.41
C GLY B 378 38.00 -3.91 -1.28
N LEU B 379 39.17 -4.55 -1.43
CA LEU B 379 39.61 -5.55 -0.46
C LEU B 379 40.35 -4.85 0.67
N TYR B 380 40.64 -3.58 0.46
CA TYR B 380 41.63 -2.89 1.28
C TYR B 380 41.30 -2.78 2.77
N LEU B 381 40.02 -2.70 3.11
CA LEU B 381 39.63 -2.61 4.51
C LEU B 381 39.10 -3.95 5.03
N GLY B 382 39.29 -5.00 4.24
CA GLY B 382 38.86 -6.34 4.62
C GLY B 382 37.40 -6.71 4.40
N ALA B 383 36.68 -6.03 3.51
CA ALA B 383 35.23 -6.20 3.35
C ALA B 383 34.70 -7.33 2.46
N HIS B 384 35.49 -7.81 1.52
CA HIS B 384 34.97 -8.83 0.59
C HIS B 384 35.75 -10.12 0.67
N ARG B 385 35.31 -11.11 -0.10
CA ARG B 385 36.09 -12.32 -0.30
C ARG B 385 36.70 -12.24 -1.70
N VAL B 386 37.78 -12.97 -1.94
CA VAL B 386 38.38 -12.96 -3.27
C VAL B 386 37.51 -13.74 -4.25
N ASP B 387 36.77 -14.73 -3.76
CA ASP B 387 36.14 -15.62 -4.72
C ASP B 387 35.04 -14.97 -5.59
N GLY B 388 34.38 -13.95 -5.07
CA GLY B 388 33.40 -13.24 -5.88
C GLY B 388 34.02 -12.44 -7.03
N PHE B 389 35.05 -11.66 -6.72
CA PHE B 389 35.77 -10.92 -7.76
C PHE B 389 36.44 -11.87 -8.76
N ALA B 390 36.92 -13.02 -8.26
CA ALA B 390 37.57 -14.02 -9.11
C ALA B 390 36.57 -14.60 -10.12
N ALA B 391 35.35 -14.87 -9.65
CA ALA B 391 34.31 -15.38 -10.52
C ALA B 391 34.03 -14.40 -11.65
N ALA B 392 34.11 -13.12 -11.33
CA ALA B 392 33.82 -12.06 -12.30
C ALA B 392 35.00 -11.78 -13.23
N ASN B 393 36.11 -12.51 -13.04
CA ASN B 393 37.30 -12.31 -13.88
C ASN B 393 37.96 -10.95 -13.63
N ARG B 394 37.85 -10.42 -12.45
CA ARG B 394 38.44 -9.15 -12.13
C ARG B 394 39.64 -9.32 -11.24
N LEU B 395 39.90 -10.55 -10.89
CA LEU B 395 41.04 -10.96 -10.10
C LEU B 395 41.31 -12.37 -10.63
N ARG B 396 42.58 -12.71 -10.85
CA ARG B 396 42.91 -13.99 -11.46
C ARG B 396 44.25 -14.56 -10.98
N SER B 397 44.31 -15.89 -10.92
CA SER B 397 45.54 -16.60 -10.57
C SER B 397 45.47 -18.03 -11.08
N LYS B 398 46.58 -18.52 -11.61
CA LYS B 398 46.68 -19.91 -12.03
C LYS B 398 46.59 -20.78 -10.79
N ASP B 399 47.05 -20.24 -9.67
CA ASP B 399 47.09 -20.97 -8.41
C ASP B 399 46.00 -20.53 -7.45
N SER B 400 44.87 -21.23 -7.46
CA SER B 400 43.73 -20.85 -6.64
C SER B 400 44.04 -20.92 -5.15
N GLU B 401 45.06 -21.69 -4.80
CA GLU B 401 45.52 -21.78 -3.42
C GLU B 401 46.15 -20.46 -3.02
N LEU B 402 46.86 -19.85 -3.96
CA LEU B 402 47.50 -18.57 -3.67
C LEU B 402 46.44 -17.50 -3.44
N LEU B 403 45.40 -17.50 -4.27
CA LEU B 403 44.31 -16.55 -4.13
C LEU B 403 43.73 -16.57 -2.73
N GLN B 404 43.58 -17.77 -2.18
CA GLN B 404 43.02 -17.91 -0.84
C GLN B 404 43.94 -17.30 0.21
N GLN B 405 45.24 -17.54 0.05
CA GLN B 405 46.24 -16.90 0.92
C GLN B 405 46.10 -15.38 0.87
N PHE B 406 46.02 -14.87 -0.36
CA PHE B 406 45.84 -13.45 -0.60
C PHE B 406 44.61 -12.91 0.16
N GLY B 407 43.46 -13.53 -0.07
CA GLY B 407 42.23 -13.12 0.61
C GLY B 407 42.38 -13.18 2.13
N ALA B 408 42.99 -14.25 2.61
CA ALA B 408 43.19 -14.40 4.04
C ALA B 408 44.09 -13.31 4.63
N ALA B 409 45.13 -12.91 3.89
CA ALA B 409 46.00 -11.82 4.33
C ALA B 409 45.24 -10.50 4.48
N PHE B 410 44.40 -10.19 3.50
CA PHE B 410 43.69 -8.90 3.45
C PHE B 410 42.49 -8.81 4.40
N ALA B 411 42.16 -9.93 5.04
CA ALA B 411 41.13 -9.93 6.08
C ALA B 411 41.46 -8.91 7.17
N GLY B 412 40.40 -8.47 7.85
CA GLY B 412 40.53 -7.45 8.86
C GLY B 412 40.51 -7.99 10.27
N ASP B 413 41.28 -7.29 11.09
CA ASP B 413 41.30 -7.39 12.54
C ASP B 413 39.99 -6.92 13.19
N MET B 414 39.48 -5.78 12.72
CA MET B 414 38.22 -5.18 13.20
C MET B 414 37.33 -4.92 12.01
N PRO B 415 36.04 -5.25 12.14
CA PRO B 415 35.10 -4.96 11.06
C PRO B 415 35.19 -3.48 10.70
N ALA B 416 35.30 -3.19 9.41
CA ALA B 416 35.42 -1.79 8.96
C ALA B 416 34.07 -1.07 8.87
N GLU B 417 34.08 0.24 9.13
CA GLU B 417 32.88 1.03 9.02
C GLU B 417 33.26 2.48 8.81
N LEU B 418 32.67 3.09 7.80
CA LEU B 418 32.91 4.50 7.52
C LEU B 418 32.44 5.37 8.69
N GLY B 419 33.33 6.20 9.21
CA GLY B 419 32.99 7.04 10.36
C GLY B 419 31.81 7.97 10.13
N TYR B 420 31.77 8.62 8.97
CA TYR B 420 30.62 9.48 8.66
C TYR B 420 30.54 9.70 7.16
N GLY B 421 29.36 10.10 6.70
CA GLY B 421 29.13 10.28 5.29
C GLY B 421 29.63 11.61 4.79
N PHE B 422 30.07 11.63 3.55
CA PHE B 422 30.59 12.84 2.92
C PHE B 422 30.45 12.70 1.41
N MET C 21 26.28 -16.63 -37.96
CA MET C 21 25.54 -17.45 -38.93
C MET C 21 24.07 -17.67 -38.51
N ILE C 22 23.22 -16.68 -38.77
CA ILE C 22 21.80 -16.84 -38.50
C ILE C 22 21.08 -17.13 -39.81
N THR C 23 20.64 -18.39 -39.96
CA THR C 23 19.94 -18.81 -41.15
C THR C 23 18.49 -19.12 -40.83
N PRO C 24 17.61 -18.13 -41.04
CA PRO C 24 16.19 -18.42 -40.78
C PRO C 24 15.69 -19.47 -41.77
N ARG C 25 14.67 -20.19 -41.35
CA ARG C 25 14.06 -21.24 -42.15
C ARG C 25 12.56 -20.96 -42.18
N THR C 26 11.95 -21.04 -43.36
CA THR C 26 10.52 -20.83 -43.47
C THR C 26 9.81 -22.18 -43.46
N LEU C 27 8.76 -22.32 -42.65
CA LEU C 27 7.99 -23.56 -42.61
C LEU C 27 6.89 -23.51 -43.66
N HIS C 28 6.93 -24.42 -44.63
CA HIS C 28 5.93 -24.45 -45.68
C HIS C 28 4.56 -24.70 -45.07
N THR C 29 4.54 -25.57 -44.06
CA THR C 29 3.36 -25.84 -43.26
C THR C 29 3.87 -26.11 -41.84
N ILE C 30 3.00 -25.99 -40.85
CA ILE C 30 3.43 -26.23 -39.48
C ILE C 30 2.99 -27.62 -39.05
N THR C 31 3.94 -28.47 -38.71
CA THR C 31 3.59 -29.78 -38.19
C THR C 31 3.38 -29.68 -36.67
N ASP C 32 2.71 -30.68 -36.10
CA ASP C 32 2.46 -30.71 -34.67
C ASP C 32 3.78 -30.59 -33.91
N ASP C 33 4.80 -31.26 -34.43
CA ASP C 33 6.14 -31.19 -33.85
C ASP C 33 6.73 -29.78 -33.90
N ASP C 34 6.54 -29.07 -35.01
CA ASP C 34 7.01 -27.69 -35.12
C ASP C 34 6.29 -26.85 -34.08
N TRP C 35 4.97 -27.00 -34.01
CA TRP C 35 4.20 -26.24 -33.04
C TRP C 35 4.65 -26.50 -31.61
N THR C 36 5.07 -27.73 -31.32
CA THR C 36 5.57 -28.05 -29.99
C THR C 36 6.79 -27.18 -29.69
N ARG C 37 7.65 -27.03 -30.69
CA ARG C 37 8.81 -26.17 -30.55
C ARG C 37 8.42 -24.70 -30.41
N ILE C 38 7.45 -24.27 -31.21
CA ILE C 38 6.98 -22.90 -31.16
C ILE C 38 6.39 -22.56 -29.79
N ALA C 39 5.66 -23.49 -29.20
CA ALA C 39 5.05 -23.28 -27.89
C ALA C 39 6.11 -23.24 -26.79
N LEU C 40 7.11 -24.12 -26.86
CA LEU C 40 8.18 -24.09 -25.87
C LEU C 40 8.89 -22.74 -25.89
N LEU C 41 9.36 -22.33 -27.07
CA LEU C 41 10.07 -21.05 -27.19
C LEU C 41 9.22 -19.87 -26.71
N ALA C 42 7.97 -19.80 -27.17
CA ALA C 42 7.05 -18.74 -26.76
C ALA C 42 6.90 -18.68 -25.23
N ARG C 43 6.77 -19.84 -24.59
CA ARG C 43 6.58 -19.84 -23.15
C ARG C 43 7.82 -19.30 -22.41
N PHE C 44 9.01 -19.69 -22.85
CA PHE C 44 10.23 -19.17 -22.27
C PHE C 44 10.37 -17.67 -22.54
N ALA C 45 10.09 -17.26 -23.76
CA ALA C 45 10.34 -15.89 -24.19
C ALA C 45 9.40 -14.92 -23.52
N PHE C 46 8.15 -15.33 -23.36
CA PHE C 46 7.12 -14.46 -22.81
C PHE C 46 6.96 -14.57 -21.29
N GLY C 47 7.29 -15.73 -20.73
CA GLY C 47 7.14 -15.94 -19.30
C GLY C 47 5.93 -16.80 -19.00
N ASP C 48 5.02 -16.90 -19.97
CA ASP C 48 4.08 -18.01 -20.04
C ASP C 48 3.38 -18.02 -21.38
N ILE C 49 2.31 -18.80 -21.47
CA ILE C 49 1.65 -19.05 -22.74
C ILE C 49 0.16 -19.38 -22.55
N GLU C 50 -0.64 -18.96 -23.51
CA GLU C 50 -2.08 -19.19 -23.48
C GLU C 50 -2.37 -20.70 -23.54
N PRO C 51 -3.60 -21.10 -23.17
CA PRO C 51 -3.98 -22.52 -23.17
C PRO C 51 -3.85 -23.18 -24.54
N GLU C 52 -3.74 -24.50 -24.54
CA GLU C 52 -3.52 -25.25 -25.76
C GLU C 52 -4.59 -25.00 -26.81
N GLN C 53 -5.84 -24.85 -26.36
CA GLN C 53 -6.94 -24.65 -27.30
C GLN C 53 -6.90 -23.27 -27.90
N THR C 54 -6.36 -22.33 -27.15
CA THR C 54 -6.18 -20.98 -27.68
C THR C 54 -5.07 -20.97 -28.72
N GLN C 55 -3.96 -21.62 -28.41
CA GLN C 55 -2.85 -21.76 -29.37
C GLN C 55 -3.36 -22.34 -30.69
N ALA C 56 -4.19 -23.37 -30.58
CA ALA C 56 -4.73 -24.07 -31.75
C ALA C 56 -5.60 -23.16 -32.61
N ALA C 57 -6.35 -22.28 -31.96
CA ALA C 57 -7.20 -21.34 -32.69
C ALA C 57 -6.35 -20.38 -33.49
N TRP C 58 -5.29 -19.85 -32.88
CA TRP C 58 -4.36 -19.00 -33.62
C TRP C 58 -3.69 -19.80 -34.73
N ARG C 59 -3.23 -21.01 -34.40
CA ARG C 59 -2.55 -21.83 -35.38
C ARG C 59 -3.41 -22.04 -36.63
N SER C 60 -4.73 -22.17 -36.44
CA SER C 60 -5.64 -22.40 -37.56
C SER C 60 -5.67 -21.25 -38.58
N MET C 61 -5.21 -20.06 -38.17
CA MET C 61 -5.24 -18.87 -39.03
C MET C 61 -3.96 -18.64 -39.84
N VAL C 62 -2.96 -19.48 -39.61
CA VAL C 62 -1.66 -19.35 -40.29
C VAL C 62 -1.70 -19.99 -41.68
N PRO C 63 -1.48 -19.19 -42.74
CA PRO C 63 -1.47 -19.74 -44.11
C PRO C 63 -0.16 -20.45 -44.39
N GLU C 64 0.01 -20.96 -45.61
CA GLU C 64 1.26 -21.63 -46.01
C GLU C 64 2.44 -20.65 -46.01
N ASP C 65 3.63 -21.14 -45.71
CA ASP C 65 4.85 -20.33 -45.83
C ASP C 65 4.78 -19.03 -45.04
N ALA C 66 4.23 -19.09 -43.83
CA ALA C 66 3.96 -17.88 -43.04
C ALA C 66 4.63 -17.94 -41.67
N THR C 67 5.61 -18.83 -41.54
CA THR C 67 6.31 -19.04 -40.28
C THR C 67 7.82 -19.09 -40.52
N VAL C 68 8.56 -18.23 -39.83
CA VAL C 68 10.01 -18.22 -39.98
C VAL C 68 10.67 -18.50 -38.63
N VAL C 69 11.60 -19.43 -38.62
CA VAL C 69 12.22 -19.87 -37.39
C VAL C 69 13.74 -19.93 -37.50
N VAL C 70 14.41 -19.85 -36.36
CA VAL C 70 15.86 -20.05 -36.29
C VAL C 70 16.15 -21.17 -35.29
N PRO C 71 16.74 -22.28 -35.78
CA PRO C 71 17.05 -23.44 -34.92
C PRO C 71 18.26 -23.18 -34.03
N ASP C 72 18.38 -23.92 -32.92
CA ASP C 72 19.58 -23.88 -32.10
C ASP C 72 20.70 -24.65 -32.82
N GLU C 73 21.92 -24.57 -32.33
CA GLU C 73 23.06 -25.21 -33.00
C GLU C 73 22.83 -26.70 -33.21
N THR C 74 21.97 -27.27 -32.37
CA THR C 74 21.65 -28.70 -32.36
C THR C 74 20.53 -29.07 -33.35
N ASP C 75 19.80 -28.05 -33.81
CA ASP C 75 18.60 -28.26 -34.62
C ASP C 75 17.54 -29.03 -33.83
N ASP C 76 17.63 -28.98 -32.51
CA ASP C 76 16.60 -29.54 -31.65
C ASP C 76 15.45 -28.55 -31.49
N ALA C 77 15.74 -27.44 -30.80
CA ALA C 77 14.75 -26.43 -30.52
C ALA C 77 14.84 -25.24 -31.48
N PHE C 78 13.89 -24.32 -31.40
CA PHE C 78 14.01 -23.04 -32.06
C PHE C 78 14.54 -22.03 -31.05
N VAL C 79 15.43 -21.14 -31.49
CA VAL C 79 15.88 -20.04 -30.64
C VAL C 79 15.26 -18.73 -31.13
N GLY C 80 14.58 -18.80 -32.27
CA GLY C 80 13.82 -17.65 -32.74
C GLY C 80 12.66 -18.11 -33.58
N GLN C 81 11.57 -17.37 -33.51
CA GLN C 81 10.41 -17.66 -34.33
C GLN C 81 9.58 -16.42 -34.56
N SER C 82 8.79 -16.46 -35.62
CA SER C 82 7.86 -15.39 -35.91
C SER C 82 6.90 -15.98 -36.93
N LEU C 83 5.68 -15.47 -36.96
CA LEU C 83 4.74 -15.97 -37.96
C LEU C 83 3.71 -14.92 -38.24
N TYR C 84 2.85 -15.16 -39.23
CA TYR C 84 1.74 -14.25 -39.43
C TYR C 84 0.42 -14.99 -39.66
N LEU C 85 -0.66 -14.32 -39.27
CA LEU C 85 -2.02 -14.81 -39.37
C LEU C 85 -2.67 -14.17 -40.58
N ASP C 86 -3.49 -14.94 -41.29
CA ASP C 86 -4.19 -14.42 -42.46
C ASP C 86 -5.43 -13.68 -41.98
N MET C 87 -5.46 -12.36 -42.12
CA MET C 87 -6.53 -11.58 -41.49
C MET C 87 -7.19 -10.60 -42.44
N GLN C 88 -8.26 -9.94 -41.97
CA GLN C 88 -8.97 -8.97 -42.76
C GLN C 88 -9.34 -7.76 -41.89
N LEU C 89 -8.87 -6.60 -42.30
CA LEU C 89 -8.95 -5.40 -41.48
C LEU C 89 -9.80 -4.35 -42.17
N THR C 90 -10.71 -3.75 -41.44
CA THR C 90 -11.52 -2.65 -41.95
C THR C 90 -10.74 -1.36 -41.87
N VAL C 91 -10.77 -0.56 -42.94
CA VAL C 91 -10.06 0.71 -42.96
C VAL C 91 -11.06 1.89 -43.09
N PRO C 92 -10.61 3.12 -42.87
CA PRO C 92 -11.59 4.20 -42.92
C PRO C 92 -12.36 4.19 -44.24
N GLY C 93 -13.68 4.27 -44.17
CA GLY C 93 -14.49 4.25 -45.39
C GLY C 93 -15.17 2.92 -45.61
N GLY C 94 -14.71 1.88 -44.91
CA GLY C 94 -15.40 0.60 -44.94
C GLY C 94 -14.77 -0.48 -45.80
N GLU C 95 -13.81 -0.12 -46.63
CA GLU C 95 -13.06 -1.13 -47.38
C GLU C 95 -12.45 -2.14 -46.41
N VAL C 96 -12.41 -3.41 -46.80
CA VAL C 96 -11.82 -4.44 -45.95
C VAL C 96 -10.62 -5.05 -46.65
N LEU C 97 -9.44 -4.89 -46.04
CA LEU C 97 -8.20 -5.33 -46.66
C LEU C 97 -7.66 -6.62 -46.06
N PRO C 98 -7.10 -7.48 -46.92
CA PRO C 98 -6.30 -8.61 -46.42
C PRO C 98 -5.02 -8.06 -45.77
N VAL C 99 -4.73 -8.50 -44.55
CA VAL C 99 -3.54 -8.07 -43.83
C VAL C 99 -2.87 -9.29 -43.17
N ALA C 100 -1.57 -9.21 -42.98
CA ALA C 100 -0.82 -10.26 -42.31
C ALA C 100 -0.64 -9.86 -40.85
N GLY C 101 -1.22 -10.65 -39.95
CA GLY C 101 -1.16 -10.35 -38.52
C GLY C 101 0.00 -11.05 -37.87
N ILE C 102 1.05 -10.30 -37.57
CA ILE C 102 2.28 -10.89 -37.05
C ILE C 102 2.00 -11.37 -35.64
N SER C 103 2.47 -12.57 -35.32
CA SER C 103 2.25 -13.09 -33.98
C SER C 103 3.30 -14.11 -33.58
N PHE C 104 3.28 -14.48 -32.29
CA PHE C 104 4.20 -15.50 -31.75
C PHE C 104 5.67 -15.18 -31.93
N VAL C 105 6.00 -13.89 -32.01
CA VAL C 105 7.37 -13.46 -32.21
C VAL C 105 8.16 -13.62 -30.93
N ALA C 106 9.29 -14.33 -31.01
CA ALA C 106 10.09 -14.58 -29.82
C ALA C 106 11.52 -14.92 -30.16
N VAL C 107 12.45 -14.40 -29.38
CA VAL C 107 13.83 -14.86 -29.44
C VAL C 107 14.25 -15.30 -28.04
N ALA C 108 14.89 -16.45 -27.95
CA ALA C 108 15.31 -17.03 -26.67
C ALA C 108 16.14 -16.05 -25.87
N PRO C 109 15.90 -15.97 -24.55
CA PRO C 109 16.69 -15.03 -23.74
C PRO C 109 18.19 -15.28 -23.88
N THR C 110 18.55 -16.50 -24.26
CA THR C 110 19.97 -16.84 -24.44
C THR C 110 20.53 -16.37 -25.78
N HIS C 111 19.68 -15.83 -26.64
CA HIS C 111 20.10 -15.53 -28.00
C HIS C 111 19.69 -14.14 -28.45
N ARG C 112 19.21 -13.34 -27.51
CA ARG C 112 18.64 -12.03 -27.83
C ARG C 112 19.72 -11.01 -28.19
N ARG C 113 19.32 -9.93 -28.85
CA ARG C 113 20.21 -8.83 -29.19
C ARG C 113 21.43 -9.28 -29.97
N ARG C 114 21.20 -10.25 -30.85
CA ARG C 114 22.23 -10.75 -31.74
C ARG C 114 21.74 -10.64 -33.19
N GLY C 115 20.59 -10.02 -33.35
CA GLY C 115 20.03 -9.77 -34.68
C GLY C 115 19.12 -10.88 -35.18
N VAL C 116 18.73 -11.79 -34.28
CA VAL C 116 17.83 -12.88 -34.67
C VAL C 116 16.48 -12.35 -35.15
N LEU C 117 15.86 -11.44 -34.39
CA LEU C 117 14.60 -10.84 -34.84
C LEU C 117 14.74 -10.17 -36.21
N ARG C 118 15.78 -9.36 -36.37
CA ARG C 118 15.95 -8.64 -37.62
C ARG C 118 16.04 -9.63 -38.78
N ALA C 119 16.79 -10.70 -38.59
CA ALA C 119 16.95 -11.69 -39.66
C ALA C 119 15.60 -12.35 -39.96
N MET C 120 14.88 -12.74 -38.91
CA MET C 120 13.57 -13.38 -39.10
C MET C 120 12.59 -12.45 -39.79
N TYR C 121 12.53 -11.22 -39.31
CA TYR C 121 11.61 -10.22 -39.84
C TYR C 121 11.91 -9.90 -41.31
N THR C 122 13.19 -9.87 -41.65
CA THR C 122 13.59 -9.64 -43.04
C THR C 122 12.98 -10.71 -43.96
N GLU C 123 13.12 -11.98 -43.56
CA GLU C 123 12.54 -13.08 -44.34
C GLU C 123 11.01 -13.03 -44.31
N LEU C 124 10.44 -12.87 -43.11
CA LEU C 124 8.99 -12.91 -42.97
C LEU C 124 8.31 -11.81 -43.79
N HIS C 125 8.89 -10.62 -43.83
CA HIS C 125 8.30 -9.55 -44.63
C HIS C 125 8.46 -9.78 -46.13
N ASP C 126 9.58 -10.35 -46.55
CA ASP C 126 9.71 -10.82 -47.93
C ASP C 126 8.55 -11.78 -48.26
N ARG C 127 8.22 -12.69 -47.33
CA ARG C 127 7.14 -13.65 -47.57
C ARG C 127 5.79 -12.96 -47.64
N ILE C 128 5.54 -12.07 -46.69
CA ILE C 128 4.31 -11.29 -46.69
C ILE C 128 4.15 -10.52 -48.00
N ALA C 129 5.20 -9.88 -48.46
CA ALA C 129 5.12 -9.09 -49.69
C ALA C 129 4.87 -9.99 -50.92
N ARG C 130 5.54 -11.14 -50.98
CA ARG C 130 5.30 -12.09 -52.06
C ARG C 130 3.88 -12.65 -52.05
N ALA C 131 3.25 -12.74 -50.88
CA ALA C 131 1.86 -13.17 -50.79
C ALA C 131 0.90 -12.04 -51.14
N GLY C 132 1.40 -10.81 -51.19
CA GLY C 132 0.64 -9.70 -51.71
C GLY C 132 -0.13 -8.83 -50.74
N TYR C 133 0.11 -8.99 -49.43
CA TYR C 133 -0.60 -8.19 -48.43
C TYR C 133 -0.22 -6.72 -48.51
N PRO C 134 -1.20 -5.84 -48.57
CA PRO C 134 -0.92 -4.40 -48.57
C PRO C 134 -0.48 -3.87 -47.19
N LEU C 135 -0.87 -4.55 -46.11
CA LEU C 135 -0.52 -4.14 -44.74
C LEU C 135 -0.11 -5.34 -43.91
N ALA C 136 0.84 -5.13 -43.00
CA ALA C 136 1.07 -6.09 -41.94
C ALA C 136 0.64 -5.39 -40.65
N VAL C 137 0.14 -6.14 -39.68
CA VAL C 137 -0.36 -5.55 -38.44
C VAL C 137 0.04 -6.38 -37.24
N LEU C 138 0.10 -5.74 -36.06
CA LEU C 138 0.46 -6.46 -34.85
C LEU C 138 0.03 -5.71 -33.59
N THR C 139 0.04 -6.40 -32.45
CA THR C 139 -0.01 -5.75 -31.15
C THR C 139 1.37 -6.01 -30.54
N ALA C 140 1.86 -5.09 -29.72
CA ALA C 140 3.25 -5.11 -29.29
C ALA C 140 3.33 -5.42 -27.81
N SER C 141 4.23 -6.31 -27.42
CA SER C 141 4.46 -6.56 -26.00
C SER C 141 5.17 -5.37 -25.33
N GLU C 142 6.04 -4.70 -26.10
CA GLU C 142 6.71 -3.48 -25.64
C GLU C 142 6.67 -2.43 -26.75
N GLY C 143 6.70 -1.15 -26.36
CA GLY C 143 6.43 -0.08 -27.30
C GLY C 143 7.62 0.38 -28.10
N GLY C 144 8.82 -0.07 -27.76
CA GLY C 144 10.02 0.37 -28.45
C GLY C 144 10.61 -0.59 -29.49
N ILE C 145 9.86 -1.59 -29.93
CA ILE C 145 10.41 -2.62 -30.81
C ILE C 145 10.24 -2.33 -32.32
N TYR C 146 9.03 -1.98 -32.72
CA TYR C 146 8.62 -2.08 -34.12
C TYR C 146 8.65 -0.80 -34.95
N GLY C 147 8.80 0.35 -34.29
CA GLY C 147 8.95 1.59 -35.02
C GLY C 147 10.04 1.44 -36.09
N ARG C 148 11.17 0.87 -35.68
CA ARG C 148 12.33 0.78 -36.56
C ARG C 148 12.07 -0.14 -37.75
N PHE C 149 11.02 -0.95 -37.66
CA PHE C 149 10.63 -1.85 -38.74
C PHE C 149 9.50 -1.27 -39.60
N GLY C 150 9.13 -0.03 -39.31
CA GLY C 150 8.13 0.65 -40.12
C GLY C 150 6.70 0.56 -39.62
N TYR C 151 6.51 0.01 -38.42
CA TYR C 151 5.18 -0.11 -37.83
C TYR C 151 4.83 1.15 -37.04
N GLY C 152 3.65 1.69 -37.28
CA GLY C 152 3.17 2.85 -36.53
C GLY C 152 2.00 2.47 -35.64
N VAL C 153 1.86 3.16 -34.53
CA VAL C 153 0.73 2.95 -33.61
C VAL C 153 -0.55 3.51 -34.24
N ALA C 154 -1.44 2.63 -34.65
CA ALA C 154 -2.63 3.02 -35.40
C ALA C 154 -3.89 3.12 -34.53
N THR C 155 -3.93 2.41 -33.41
CA THR C 155 -5.01 2.64 -32.43
C THR C 155 -4.47 2.70 -31.01
N ILE C 156 -5.26 3.32 -30.16
CA ILE C 156 -4.90 3.56 -28.77
C ILE C 156 -5.96 2.96 -27.86
N GLU C 157 -5.50 2.24 -26.84
CA GLU C 157 -6.41 1.67 -25.86
C GLU C 157 -6.20 2.39 -24.53
N GLN C 158 -7.30 2.88 -23.96
CA GLN C 158 -7.27 3.56 -22.68
C GLN C 158 -8.03 2.73 -21.67
N HIS C 159 -7.47 2.61 -20.47
CA HIS C 159 -8.17 1.92 -19.42
C HIS C 159 -9.04 2.96 -18.72
N VAL C 160 -10.32 2.69 -18.65
CA VAL C 160 -11.27 3.61 -18.07
C VAL C 160 -11.94 2.92 -16.90
N SER C 161 -12.01 3.60 -15.76
CA SER C 161 -12.63 3.00 -14.58
C SER C 161 -13.78 3.89 -14.13
N VAL C 162 -14.98 3.32 -14.03
CA VAL C 162 -16.16 4.11 -13.66
C VAL C 162 -16.60 3.81 -12.24
N ASP C 163 -16.68 4.84 -11.41
CA ASP C 163 -17.25 4.71 -10.07
C ASP C 163 -18.78 4.68 -10.23
N ARG C 164 -19.36 3.49 -10.20
CA ARG C 164 -20.79 3.36 -10.51
C ARG C 164 -21.70 3.76 -9.36
N ARG C 165 -21.15 3.99 -8.17
CA ARG C 165 -21.98 4.50 -7.08
C ARG C 165 -22.24 5.98 -7.28
N LEU C 166 -21.29 6.67 -7.89
CA LEU C 166 -21.36 8.10 -8.06
C LEU C 166 -21.81 8.53 -9.46
N ALA C 167 -21.54 7.69 -10.46
CA ALA C 167 -21.82 8.10 -11.84
C ALA C 167 -23.33 8.21 -12.02
N GLN C 168 -23.74 9.17 -12.82
CA GLN C 168 -25.15 9.42 -13.12
C GLN C 168 -25.27 9.81 -14.56
N PHE C 169 -26.32 9.33 -15.23
CA PHE C 169 -26.45 9.63 -16.66
C PHE C 169 -27.01 11.00 -16.91
N HIS C 170 -26.49 11.65 -17.94
CA HIS C 170 -26.94 12.96 -18.37
C HIS C 170 -28.42 12.91 -18.74
N PRO C 171 -29.16 13.98 -18.42
CA PRO C 171 -30.59 13.94 -18.70
C PRO C 171 -30.93 13.71 -20.19
N ALA C 172 -30.07 14.13 -21.12
CA ALA C 172 -30.34 13.93 -22.55
C ALA C 172 -30.00 12.54 -23.08
N ALA C 173 -29.30 11.74 -22.28
CA ALA C 173 -28.68 10.50 -22.78
C ALA C 173 -29.71 9.40 -23.07
N PRO C 174 -29.55 8.69 -24.19
CA PRO C 174 -30.49 7.62 -24.53
C PRO C 174 -30.73 6.65 -23.38
N ASP C 175 -31.98 6.26 -23.17
CA ASP C 175 -32.34 5.21 -22.23
C ASP C 175 -33.28 4.25 -22.96
N PRO C 176 -32.75 3.60 -24.01
CA PRO C 176 -33.53 2.80 -24.98
C PRO C 176 -34.13 1.51 -24.41
N GLY C 177 -33.58 0.98 -23.32
CA GLY C 177 -33.98 -0.33 -22.85
C GLY C 177 -33.50 -1.40 -23.80
N GLY C 178 -34.06 -2.60 -23.67
CA GLY C 178 -33.81 -3.68 -24.60
C GLY C 178 -32.65 -4.60 -24.26
N VAL C 179 -32.10 -4.48 -23.04
CA VAL C 179 -30.97 -5.31 -22.65
C VAL C 179 -31.38 -6.53 -21.85
N ARG C 180 -30.83 -7.68 -22.21
CA ARG C 180 -31.17 -8.93 -21.57
C ARG C 180 -29.93 -9.48 -20.90
N MET C 181 -30.14 -10.29 -19.87
CA MET C 181 -29.04 -11.00 -19.21
C MET C 181 -28.83 -12.34 -19.91
N LEU C 182 -27.64 -12.55 -20.45
CA LEU C 182 -27.41 -13.73 -21.30
C LEU C 182 -26.37 -14.72 -20.78
N VAL C 183 -26.58 -15.97 -21.16
CA VAL C 183 -25.55 -17.00 -21.09
C VAL C 183 -24.88 -16.86 -22.45
N PRO C 184 -23.67 -16.28 -22.48
CA PRO C 184 -23.08 -15.96 -23.78
C PRO C 184 -22.85 -17.21 -24.64
N ALA C 185 -22.39 -18.30 -24.04
CA ALA C 185 -22.13 -19.51 -24.82
C ALA C 185 -23.38 -20.05 -25.52
N ASP C 186 -24.55 -19.61 -25.10
CA ASP C 186 -25.79 -20.07 -25.74
C ASP C 186 -26.17 -19.16 -26.89
N HIS C 187 -25.37 -18.13 -27.14
CA HIS C 187 -25.73 -17.14 -28.16
C HIS C 187 -24.61 -16.83 -29.12
N ARG C 188 -23.78 -17.82 -29.44
CA ARG C 188 -22.61 -17.60 -30.27
C ARG C 188 -22.90 -16.90 -31.61
N ASP C 189 -23.92 -17.37 -32.32
CA ASP C 189 -24.19 -16.80 -33.64
C ASP C 189 -24.73 -15.37 -33.58
N GLY C 190 -25.57 -15.09 -32.58
CA GLY C 190 -26.11 -13.76 -32.43
C GLY C 190 -25.03 -12.75 -32.05
N LEU C 191 -24.20 -13.14 -31.09
CA LEU C 191 -23.07 -12.31 -30.69
C LEU C 191 -22.17 -12.08 -31.91
N ALA C 192 -21.84 -13.16 -32.60
CA ALA C 192 -20.96 -13.08 -33.76
C ALA C 192 -21.50 -12.11 -34.81
N ASP C 193 -22.82 -12.08 -34.96
CA ASP C 193 -23.37 -11.23 -36.00
C ASP C 193 -23.36 -9.77 -35.59
N ILE C 194 -23.55 -9.51 -34.30
CA ILE C 194 -23.41 -8.14 -33.80
C ILE C 194 -21.97 -7.67 -34.01
N TYR C 195 -21.00 -8.50 -33.63
CA TYR C 195 -19.60 -8.13 -33.86
C TYR C 195 -19.34 -7.87 -35.35
N ASP C 196 -19.87 -8.71 -36.21
CA ASP C 196 -19.67 -8.53 -37.65
C ASP C 196 -20.21 -7.20 -38.14
N ARG C 197 -21.39 -6.82 -37.64
CA ARG C 197 -21.97 -5.55 -38.03
C ARG C 197 -21.09 -4.39 -37.54
N TRP C 198 -20.62 -4.50 -36.29
CA TRP C 198 -19.70 -3.49 -35.77
C TRP C 198 -18.41 -3.46 -36.61
N ARG C 199 -17.89 -4.63 -36.93
CA ARG C 199 -16.65 -4.75 -37.72
C ARG C 199 -16.72 -4.04 -39.06
N ARG C 200 -17.83 -4.21 -39.77
CA ARG C 200 -17.97 -3.61 -41.07
C ARG C 200 -18.02 -2.10 -41.03
N ARG C 201 -18.39 -1.52 -39.89
CA ARG C 201 -18.47 -0.06 -39.81
C ARG C 201 -17.33 0.64 -39.04
N THR C 202 -16.42 -0.13 -38.45
CA THR C 202 -15.38 0.45 -37.60
C THR C 202 -13.96 0.13 -38.08
N PRO C 203 -13.19 1.15 -38.48
CA PRO C 203 -11.80 0.92 -38.84
C PRO C 203 -11.09 0.26 -37.66
N GLY C 204 -10.33 -0.80 -37.93
CA GLY C 204 -9.70 -1.55 -36.87
C GLY C 204 -10.44 -2.86 -36.63
N GLY C 205 -11.67 -2.94 -37.12
CA GLY C 205 -12.40 -4.19 -37.08
C GLY C 205 -11.59 -5.30 -37.74
N LEU C 206 -11.59 -6.48 -37.14
CA LEU C 206 -10.95 -7.64 -37.74
C LEU C 206 -11.97 -8.74 -37.90
N VAL C 207 -11.93 -9.48 -39.01
CA VAL C 207 -12.77 -10.66 -39.10
C VAL C 207 -12.35 -11.62 -37.99
N ARG C 208 -13.34 -12.14 -37.27
CA ARG C 208 -13.10 -13.01 -36.12
C ARG C 208 -13.66 -14.43 -36.41
N PRO C 209 -12.78 -15.39 -36.73
CA PRO C 209 -13.19 -16.75 -37.12
C PRO C 209 -13.87 -17.50 -36.00
N ASP C 210 -14.69 -18.48 -36.38
CA ASP C 210 -15.43 -19.32 -35.44
C ASP C 210 -14.53 -19.90 -34.36
N ALA C 211 -13.30 -20.21 -34.72
CA ALA C 211 -12.38 -20.79 -33.76
C ALA C 211 -12.10 -19.83 -32.62
N LEU C 212 -12.07 -18.53 -32.92
CA LEU C 212 -11.81 -17.53 -31.89
C LEU C 212 -13.04 -17.31 -31.02
N TRP C 213 -14.21 -17.28 -31.65
CA TRP C 213 -15.46 -17.16 -30.90
C TRP C 213 -15.62 -18.33 -29.93
N ASP C 214 -15.36 -19.54 -30.43
CA ASP C 214 -15.52 -20.73 -29.61
C ASP C 214 -14.60 -20.66 -28.41
N ASP C 215 -13.36 -20.26 -28.65
CA ASP C 215 -12.38 -20.19 -27.57
C ASP C 215 -12.79 -19.16 -26.51
N LEU C 216 -13.24 -18.00 -26.97
CA LEU C 216 -13.73 -16.94 -26.09
C LEU C 216 -14.90 -17.43 -25.23
N LEU C 217 -15.88 -18.07 -25.88
CA LEU C 217 -17.08 -18.51 -25.17
C LEU C 217 -16.87 -19.76 -24.32
N ALA C 218 -15.79 -20.49 -24.57
CA ALA C 218 -15.40 -21.60 -23.70
C ALA C 218 -15.05 -21.09 -22.31
N ASP C 219 -14.56 -19.86 -22.24
CA ASP C 219 -14.24 -19.20 -20.98
C ASP C 219 -13.43 -20.11 -20.06
N ARG C 220 -12.29 -20.57 -20.56
CA ARG C 220 -11.44 -21.46 -19.79
C ARG C 220 -10.82 -20.74 -18.59
N PRO C 221 -10.95 -21.34 -17.39
CA PRO C 221 -10.49 -20.72 -16.14
C PRO C 221 -9.09 -20.11 -16.26
N GLU C 222 -8.19 -20.80 -16.95
CA GLU C 222 -6.79 -20.36 -17.05
C GLU C 222 -6.62 -18.92 -17.51
N SER C 223 -7.57 -18.42 -18.29
CA SER C 223 -7.44 -17.11 -18.94
C SER C 223 -8.36 -16.04 -18.37
N ARG C 224 -8.93 -16.30 -17.20
CA ARG C 224 -9.91 -15.38 -16.64
C ARG C 224 -9.25 -14.17 -15.97
N ARG C 225 -8.05 -14.38 -15.44
CA ARG C 225 -7.29 -13.29 -14.80
C ARG C 225 -7.69 -13.04 -13.35
N GLY C 226 -8.34 -14.02 -12.72
CA GLY C 226 -8.78 -13.87 -11.34
C GLY C 226 -10.25 -13.52 -11.23
N GLY C 227 -10.79 -12.96 -12.31
CA GLY C 227 -12.23 -12.71 -12.41
C GLY C 227 -12.99 -14.02 -12.52
N GLY C 228 -14.29 -13.97 -12.26
CA GLY C 228 -15.11 -15.15 -12.37
C GLY C 228 -15.57 -15.47 -13.79
N GLU C 229 -16.46 -16.44 -13.91
CA GLU C 229 -17.07 -16.79 -15.19
C GLU C 229 -17.74 -15.60 -15.85
N LEU C 230 -17.78 -15.63 -17.18
CA LEU C 230 -18.34 -14.53 -17.96
C LEU C 230 -19.78 -14.22 -17.62
N PHE C 231 -20.12 -12.93 -17.66
CA PHE C 231 -21.49 -12.49 -17.73
C PHE C 231 -21.64 -11.81 -19.07
N ALA C 232 -22.87 -11.73 -19.58
CA ALA C 232 -23.09 -10.97 -20.80
C ALA C 232 -24.41 -10.22 -20.72
N PHE C 233 -24.38 -8.97 -21.17
CA PHE C 233 -25.59 -8.20 -21.41
C PHE C 233 -25.82 -8.21 -22.90
N GLY C 234 -27.06 -8.43 -23.31
CA GLY C 234 -27.34 -8.56 -24.72
C GLY C 234 -28.35 -7.53 -25.17
N HIS C 235 -28.12 -7.00 -26.36
CA HIS C 235 -29.03 -6.03 -26.94
C HIS C 235 -29.13 -6.40 -28.40
N GLN C 236 -30.21 -5.98 -29.03
CA GLN C 236 -30.40 -6.17 -30.46
C GLN C 236 -29.15 -5.77 -31.23
N ASP C 237 -28.58 -4.63 -30.86
CA ASP C 237 -27.48 -4.06 -31.62
C ASP C 237 -26.17 -3.97 -30.83
N GLY C 238 -25.99 -4.83 -29.83
CA GLY C 238 -24.75 -4.76 -29.07
C GLY C 238 -24.70 -5.74 -27.93
N TYR C 239 -23.50 -5.97 -27.42
CA TYR C 239 -23.36 -6.83 -26.27
C TYR C 239 -22.21 -6.37 -25.41
N ALA C 240 -22.24 -6.76 -24.15
CA ALA C 240 -21.11 -6.59 -23.25
C ALA C 240 -20.81 -7.91 -22.58
N LEU C 241 -19.56 -8.34 -22.65
CA LEU C 241 -19.09 -9.46 -21.86
C LEU C 241 -18.28 -8.87 -20.72
N TYR C 242 -18.48 -9.37 -19.51
CA TYR C 242 -17.73 -8.87 -18.38
C TYR C 242 -17.56 -9.95 -17.34
N ARG C 243 -16.60 -9.75 -16.44
CA ARG C 243 -16.40 -10.65 -15.32
C ARG C 243 -16.41 -9.81 -14.06
N VAL C 244 -16.64 -10.45 -12.92
CA VAL C 244 -16.60 -9.78 -11.64
C VAL C 244 -15.52 -10.42 -10.79
N ASP C 245 -14.78 -9.61 -10.06
CA ASP C 245 -13.99 -10.16 -8.96
C ASP C 245 -14.01 -9.28 -7.72
N ARG C 246 -13.67 -9.87 -6.58
CA ARG C 246 -13.63 -9.13 -5.33
C ARG C 246 -12.30 -9.34 -4.63
N GLY C 247 -11.34 -8.47 -4.93
CA GLY C 247 -10.06 -8.50 -4.26
C GLY C 247 -10.34 -7.76 -2.95
N PRO C 248 -9.28 -7.36 -2.25
CA PRO C 248 -9.40 -6.88 -0.86
C PRO C 248 -10.40 -5.72 -0.71
N ASP C 249 -11.54 -5.96 -0.06
CA ASP C 249 -11.90 -7.26 0.50
C ASP C 249 -13.41 -7.43 0.54
N GLY C 250 -13.92 -8.40 -0.22
CA GLY C 250 -15.35 -8.61 -0.30
C GLY C 250 -15.99 -7.59 -1.23
N ARG C 251 -15.28 -6.48 -1.47
CA ARG C 251 -15.72 -5.45 -2.39
C ARG C 251 -15.64 -5.99 -3.81
N ARG C 252 -16.69 -5.80 -4.59
CA ARG C 252 -16.71 -6.35 -5.93
C ARG C 252 -16.37 -5.31 -6.99
N SER C 253 -15.82 -5.78 -8.10
CA SER C 253 -15.43 -4.92 -9.21
C SER C 253 -15.77 -5.60 -10.54
N ALA C 254 -16.27 -4.85 -11.51
CA ALA C 254 -16.57 -5.47 -12.81
C ALA C 254 -15.59 -5.03 -13.89
N HIS C 255 -14.99 -5.98 -14.57
CA HIS C 255 -14.15 -5.65 -15.70
C HIS C 255 -14.79 -6.13 -16.99
N VAL C 256 -15.07 -5.19 -17.88
CA VAL C 256 -15.70 -5.50 -19.16
C VAL C 256 -14.62 -6.04 -20.07
N VAL C 257 -14.83 -7.26 -20.56
CA VAL C 257 -13.87 -7.92 -21.42
C VAL C 257 -14.03 -7.35 -22.81
N GLU C 258 -15.27 -7.07 -23.16
CA GLU C 258 -15.58 -6.65 -24.51
C GLU C 258 -16.96 -6.01 -24.52
N LEU C 259 -17.06 -4.81 -25.06
CA LEU C 259 -18.35 -4.18 -25.30
C LEU C 259 -18.38 -3.77 -26.75
N THR C 260 -19.27 -4.39 -27.52
CA THR C 260 -19.35 -4.13 -28.94
C THR C 260 -20.71 -3.58 -29.27
N ALA C 261 -20.76 -2.37 -29.80
CA ALA C 261 -22.05 -1.74 -30.01
C ALA C 261 -22.17 -1.19 -31.41
N VAL C 262 -23.19 -1.60 -32.13
CA VAL C 262 -23.39 -1.16 -33.51
C VAL C 262 -24.01 0.25 -33.57
N THR C 263 -24.86 0.57 -32.58
CA THR C 263 -25.56 1.85 -32.54
C THR C 263 -25.34 2.57 -31.22
N ALA C 264 -25.58 3.87 -31.21
CA ALA C 264 -25.44 4.67 -30.00
C ALA C 264 -26.44 4.26 -28.93
N ASP C 265 -27.64 3.85 -29.35
CA ASP C 265 -28.64 3.36 -28.41
C ASP C 265 -28.15 2.14 -27.66
N ALA C 266 -27.51 1.22 -28.39
CA ALA C 266 -27.01 0.00 -27.75
C ALA C 266 -25.89 0.34 -26.75
N HIS C 267 -24.96 1.17 -27.19
CA HIS C 267 -23.86 1.59 -26.32
C HIS C 267 -24.41 2.14 -25.00
N ALA C 268 -25.34 3.09 -25.10
CA ALA C 268 -25.93 3.71 -23.91
C ALA C 268 -26.67 2.68 -23.06
N ALA C 269 -27.42 1.81 -23.72
CA ALA C 269 -28.24 0.84 -23.00
C ALA C 269 -27.34 -0.10 -22.22
N LEU C 270 -26.24 -0.52 -22.86
CA LEU C 270 -25.34 -1.47 -22.24
C LEU C 270 -24.63 -0.86 -21.05
N TRP C 271 -24.25 0.41 -21.16
CA TRP C 271 -23.63 1.10 -20.04
C TRP C 271 -24.57 1.32 -18.86
N ARG C 272 -25.83 1.63 -19.15
CA ARG C 272 -26.81 1.81 -18.06
C ARG C 272 -26.99 0.51 -17.28
N ALA C 273 -26.90 -0.62 -17.98
CA ALA C 273 -27.01 -1.93 -17.35
C ALA C 273 -25.76 -2.19 -16.50
N LEU C 274 -24.60 -1.98 -17.09
CA LEU C 274 -23.34 -2.14 -16.35
C LEU C 274 -23.29 -1.28 -15.09
N LEU C 275 -23.68 -0.03 -15.22
CA LEU C 275 -23.63 0.88 -14.09
C LEU C 275 -24.80 0.63 -13.12
N GLY C 276 -25.67 -0.32 -13.47
CA GLY C 276 -26.74 -0.73 -12.59
C GLY C 276 -26.38 -1.86 -11.65
N LEU C 277 -25.17 -2.39 -11.78
CA LEU C 277 -24.73 -3.50 -10.95
C LEU C 277 -24.54 -3.10 -9.47
N ASP C 278 -25.58 -3.33 -8.67
CA ASP C 278 -25.70 -2.76 -7.32
C ASP C 278 -24.54 -3.02 -6.35
N LEU C 279 -24.01 -4.23 -6.33
CA LEU C 279 -22.97 -4.57 -5.37
C LEU C 279 -21.54 -4.39 -5.93
N ILE C 280 -21.45 -3.79 -7.11
CA ILE C 280 -20.15 -3.55 -7.73
C ILE C 280 -19.70 -2.10 -7.48
N ASP C 281 -18.46 -1.91 -7.03
CA ASP C 281 -17.94 -0.57 -6.76
C ASP C 281 -17.55 0.17 -8.04
N ARG C 282 -16.77 -0.52 -8.87
CA ARG C 282 -16.20 0.08 -10.09
C ARG C 282 -16.39 -0.82 -11.31
N VAL C 283 -16.65 -0.20 -12.45
CA VAL C 283 -16.69 -0.91 -13.72
C VAL C 283 -15.55 -0.39 -14.58
N SER C 284 -14.69 -1.30 -15.04
CA SER C 284 -13.58 -0.86 -15.89
C SER C 284 -13.63 -1.52 -17.27
N ILE C 285 -12.92 -0.89 -18.20
CA ILE C 285 -12.87 -1.33 -19.60
C ILE C 285 -11.65 -0.73 -20.30
N GLY C 286 -11.13 -1.46 -21.29
CA GLY C 286 -10.14 -0.95 -22.22
C GLY C 286 -10.86 -0.53 -23.48
N THR C 287 -10.87 0.76 -23.76
CA THR C 287 -11.65 1.26 -24.86
C THR C 287 -10.81 2.27 -25.62
N HIS C 288 -11.41 2.96 -26.58
CA HIS C 288 -10.67 3.91 -27.39
C HIS C 288 -10.84 5.34 -26.86
N PRO C 289 -9.96 6.26 -27.27
CA PRO C 289 -9.97 7.60 -26.66
C PRO C 289 -11.28 8.37 -26.81
N HIS C 290 -12.06 8.08 -27.84
CA HIS C 290 -13.26 8.89 -28.07
C HIS C 290 -14.54 8.15 -27.71
N ASP C 291 -14.45 7.20 -26.78
CA ASP C 291 -15.61 6.47 -26.34
C ASP C 291 -16.67 7.47 -25.88
N PRO C 292 -17.93 7.30 -26.33
CA PRO C 292 -18.94 8.27 -25.89
C PRO C 292 -19.24 8.26 -24.39
N LEU C 293 -18.82 7.23 -23.66
CA LEU C 293 -19.24 7.05 -22.26
C LEU C 293 -19.27 8.33 -21.41
N PRO C 294 -18.13 9.04 -21.28
CA PRO C 294 -18.15 10.22 -20.40
C PRO C 294 -19.15 11.30 -20.84
N TYR C 295 -19.45 11.34 -22.12
CA TYR C 295 -20.41 12.28 -22.66
C TYR C 295 -21.85 11.89 -22.31
N LEU C 296 -22.04 10.65 -21.86
CA LEU C 296 -23.35 10.18 -21.41
C LEU C 296 -23.62 10.52 -19.95
N LEU C 297 -22.64 11.08 -19.26
CA LEU C 297 -22.73 11.28 -17.82
C LEU C 297 -22.90 12.75 -17.44
N THR C 298 -23.56 12.98 -16.31
CA THR C 298 -23.69 14.34 -15.78
C THR C 298 -22.32 14.86 -15.35
N ASP C 299 -21.50 13.97 -14.79
CA ASP C 299 -20.13 14.33 -14.41
C ASP C 299 -19.15 13.43 -15.17
N PRO C 300 -18.54 13.95 -16.23
CA PRO C 300 -17.64 13.13 -17.06
C PRO C 300 -16.44 12.57 -16.30
N ARG C 301 -16.10 13.21 -15.18
CA ARG C 301 -14.96 12.81 -14.37
C ARG C 301 -15.11 11.42 -13.77
N GLN C 302 -16.36 10.95 -13.67
CA GLN C 302 -16.62 9.63 -13.09
C GLN C 302 -16.18 8.47 -13.99
N ALA C 303 -15.93 8.76 -15.26
CA ALA C 303 -15.32 7.81 -16.20
C ALA C 303 -13.83 8.12 -16.27
N GLN C 304 -13.08 7.48 -15.40
CA GLN C 304 -11.71 7.90 -15.13
C GLN C 304 -10.72 7.12 -15.99
N VAL C 305 -9.97 7.84 -16.84
CA VAL C 305 -8.84 7.24 -17.57
C VAL C 305 -7.69 6.99 -16.58
N THR C 306 -7.20 5.77 -16.52
CA THR C 306 -6.14 5.42 -15.58
C THR C 306 -4.86 5.01 -16.32
N ALA C 307 -4.99 4.82 -17.64
CA ALA C 307 -3.88 4.38 -18.48
C ALA C 307 -4.21 4.56 -19.95
N SER C 308 -3.17 4.68 -20.78
CA SER C 308 -3.36 4.84 -22.21
C SER C 308 -2.16 4.25 -22.91
N ALA C 309 -2.40 3.44 -23.94
CA ALA C 309 -1.28 2.79 -24.61
C ALA C 309 -1.58 2.42 -26.05
N ASP C 310 -0.52 2.20 -26.83
CA ASP C 310 -0.65 1.72 -28.19
C ASP C 310 -1.42 0.40 -28.15
N ASP C 311 -2.27 0.17 -29.14
CA ASP C 311 -2.97 -1.11 -29.28
C ASP C 311 -2.58 -1.72 -30.63
N LEU C 312 -3.29 -1.36 -31.69
CA LEU C 312 -2.92 -1.87 -33.02
C LEU C 312 -1.75 -1.11 -33.63
N TRP C 313 -0.76 -1.84 -34.16
CA TRP C 313 0.29 -1.25 -34.97
C TRP C 313 0.12 -1.69 -36.42
N ILE C 314 0.40 -0.79 -37.35
CA ILE C 314 0.30 -1.10 -38.78
C ILE C 314 1.58 -0.77 -39.52
N ARG C 315 2.05 -1.69 -40.36
CA ARG C 315 3.09 -1.37 -41.33
C ARG C 315 2.47 -1.43 -42.73
N ILE C 316 2.50 -0.31 -43.43
CA ILE C 316 2.02 -0.32 -44.80
C ILE C 316 3.07 -0.98 -45.69
N MET C 317 2.69 -2.08 -46.37
CA MET C 317 3.62 -2.78 -47.28
C MET C 317 3.52 -2.24 -48.70
N ASN C 318 2.32 -1.80 -49.07
CA ASN C 318 2.04 -1.32 -50.41
C ASN C 318 1.38 0.02 -50.29
N VAL C 319 2.17 1.08 -50.44
CA VAL C 319 1.66 2.43 -50.19
C VAL C 319 0.49 2.83 -51.08
N PRO C 320 0.61 2.64 -52.41
CA PRO C 320 -0.51 3.01 -53.29
C PRO C 320 -1.78 2.24 -52.93
N ALA C 321 -1.66 0.93 -52.77
CA ALA C 321 -2.82 0.09 -52.46
C ALA C 321 -3.48 0.50 -51.15
N ALA C 322 -2.67 0.68 -50.11
CA ALA C 322 -3.18 1.09 -48.80
C ALA C 322 -3.87 2.44 -48.87
N LEU C 323 -3.22 3.43 -49.45
CA LEU C 323 -3.80 4.78 -49.43
C LEU C 323 -5.04 4.88 -50.32
N GLU C 324 -5.06 4.15 -51.42
CA GLU C 324 -6.23 4.18 -52.29
C GLU C 324 -7.40 3.41 -51.71
N ALA C 325 -7.11 2.44 -50.86
CA ALA C 325 -8.14 1.62 -50.23
C ALA C 325 -9.02 2.38 -49.25
N ARG C 326 -8.45 3.34 -48.52
CA ARG C 326 -9.24 4.06 -47.52
C ARG C 326 -9.85 5.34 -48.06
N ARG C 327 -10.83 5.87 -47.33
CA ARG C 327 -11.44 7.16 -47.67
C ARG C 327 -10.94 8.24 -46.73
N TYR C 328 -11.05 9.48 -47.20
CA TYR C 328 -10.46 10.64 -46.54
C TYR C 328 -11.48 11.73 -46.25
N GLN C 329 -11.17 12.60 -45.31
CA GLN C 329 -12.14 13.55 -44.78
C GLN C 329 -12.01 14.94 -45.39
N ALA C 330 -11.02 15.11 -46.24
CA ALA C 330 -10.79 16.40 -46.87
C ALA C 330 -10.02 16.16 -48.14
N ASP C 331 -9.99 17.16 -49.02
CA ASP C 331 -9.30 16.99 -50.28
C ASP C 331 -7.85 17.44 -50.17
N LEU C 332 -7.02 16.92 -51.06
CA LEU C 332 -5.59 17.14 -50.97
C LEU C 332 -4.94 16.87 -52.31
N ASP C 333 -3.79 17.50 -52.54
CA ASP C 333 -3.01 17.27 -53.75
C ASP C 333 -1.55 17.55 -53.42
N VAL C 334 -0.78 16.50 -53.17
CA VAL C 334 0.59 16.64 -52.69
C VAL C 334 1.48 15.56 -53.27
N VAL C 335 2.79 15.74 -53.09
CA VAL C 335 3.73 14.65 -53.34
C VAL C 335 4.28 14.23 -51.99
N LEU C 336 4.21 12.94 -51.69
CA LEU C 336 4.77 12.39 -50.47
C LEU C 336 6.08 11.69 -50.74
N ASP C 337 7.09 11.96 -49.91
CA ASP C 337 8.29 11.14 -49.90
C ASP C 337 8.26 10.30 -48.63
N VAL C 338 8.02 9.00 -48.80
CA VAL C 338 7.88 8.08 -47.67
C VAL C 338 9.21 7.37 -47.41
N ALA C 339 9.77 7.55 -46.22
CA ALA C 339 11.06 6.95 -45.92
C ALA C 339 10.89 5.59 -45.25
N ASP C 340 11.53 4.58 -45.84
CA ASP C 340 11.51 3.23 -45.31
C ASP C 340 12.94 2.80 -45.04
N GLY C 341 13.32 2.73 -43.76
CA GLY C 341 14.68 2.34 -43.43
C GLY C 341 14.85 0.84 -43.24
N PHE C 342 13.81 0.08 -43.55
CA PHE C 342 13.86 -1.36 -43.33
C PHE C 342 13.83 -2.12 -44.64
N ARG C 343 12.83 -1.80 -45.46
CA ARG C 343 12.72 -2.41 -46.79
C ARG C 343 12.77 -1.30 -47.83
N SER C 344 12.14 -1.51 -48.97
CA SER C 344 12.11 -0.48 -50.01
C SER C 344 10.69 -0.21 -50.44
N ASP C 345 9.80 -0.07 -49.46
CA ASP C 345 8.36 0.11 -49.71
C ASP C 345 7.95 1.57 -49.68
N GLY C 346 8.92 2.46 -49.49
CA GLY C 346 8.70 3.90 -49.57
C GLY C 346 8.97 4.47 -50.95
N GLY C 347 9.35 5.74 -51.01
CA GLY C 347 9.56 6.43 -52.27
C GLY C 347 8.71 7.69 -52.37
N ARG C 348 8.64 8.28 -53.57
CA ARG C 348 7.83 9.47 -53.76
C ARG C 348 6.54 9.10 -54.45
N PHE C 349 5.43 9.60 -53.93
CA PHE C 349 4.12 9.25 -54.44
C PHE C 349 3.30 10.51 -54.61
N ALA C 350 2.61 10.59 -55.74
CA ALA C 350 1.64 11.64 -55.97
C ALA C 350 0.34 11.20 -55.31
N LEU C 351 -0.10 11.97 -54.32
CA LEU C 351 -1.34 11.67 -53.63
C LEU C 351 -2.39 12.73 -53.94
N GLN C 352 -3.38 12.34 -54.74
CA GLN C 352 -4.47 13.23 -55.12
C GLN C 352 -5.77 12.75 -54.49
N ILE C 353 -6.32 13.56 -53.59
CA ILE C 353 -7.53 13.19 -52.87
C ILE C 353 -8.69 14.10 -53.24
N SER C 354 -9.71 13.51 -53.84
CA SER C 354 -10.85 14.26 -54.33
C SER C 354 -12.15 13.56 -53.97
N GLY C 355 -13.06 14.28 -53.33
CA GLY C 355 -14.31 13.71 -52.91
C GLY C 355 -14.06 12.62 -51.89
N GLY C 356 -13.06 12.84 -51.04
CA GLY C 356 -12.72 11.88 -50.01
C GLY C 356 -12.14 10.60 -50.59
N ARG C 357 -11.68 10.65 -51.84
CA ARG C 357 -11.19 9.45 -52.52
C ARG C 357 -9.80 9.67 -53.09
N ALA C 358 -8.90 8.71 -52.87
CA ALA C 358 -7.49 8.91 -53.21
C ALA C 358 -7.01 8.18 -54.46
N ARG C 359 -6.16 8.87 -55.23
CA ARG C 359 -5.34 8.22 -56.24
C ARG C 359 -3.90 8.41 -55.80
N CYS C 360 -3.18 7.31 -55.67
CA CYS C 360 -1.81 7.38 -55.20
C CYS C 360 -0.89 6.67 -56.17
N THR C 361 -0.10 7.45 -56.89
CA THR C 361 0.75 6.92 -57.94
C THR C 361 2.18 7.34 -57.70
N THR C 362 3.10 6.41 -57.85
CA THR C 362 4.52 6.71 -57.69
C THR C 362 4.97 7.76 -58.71
N THR C 363 5.82 8.70 -58.29
CA THR C 363 6.29 9.78 -59.17
C THR C 363 7.76 10.12 -58.95
N ASP C 364 8.35 10.82 -59.92
CA ASP C 364 9.72 11.33 -59.82
C ASP C 364 9.67 12.77 -59.33
N ALA C 365 8.48 13.36 -59.34
CA ALA C 365 8.30 14.74 -58.90
C ALA C 365 8.79 14.95 -57.47
N PRO C 366 9.26 16.18 -57.17
CA PRO C 366 9.75 16.54 -55.83
C PRO C 366 8.63 16.62 -54.79
N ALA C 367 8.96 16.31 -53.55
CA ALA C 367 7.94 16.14 -52.51
C ALA C 367 7.58 17.43 -51.80
N ASP C 368 6.30 17.54 -51.41
CA ASP C 368 5.82 18.62 -50.56
C ASP C 368 5.95 18.21 -49.09
N ILE C 369 5.79 16.92 -48.85
CA ILE C 369 5.80 16.36 -47.50
C ILE C 369 6.70 15.14 -47.45
N GLU C 370 7.62 15.13 -46.49
CA GLU C 370 8.42 13.95 -46.22
C GLU C 370 7.90 13.27 -44.94
N ILE C 371 7.69 11.97 -44.99
CA ILE C 371 7.10 11.26 -43.85
C ILE C 371 7.78 9.91 -43.65
N ASP C 372 7.96 9.50 -42.40
CA ASP C 372 8.50 8.17 -42.14
C ASP C 372 7.41 7.11 -42.38
N LEU C 373 7.80 5.96 -42.92
CA LEU C 373 6.84 4.90 -43.19
C LEU C 373 5.99 4.58 -41.95
N ASP C 374 6.62 4.47 -40.79
CA ASP C 374 5.86 4.16 -39.56
C ASP C 374 4.82 5.22 -39.23
N VAL C 375 5.18 6.47 -39.45
CA VAL C 375 4.27 7.57 -39.22
C VAL C 375 3.03 7.44 -40.12
N LEU C 376 3.25 7.05 -41.37
CA LEU C 376 2.13 6.90 -42.31
C LEU C 376 1.19 5.78 -41.85
N GLY C 377 1.75 4.67 -41.40
CA GLY C 377 0.94 3.62 -40.80
C GLY C 377 0.20 4.13 -39.56
N GLY C 378 0.87 4.94 -38.76
CA GLY C 378 0.25 5.42 -37.53
C GLY C 378 -0.94 6.32 -37.80
N LEU C 379 -0.88 7.08 -38.87
CA LEU C 379 -1.97 7.99 -39.21
C LEU C 379 -3.11 7.28 -39.93
N TYR C 380 -2.83 6.05 -40.36
CA TYR C 380 -3.68 5.39 -41.36
C TYR C 380 -5.13 5.17 -40.92
N LEU C 381 -5.38 5.04 -39.62
CA LEU C 381 -6.75 4.80 -39.14
C LEU C 381 -7.36 6.04 -38.48
N GLY C 382 -6.69 7.17 -38.60
CA GLY C 382 -7.19 8.42 -38.06
C GLY C 382 -6.81 8.73 -36.62
N ALA C 383 -5.83 8.03 -36.05
CA ALA C 383 -5.58 8.09 -34.60
C ALA C 383 -4.80 9.29 -34.03
N HIS C 384 -4.01 9.99 -34.84
CA HIS C 384 -3.15 11.04 -34.28
C HIS C 384 -3.37 12.40 -34.94
N ARG C 385 -2.76 13.43 -34.37
CA ARG C 385 -2.55 14.68 -35.09
C ARG C 385 -1.16 14.63 -35.68
N VAL C 386 -0.91 15.48 -36.67
CA VAL C 386 0.39 15.55 -37.32
C VAL C 386 1.42 16.27 -36.45
N ASP C 387 0.93 17.09 -35.53
CA ASP C 387 1.77 17.96 -34.70
C ASP C 387 2.88 17.25 -33.95
N GLY C 388 2.56 16.18 -33.24
CA GLY C 388 3.55 15.47 -32.48
C GLY C 388 4.62 14.87 -33.39
N PHE C 389 4.19 14.26 -34.48
CA PHE C 389 5.16 13.62 -35.39
C PHE C 389 6.04 14.70 -36.02
N ALA C 390 5.45 15.83 -36.37
CA ALA C 390 6.20 16.93 -36.96
C ALA C 390 7.25 17.49 -36.00
N ALA C 391 6.86 17.75 -34.75
CA ALA C 391 7.81 18.25 -33.76
C ALA C 391 8.98 17.31 -33.60
N ALA C 392 8.72 16.01 -33.77
CA ALA C 392 9.76 14.99 -33.56
C ALA C 392 10.62 14.82 -34.80
N ASN C 393 10.35 15.61 -35.83
CA ASN C 393 11.09 15.49 -37.09
C ASN C 393 10.87 14.14 -37.78
N ARG C 394 9.71 13.55 -37.57
CA ARG C 394 9.41 12.27 -38.20
C ARG C 394 8.44 12.49 -39.36
N LEU C 395 7.99 13.73 -39.47
CA LEU C 395 7.10 14.19 -40.52
C LEU C 395 7.59 15.62 -40.78
N ARG C 396 7.75 15.98 -42.05
CA ARG C 396 8.48 17.20 -42.40
C ARG C 396 7.82 17.90 -43.60
N SER C 397 7.70 19.23 -43.51
CA SER C 397 7.22 20.04 -44.63
C SER C 397 7.53 21.53 -44.43
N LYS C 398 7.95 22.19 -45.50
CA LYS C 398 8.18 23.63 -45.44
C LYS C 398 6.84 24.36 -45.31
N ASP C 399 5.82 23.85 -45.99
CA ASP C 399 4.50 24.46 -45.95
C ASP C 399 3.66 23.92 -44.80
N SER C 400 3.77 24.55 -43.63
CA SER C 400 3.18 24.01 -42.41
C SER C 400 1.66 23.89 -42.47
N GLU C 401 1.03 24.69 -43.32
CA GLU C 401 -0.42 24.61 -43.45
C GLU C 401 -0.78 23.40 -44.29
N LEU C 402 0.12 22.99 -45.15
CA LEU C 402 -0.09 21.78 -45.93
C LEU C 402 -0.11 20.56 -45.02
N LEU C 403 0.70 20.59 -43.97
CA LEU C 403 0.73 19.48 -43.02
C LEU C 403 -0.61 19.32 -42.34
N GLN C 404 -1.21 20.45 -41.97
CA GLN C 404 -2.53 20.43 -41.32
C GLN C 404 -3.58 19.87 -42.25
N GLN C 405 -3.49 20.20 -43.53
CA GLN C 405 -4.44 19.68 -44.50
C GLN C 405 -4.23 18.18 -44.68
N PHE C 406 -2.97 17.76 -44.65
CA PHE C 406 -2.63 16.34 -44.70
C PHE C 406 -3.28 15.65 -43.50
N GLY C 407 -3.10 16.23 -42.32
CA GLY C 407 -3.72 15.71 -41.12
C GLY C 407 -5.25 15.67 -41.21
N ALA C 408 -5.83 16.72 -41.78
CA ALA C 408 -7.28 16.78 -41.89
C ALA C 408 -7.80 15.65 -42.77
N ALA C 409 -7.10 15.39 -43.86
CA ALA C 409 -7.52 14.37 -44.81
C ALA C 409 -7.50 12.98 -44.17
N PHE C 410 -6.43 12.70 -43.43
CA PHE C 410 -6.25 11.39 -42.82
C PHE C 410 -7.10 11.11 -41.58
N ALA C 411 -7.80 12.15 -41.10
CA ALA C 411 -8.78 11.96 -40.04
C ALA C 411 -9.87 10.97 -40.48
N GLY C 412 -10.52 10.32 -39.51
CA GLY C 412 -11.56 9.36 -39.80
C GLY C 412 -12.93 9.89 -39.43
N ASP C 413 -13.98 9.33 -40.03
CA ASP C 413 -15.34 9.74 -39.67
C ASP C 413 -15.90 8.83 -38.57
N MET C 414 -15.23 7.71 -38.34
CA MET C 414 -15.57 6.83 -37.22
C MET C 414 -14.30 6.51 -36.43
N PRO C 415 -14.35 6.70 -35.10
CA PRO C 415 -13.19 6.39 -34.26
C PRO C 415 -12.72 4.95 -34.45
N ALA C 416 -11.43 4.77 -34.69
CA ALA C 416 -10.85 3.45 -34.91
C ALA C 416 -10.71 2.68 -33.61
N GLU C 417 -10.93 1.36 -33.66
CA GLU C 417 -10.72 0.49 -32.52
C GLU C 417 -10.47 -0.94 -32.98
N LEU C 418 -9.37 -1.53 -32.50
CA LEU C 418 -9.02 -2.91 -32.80
C LEU C 418 -10.12 -3.90 -32.37
N GLY C 419 -10.57 -4.70 -33.33
CA GLY C 419 -11.62 -5.69 -33.04
C GLY C 419 -11.28 -6.59 -31.87
N TYR C 420 -10.08 -7.15 -31.86
CA TYR C 420 -9.68 -8.05 -30.79
C TYR C 420 -8.17 -8.17 -30.77
N GLY C 421 -7.59 -8.47 -29.61
CA GLY C 421 -6.16 -8.66 -29.48
C GLY C 421 -5.68 -9.95 -30.11
N PHE C 422 -4.44 -9.92 -30.61
CA PHE C 422 -3.84 -11.06 -31.28
C PHE C 422 -2.32 -10.87 -31.23
N MET D 21 -32.01 32.99 1.15
CA MET D 21 -33.21 33.80 1.29
C MET D 21 -34.18 33.59 0.15
N ILE D 22 -33.73 33.85 -1.08
CA ILE D 22 -32.33 34.21 -1.39
C ILE D 22 -32.26 35.49 -2.19
N THR D 23 -31.55 36.49 -1.67
CA THR D 23 -31.50 37.79 -2.34
C THR D 23 -30.07 38.28 -2.57
N PRO D 24 -29.50 37.95 -3.74
CA PRO D 24 -28.11 38.35 -4.01
C PRO D 24 -27.99 39.86 -4.19
N ARG D 25 -26.78 40.37 -4.00
CA ARG D 25 -26.46 41.73 -4.40
C ARG D 25 -25.07 41.76 -5.04
N THR D 26 -24.85 42.77 -5.86
CA THR D 26 -23.57 42.91 -6.56
C THR D 26 -22.76 44.01 -5.90
N LEU D 27 -21.55 43.68 -5.47
CA LEU D 27 -20.65 44.71 -4.95
C LEU D 27 -20.10 45.52 -6.12
N HIS D 28 -20.24 46.84 -6.02
CA HIS D 28 -19.66 47.73 -7.00
C HIS D 28 -18.14 47.63 -6.96
N THR D 29 -17.56 47.74 -5.75
CA THR D 29 -16.17 47.37 -5.55
C THR D 29 -16.05 46.42 -4.36
N ILE D 30 -14.86 45.84 -4.19
CA ILE D 30 -14.57 45.00 -3.05
C ILE D 30 -13.72 45.76 -2.02
N THR D 31 -14.26 45.96 -0.82
CA THR D 31 -13.53 46.62 0.26
C THR D 31 -12.71 45.58 0.99
N ASP D 32 -11.68 46.03 1.71
CA ASP D 32 -10.90 45.12 2.54
C ASP D 32 -11.82 44.36 3.46
N ASP D 33 -12.84 45.04 3.97
CA ASP D 33 -13.81 44.38 4.84
C ASP D 33 -14.55 43.27 4.08
N ASP D 34 -14.99 43.58 2.86
CA ASP D 34 -15.66 42.58 2.04
C ASP D 34 -14.73 41.41 1.76
N TRP D 35 -13.47 41.71 1.45
CA TRP D 35 -12.56 40.64 1.06
C TRP D 35 -12.34 39.67 2.21
N THR D 36 -12.27 40.22 3.42
CA THR D 36 -12.14 39.39 4.61
C THR D 36 -13.31 38.42 4.72
N ARG D 37 -14.50 38.91 4.39
CA ARG D 37 -15.70 38.09 4.41
C ARG D 37 -15.63 37.02 3.32
N ILE D 38 -15.14 37.42 2.17
CA ILE D 38 -14.97 36.49 1.05
C ILE D 38 -13.95 35.39 1.37
N ALA D 39 -12.89 35.74 2.08
CA ALA D 39 -11.87 34.75 2.43
C ALA D 39 -12.41 33.82 3.50
N LEU D 40 -13.21 34.33 4.43
CA LEU D 40 -13.79 33.46 5.45
C LEU D 40 -14.67 32.38 4.83
N LEU D 41 -15.61 32.79 3.97
CA LEU D 41 -16.53 31.83 3.37
C LEU D 41 -15.77 30.84 2.48
N ALA D 42 -14.86 31.36 1.67
CA ALA D 42 -14.08 30.49 0.78
C ALA D 42 -13.36 29.39 1.58
N ARG D 43 -12.65 29.78 2.63
CA ARG D 43 -11.93 28.78 3.43
C ARG D 43 -12.85 27.69 3.96
N PHE D 44 -13.99 28.09 4.51
CA PHE D 44 -14.97 27.12 5.01
C PHE D 44 -15.49 26.22 3.90
N ALA D 45 -15.97 26.81 2.81
CA ALA D 45 -16.64 26.05 1.76
C ALA D 45 -15.68 25.08 1.08
N PHE D 46 -14.43 25.50 0.91
CA PHE D 46 -13.41 24.71 0.24
C PHE D 46 -12.61 23.82 1.20
N GLY D 47 -12.54 24.20 2.47
CA GLY D 47 -11.79 23.43 3.44
C GLY D 47 -10.37 23.91 3.58
N ASP D 48 -9.99 24.87 2.76
CA ASP D 48 -8.70 25.54 2.84
C ASP D 48 -8.68 26.70 1.87
N ILE D 49 -7.62 27.50 1.90
CA ILE D 49 -7.55 28.70 1.08
C ILE D 49 -6.09 29.03 0.82
N GLU D 50 -5.81 29.65 -0.33
CA GLU D 50 -4.45 30.03 -0.70
C GLU D 50 -3.95 31.11 0.25
N PRO D 51 -2.63 31.39 0.23
CA PRO D 51 -2.07 32.43 1.09
C PRO D 51 -2.57 33.83 0.74
N GLU D 52 -2.38 34.76 1.67
CA GLU D 52 -2.89 36.11 1.52
C GLU D 52 -2.39 36.80 0.26
N GLN D 53 -1.13 36.60 -0.08
CA GLN D 53 -0.54 37.25 -1.24
C GLN D 53 -1.16 36.72 -2.52
N THR D 54 -1.46 35.43 -2.54
CA THR D 54 -2.14 34.81 -3.65
C THR D 54 -3.55 35.37 -3.80
N GLN D 55 -4.28 35.47 -2.70
CA GLN D 55 -5.63 36.06 -2.74
C GLN D 55 -5.57 37.46 -3.31
N ALA D 56 -4.63 38.26 -2.82
CA ALA D 56 -4.50 39.63 -3.26
C ALA D 56 -4.30 39.74 -4.76
N ALA D 57 -3.49 38.84 -5.31
CA ALA D 57 -3.22 38.85 -6.75
C ALA D 57 -4.50 38.57 -7.53
N TRP D 58 -5.28 37.60 -7.08
CA TRP D 58 -6.57 37.36 -7.74
C TRP D 58 -7.46 38.60 -7.58
N ARG D 59 -7.60 39.05 -6.35
CA ARG D 59 -8.45 40.22 -6.08
C ARG D 59 -8.11 41.37 -7.03
N SER D 60 -6.83 41.55 -7.35
CA SER D 60 -6.41 42.65 -8.23
C SER D 60 -6.94 42.56 -9.66
N MET D 61 -7.40 41.39 -10.08
CA MET D 61 -7.96 41.24 -11.43
C MET D 61 -9.48 41.39 -11.49
N VAL D 62 -10.10 41.62 -10.34
CA VAL D 62 -11.56 41.78 -10.30
C VAL D 62 -11.94 43.22 -10.66
N PRO D 63 -12.67 43.40 -11.76
CA PRO D 63 -13.13 44.73 -12.18
C PRO D 63 -14.37 45.18 -11.39
N GLU D 64 -14.94 46.30 -11.81
CA GLU D 64 -16.12 46.86 -11.15
C GLU D 64 -17.34 45.95 -11.31
N ASP D 65 -18.16 45.86 -10.26
CA ASP D 65 -19.47 45.22 -10.41
C ASP D 65 -19.35 43.74 -10.80
N ALA D 66 -18.36 43.07 -10.22
CA ALA D 66 -18.02 41.74 -10.70
C ALA D 66 -18.05 40.72 -9.56
N THR D 67 -18.64 41.10 -8.43
CA THR D 67 -18.75 40.21 -7.27
C THR D 67 -20.20 40.11 -6.79
N VAL D 68 -20.72 38.89 -6.72
CA VAL D 68 -22.09 38.65 -6.28
C VAL D 68 -22.09 37.87 -4.99
N VAL D 69 -22.79 38.39 -3.98
CA VAL D 69 -22.83 37.75 -2.67
C VAL D 69 -24.25 37.62 -2.11
N VAL D 70 -24.39 36.71 -1.16
CA VAL D 70 -25.62 36.57 -0.40
C VAL D 70 -25.26 36.65 1.07
N PRO D 71 -25.71 37.72 1.74
CA PRO D 71 -25.42 38.01 3.15
C PRO D 71 -26.06 36.99 4.07
N ASP D 72 -25.50 36.82 5.26
CA ASP D 72 -26.16 36.03 6.29
C ASP D 72 -27.25 36.90 6.90
N GLU D 73 -27.97 36.37 7.88
CA GLU D 73 -29.12 37.07 8.46
C GLU D 73 -28.78 38.48 8.93
N THR D 74 -27.57 38.66 9.44
CA THR D 74 -27.17 39.91 10.06
C THR D 74 -26.39 40.82 9.14
N ASP D 75 -26.06 40.33 7.96
CA ASP D 75 -25.18 41.06 7.04
C ASP D 75 -23.84 41.40 7.71
N ASP D 76 -23.26 40.42 8.39
CA ASP D 76 -21.88 40.51 8.89
C ASP D 76 -20.98 39.48 8.22
N ALA D 77 -21.59 38.60 7.43
CA ALA D 77 -20.86 37.55 6.71
C ALA D 77 -21.66 37.16 5.47
N PHE D 78 -21.02 36.43 4.56
CA PHE D 78 -21.69 35.95 3.38
C PHE D 78 -21.96 34.47 3.58
N VAL D 79 -23.07 33.98 3.04
CA VAL D 79 -23.34 32.56 3.02
C VAL D 79 -23.24 32.08 1.58
N GLY D 80 -23.03 33.03 0.67
CA GLY D 80 -22.82 32.72 -0.73
C GLY D 80 -22.00 33.80 -1.40
N GLN D 81 -21.16 33.41 -2.34
CA GLN D 81 -20.36 34.37 -3.08
C GLN D 81 -19.97 33.83 -4.45
N SER D 82 -19.64 34.74 -5.36
CA SER D 82 -19.12 34.39 -6.67
C SER D 82 -18.60 35.69 -7.27
N LEU D 83 -17.54 35.62 -8.05
CA LEU D 83 -17.04 36.81 -8.71
C LEU D 83 -16.42 36.45 -10.04
N TYR D 84 -16.04 37.45 -10.82
CA TYR D 84 -15.27 37.13 -12.01
C TYR D 84 -14.03 38.01 -12.18
N LEU D 85 -13.05 37.45 -12.86
CA LEU D 85 -11.79 38.14 -13.15
C LEU D 85 -11.79 38.68 -14.55
N ASP D 86 -11.23 39.86 -14.73
CA ASP D 86 -11.16 40.44 -16.06
C ASP D 86 -9.96 39.82 -16.77
N MET D 87 -10.21 39.01 -17.78
CA MET D 87 -9.17 38.17 -18.37
C MET D 87 -9.16 38.27 -19.89
N GLN D 88 -8.15 37.67 -20.51
CA GLN D 88 -8.01 37.71 -21.96
C GLN D 88 -7.52 36.39 -22.52
N LEU D 89 -8.34 35.78 -23.36
CA LEU D 89 -8.13 34.40 -23.79
C LEU D 89 -7.81 34.35 -25.27
N THR D 90 -6.81 33.56 -25.63
CA THR D 90 -6.51 33.35 -27.04
C THR D 90 -7.41 32.26 -27.59
N VAL D 91 -8.05 32.52 -28.73
CA VAL D 91 -8.89 31.51 -29.36
C VAL D 91 -8.23 31.04 -30.66
N PRO D 92 -8.78 29.99 -31.30
CA PRO D 92 -8.14 29.45 -32.51
C PRO D 92 -8.05 30.49 -33.61
N GLY D 93 -6.88 30.62 -34.22
CA GLY D 93 -6.66 31.66 -35.21
C GLY D 93 -5.90 32.83 -34.60
N GLY D 94 -5.88 32.92 -33.28
CA GLY D 94 -5.07 33.91 -32.61
C GLY D 94 -5.74 35.16 -32.05
N GLU D 95 -7.00 35.41 -32.37
CA GLU D 95 -7.66 36.57 -31.75
C GLU D 95 -7.70 36.39 -30.24
N VAL D 96 -7.46 37.48 -29.53
CA VAL D 96 -7.53 37.50 -28.07
C VAL D 96 -8.82 38.19 -27.67
N LEU D 97 -9.67 37.46 -26.92
CA LEU D 97 -10.94 38.00 -26.45
C LEU D 97 -10.89 38.35 -24.98
N PRO D 98 -11.55 39.45 -24.62
CA PRO D 98 -11.87 39.69 -23.21
C PRO D 98 -12.80 38.59 -22.73
N VAL D 99 -12.51 38.01 -21.57
CA VAL D 99 -13.39 37.01 -20.99
C VAL D 99 -13.52 37.20 -19.50
N ALA D 100 -14.61 36.69 -18.95
CA ALA D 100 -14.89 36.81 -17.54
C ALA D 100 -14.56 35.49 -16.88
N GLY D 101 -13.55 35.50 -16.02
CA GLY D 101 -13.10 34.28 -15.37
C GLY D 101 -13.73 34.15 -14.00
N ILE D 102 -14.68 33.23 -13.89
CA ILE D 102 -15.39 33.03 -12.63
C ILE D 102 -14.45 32.43 -11.60
N SER D 103 -14.50 32.93 -10.39
CA SER D 103 -13.65 32.40 -9.34
C SER D 103 -14.27 32.64 -7.99
N PHE D 104 -13.63 32.09 -6.96
CA PHE D 104 -14.08 32.19 -5.58
C PHE D 104 -15.55 31.86 -5.38
N VAL D 105 -16.05 30.88 -6.12
CA VAL D 105 -17.44 30.45 -5.96
C VAL D 105 -17.61 29.58 -4.73
N ALA D 106 -18.49 30.01 -3.83
CA ALA D 106 -18.68 29.32 -2.55
C ALA D 106 -20.08 29.53 -1.95
N VAL D 107 -20.66 28.45 -1.47
CA VAL D 107 -21.89 28.50 -0.67
C VAL D 107 -21.63 27.77 0.63
N ALA D 108 -22.05 28.35 1.75
CA ALA D 108 -21.77 27.76 3.06
C ALA D 108 -22.33 26.34 3.12
N PRO D 109 -21.55 25.43 3.70
CA PRO D 109 -22.06 24.06 3.78
C PRO D 109 -23.41 24.04 4.52
N THR D 110 -23.70 25.07 5.30
CA THR D 110 -24.97 25.15 6.02
C THR D 110 -26.11 25.65 5.13
N HIS D 111 -25.78 26.11 3.93
CA HIS D 111 -26.78 26.72 3.05
C HIS D 111 -26.83 26.11 1.65
N ARG D 112 -26.21 24.95 1.49
CA ARG D 112 -26.02 24.35 0.17
C ARG D 112 -27.28 23.63 -0.33
N ARG D 113 -27.32 23.37 -1.62
CA ARG D 113 -28.47 22.69 -2.24
C ARG D 113 -29.80 23.34 -1.87
N ARG D 114 -29.82 24.66 -1.82
CA ARG D 114 -31.05 25.42 -1.62
C ARG D 114 -31.22 26.42 -2.76
N GLY D 115 -30.31 26.35 -3.73
CA GLY D 115 -30.39 27.19 -4.90
C GLY D 115 -29.61 28.48 -4.79
N VAL D 116 -28.73 28.60 -3.80
CA VAL D 116 -27.99 29.84 -3.68
C VAL D 116 -26.99 30.07 -4.84
N LEU D 117 -26.29 29.04 -5.28
CA LEU D 117 -25.41 29.18 -6.45
C LEU D 117 -26.19 29.66 -7.67
N ARG D 118 -27.30 28.98 -7.95
CA ARG D 118 -28.12 29.32 -9.10
C ARG D 118 -28.58 30.78 -9.04
N ALA D 119 -29.03 31.21 -7.87
CA ALA D 119 -29.45 32.60 -7.72
C ALA D 119 -28.28 33.54 -7.97
N MET D 120 -27.12 33.27 -7.37
CA MET D 120 -25.92 34.09 -7.62
C MET D 120 -25.49 34.06 -9.09
N TYR D 121 -25.51 32.87 -9.69
CA TYR D 121 -25.07 32.74 -11.07
C TYR D 121 -25.98 33.52 -12.01
N THR D 122 -27.26 33.61 -11.67
CA THR D 122 -28.18 34.36 -12.52
C THR D 122 -27.81 35.83 -12.56
N GLU D 123 -27.54 36.41 -11.39
CA GLU D 123 -27.12 37.81 -11.32
C GLU D 123 -25.71 38.03 -11.90
N LEU D 124 -24.78 37.15 -11.54
CA LEU D 124 -23.39 37.31 -12.02
C LEU D 124 -23.32 37.31 -13.54
N HIS D 125 -24.07 36.41 -14.17
CA HIS D 125 -24.01 36.32 -15.61
C HIS D 125 -24.71 37.48 -16.30
N ASP D 126 -25.76 38.02 -15.64
CA ASP D 126 -26.32 39.28 -16.10
C ASP D 126 -25.25 40.37 -16.10
N ARG D 127 -24.43 40.42 -15.06
CA ARG D 127 -23.35 41.40 -15.01
C ARG D 127 -22.34 41.18 -16.12
N ILE D 128 -21.98 39.91 -16.32
CA ILE D 128 -21.02 39.56 -17.35
C ILE D 128 -21.56 40.02 -18.69
N ALA D 129 -22.80 39.65 -18.98
CA ALA D 129 -23.40 40.01 -20.26
C ALA D 129 -23.47 41.53 -20.45
N ARG D 130 -23.89 42.23 -19.41
CA ARG D 130 -24.01 43.68 -19.46
C ARG D 130 -22.64 44.33 -19.69
N ALA D 131 -21.60 43.70 -19.17
CA ALA D 131 -20.24 44.22 -19.31
C ALA D 131 -19.71 43.99 -20.73
N GLY D 132 -20.33 43.09 -21.46
CA GLY D 132 -19.98 42.87 -22.86
C GLY D 132 -19.06 41.70 -23.18
N TYR D 133 -18.73 40.87 -22.20
CA TYR D 133 -17.84 39.73 -22.44
C TYR D 133 -18.48 38.74 -23.38
N PRO D 134 -17.78 38.32 -24.43
CA PRO D 134 -18.35 37.32 -25.32
C PRO D 134 -18.26 35.88 -24.75
N LEU D 135 -17.36 35.67 -23.79
CA LEU D 135 -17.25 34.36 -23.14
C LEU D 135 -17.08 34.51 -21.64
N ALA D 136 -17.55 33.52 -20.90
CA ALA D 136 -17.18 33.39 -19.49
C ALA D 136 -16.37 32.10 -19.41
N VAL D 137 -15.44 32.02 -18.47
CA VAL D 137 -14.57 30.85 -18.36
C VAL D 137 -14.32 30.46 -16.91
N LEU D 138 -14.05 29.18 -16.66
CA LEU D 138 -13.74 28.77 -15.29
C LEU D 138 -12.96 27.46 -15.27
N THR D 139 -12.37 27.14 -14.13
CA THR D 139 -11.95 25.76 -13.88
C THR D 139 -12.86 25.23 -12.76
N ALA D 140 -13.14 23.94 -12.77
CA ALA D 140 -14.18 23.41 -11.88
C ALA D 140 -13.58 22.56 -10.77
N SER D 141 -14.11 22.73 -9.56
CA SER D 141 -13.75 21.87 -8.45
C SER D 141 -14.32 20.46 -8.62
N GLU D 142 -15.47 20.35 -9.28
CA GLU D 142 -16.06 19.04 -9.56
C GLU D 142 -16.64 19.06 -10.96
N GLY D 143 -16.80 17.89 -11.55
CA GLY D 143 -17.11 17.80 -12.96
C GLY D 143 -18.59 17.94 -13.29
N GLY D 144 -19.45 17.85 -12.29
CA GLY D 144 -20.89 17.79 -12.53
C GLY D 144 -21.66 19.08 -12.23
N ILE D 145 -20.95 20.19 -12.05
CA ILE D 145 -21.61 21.42 -11.63
C ILE D 145 -22.13 22.30 -12.77
N TYR D 146 -21.26 22.58 -13.74
CA TYR D 146 -21.46 23.74 -14.60
C TYR D 146 -22.04 23.51 -15.99
N GLY D 147 -22.13 22.25 -16.42
CA GLY D 147 -22.74 21.94 -17.69
C GLY D 147 -24.18 22.46 -17.72
N ARG D 148 -24.89 22.31 -16.60
CA ARG D 148 -26.28 22.77 -16.50
C ARG D 148 -26.36 24.29 -16.70
N PHE D 149 -25.26 25.00 -16.48
CA PHE D 149 -25.24 26.45 -16.66
C PHE D 149 -24.70 26.87 -18.02
N GLY D 150 -24.48 25.90 -18.93
CA GLY D 150 -24.03 26.22 -20.27
C GLY D 150 -22.52 26.22 -20.47
N TYR D 151 -21.77 25.74 -19.49
CA TYR D 151 -20.31 25.64 -19.59
C TYR D 151 -19.93 24.28 -20.19
N GLY D 152 -19.04 24.29 -21.17
CA GLY D 152 -18.52 23.08 -21.76
C GLY D 152 -17.04 22.91 -21.46
N VAL D 153 -16.59 21.68 -21.38
CA VAL D 153 -15.18 21.40 -21.18
C VAL D 153 -14.40 21.72 -22.45
N ALA D 154 -13.59 22.78 -22.42
CA ALA D 154 -12.90 23.25 -23.62
C ALA D 154 -11.46 22.75 -23.74
N THR D 155 -10.84 22.41 -22.61
CA THR D 155 -9.51 21.81 -22.63
C THR D 155 -9.41 20.66 -21.66
N ILE D 156 -8.47 19.77 -21.93
CA ILE D 156 -8.26 18.58 -21.14
C ILE D 156 -6.83 18.54 -20.63
N GLU D 157 -6.67 18.21 -19.35
CA GLU D 157 -5.35 18.05 -18.76
C GLU D 157 -5.16 16.60 -18.45
N GLN D 158 -4.04 16.06 -18.91
CA GLN D 158 -3.68 14.68 -18.60
C GLN D 158 -2.40 14.67 -17.77
N HIS D 159 -2.36 13.82 -16.77
CA HIS D 159 -1.16 13.68 -15.98
C HIS D 159 -0.32 12.63 -16.68
N VAL D 160 0.91 13.00 -17.01
CA VAL D 160 1.83 12.08 -17.68
C VAL D 160 3.02 11.88 -16.77
N SER D 161 3.45 10.63 -16.64
CA SER D 161 4.59 10.30 -15.82
C SER D 161 5.63 9.56 -16.67
N VAL D 162 6.84 10.10 -16.71
CA VAL D 162 7.91 9.50 -17.53
C VAL D 162 8.91 8.77 -16.64
N ASP D 163 9.12 7.48 -16.90
CA ASP D 163 10.23 6.75 -16.29
C ASP D 163 11.51 7.16 -17.01
N ARG D 164 12.23 8.14 -16.45
CA ARG D 164 13.36 8.72 -17.16
C ARG D 164 14.59 7.80 -17.16
N ARG D 165 14.56 6.74 -16.38
CA ARG D 165 15.65 5.78 -16.41
C ARG D 165 15.55 4.87 -17.65
N LEU D 166 14.36 4.74 -18.20
CA LEU D 166 14.12 3.87 -19.35
C LEU D 166 13.89 4.63 -20.66
N ALA D 167 13.27 5.80 -20.55
CA ALA D 167 12.97 6.63 -21.72
C ALA D 167 14.23 6.94 -22.53
N GLN D 168 14.08 6.91 -23.84
CA GLN D 168 15.18 7.28 -24.73
C GLN D 168 14.61 8.09 -25.87
N PHE D 169 15.37 9.07 -26.36
CA PHE D 169 14.87 9.92 -27.44
C PHE D 169 14.98 9.25 -28.78
N HIS D 170 13.93 9.41 -29.59
CA HIS D 170 13.91 8.90 -30.95
C HIS D 170 15.10 9.49 -31.73
N PRO D 171 15.70 8.68 -32.63
CA PRO D 171 16.87 9.18 -33.37
C PRO D 171 16.60 10.47 -34.16
N ALA D 172 15.35 10.72 -34.55
CA ALA D 172 15.04 11.92 -35.31
C ALA D 172 14.77 13.15 -34.45
N ALA D 173 14.50 12.96 -33.16
CA ALA D 173 14.03 14.08 -32.34
C ALA D 173 15.07 15.20 -32.28
N PRO D 174 14.61 16.47 -32.33
CA PRO D 174 15.51 17.63 -32.21
C PRO D 174 16.36 17.53 -30.95
N ASP D 175 17.62 17.91 -31.09
CA ASP D 175 18.53 18.07 -29.95
C ASP D 175 19.25 19.41 -30.09
N PRO D 176 18.54 20.51 -29.82
CA PRO D 176 18.98 21.87 -30.12
C PRO D 176 19.95 22.47 -29.09
N GLY D 177 20.01 21.90 -27.87
CA GLY D 177 20.81 22.52 -26.83
C GLY D 177 20.22 23.85 -26.40
N GLY D 178 21.02 24.70 -25.76
CA GLY D 178 20.60 26.04 -25.39
C GLY D 178 19.88 26.18 -24.06
N VAL D 179 19.83 25.11 -23.26
CA VAL D 179 19.11 25.16 -21.98
C VAL D 179 20.03 25.55 -20.84
N ARG D 180 19.62 26.53 -20.03
CA ARG D 180 20.37 26.99 -18.86
C ARG D 180 19.66 26.67 -17.55
N MET D 181 20.44 26.56 -16.47
CA MET D 181 19.89 26.27 -15.15
C MET D 181 19.67 27.60 -14.43
N LEU D 182 18.41 27.95 -14.17
CA LEU D 182 18.09 29.29 -13.70
C LEU D 182 17.56 29.35 -12.28
N VAL D 183 17.82 30.46 -11.60
CA VAL D 183 17.09 30.81 -10.39
C VAL D 183 15.85 31.58 -10.86
N PRO D 184 14.67 30.92 -10.89
CA PRO D 184 13.55 31.54 -11.59
C PRO D 184 13.17 32.94 -11.06
N ALA D 185 13.28 33.18 -9.75
CA ALA D 185 12.93 34.50 -9.25
C ALA D 185 13.87 35.58 -9.78
N ASP D 186 15.01 35.20 -10.37
CA ASP D 186 15.93 36.18 -10.93
C ASP D 186 15.67 36.45 -12.41
N HIS D 187 14.63 35.84 -12.97
CA HIS D 187 14.37 36.00 -14.40
C HIS D 187 12.92 36.26 -14.70
N ARG D 188 12.24 36.99 -13.81
CA ARG D 188 10.80 37.17 -13.93
C ARG D 188 10.43 37.66 -15.32
N ASP D 189 11.06 38.76 -15.75
CA ASP D 189 10.69 39.40 -17.01
C ASP D 189 10.98 38.51 -18.22
N GLY D 190 12.12 37.83 -18.20
CA GLY D 190 12.44 36.89 -19.25
C GLY D 190 11.45 35.75 -19.37
N LEU D 191 11.06 35.18 -18.23
CA LEU D 191 10.05 34.10 -18.24
C LEU D 191 8.70 34.62 -18.71
N ALA D 192 8.29 35.78 -18.20
CA ALA D 192 7.03 36.38 -18.63
C ALA D 192 7.02 36.61 -20.14
N ASP D 193 8.14 37.10 -20.68
CA ASP D 193 8.23 37.37 -22.10
C ASP D 193 8.00 36.11 -22.91
N ILE D 194 8.62 35.01 -22.47
CA ILE D 194 8.44 33.74 -23.17
C ILE D 194 6.98 33.27 -23.07
N TYR D 195 6.43 33.31 -21.87
CA TYR D 195 5.02 32.94 -21.71
C TYR D 195 4.11 33.78 -22.65
N ASP D 196 4.38 35.08 -22.74
CA ASP D 196 3.54 35.94 -23.59
C ASP D 196 3.60 35.52 -25.06
N ARG D 197 4.79 35.14 -25.52
CA ARG D 197 4.94 34.64 -26.88
C ARG D 197 4.11 33.37 -27.07
N TRP D 198 4.23 32.44 -26.14
CA TRP D 198 3.45 31.19 -26.18
C TRP D 198 1.94 31.46 -26.15
N ARG D 199 1.51 32.34 -25.25
CA ARG D 199 0.07 32.52 -25.07
C ARG D 199 -0.58 33.15 -26.28
N ARG D 200 0.16 33.97 -27.02
CA ARG D 200 -0.39 34.58 -28.23
C ARG D 200 -0.54 33.56 -29.36
N ARG D 201 0.20 32.47 -29.27
CA ARG D 201 0.15 31.47 -30.33
C ARG D 201 -0.72 30.27 -30.00
N THR D 202 -1.23 30.21 -28.78
CA THR D 202 -1.89 28.99 -28.30
C THR D 202 -3.29 29.26 -27.78
N PRO D 203 -4.31 28.69 -28.44
CA PRO D 203 -5.67 28.81 -27.92
C PRO D 203 -5.69 28.28 -26.48
N GLY D 204 -6.35 28.99 -25.57
CA GLY D 204 -6.31 28.62 -24.16
C GLY D 204 -5.31 29.48 -23.42
N GLY D 205 -4.42 30.14 -24.16
CA GLY D 205 -3.50 31.09 -23.58
C GLY D 205 -4.26 32.20 -22.87
N LEU D 206 -3.76 32.63 -21.71
CA LEU D 206 -4.42 33.67 -20.90
C LEU D 206 -3.38 34.69 -20.52
N VAL D 207 -3.72 35.97 -20.62
CA VAL D 207 -2.79 36.99 -20.17
C VAL D 207 -2.53 36.78 -18.69
N ARG D 208 -1.26 36.84 -18.30
CA ARG D 208 -0.85 36.58 -16.92
C ARG D 208 -0.17 37.83 -16.35
N PRO D 209 -0.92 38.61 -15.56
CA PRO D 209 -0.41 39.88 -15.03
C PRO D 209 0.79 39.68 -14.12
N ASP D 210 1.59 40.74 -13.95
CA ASP D 210 2.76 40.70 -13.07
C ASP D 210 2.50 40.15 -11.67
N ALA D 211 1.35 40.50 -11.09
CA ALA D 211 1.01 40.04 -9.75
C ALA D 211 1.00 38.51 -9.63
N LEU D 212 0.53 37.84 -10.67
CA LEU D 212 0.56 36.38 -10.72
C LEU D 212 1.99 35.84 -10.86
N TRP D 213 2.80 36.50 -11.70
CA TRP D 213 4.20 36.09 -11.83
C TRP D 213 4.93 36.18 -10.50
N ASP D 214 4.76 37.30 -9.82
CA ASP D 214 5.40 37.53 -8.52
C ASP D 214 5.00 36.46 -7.54
N ASP D 215 3.71 36.14 -7.51
CA ASP D 215 3.22 35.17 -6.55
C ASP D 215 3.80 33.81 -6.89
N LEU D 216 3.81 33.46 -8.16
CA LEU D 216 4.37 32.18 -8.59
C LEU D 216 5.84 32.08 -8.19
N LEU D 217 6.58 33.15 -8.44
CA LEU D 217 8.03 33.13 -8.26
C LEU D 217 8.45 33.30 -6.79
N ALA D 218 7.53 33.81 -5.96
CA ALA D 218 7.76 33.90 -4.53
C ALA D 218 7.82 32.49 -3.91
N ASP D 219 7.22 31.52 -4.60
CA ASP D 219 7.39 30.13 -4.23
C ASP D 219 7.22 29.93 -2.73
N ARG D 220 6.04 30.25 -2.20
CA ARG D 220 5.81 30.11 -0.76
C ARG D 220 5.65 28.64 -0.36
N PRO D 221 6.33 28.24 0.72
CA PRO D 221 6.38 26.85 1.21
C PRO D 221 5.04 26.12 1.21
N GLU D 222 4.00 26.81 1.65
CA GLU D 222 2.68 26.21 1.75
C GLU D 222 2.04 25.86 0.41
N SER D 223 2.64 26.35 -0.68
CA SER D 223 2.10 26.13 -2.02
C SER D 223 2.87 25.06 -2.77
N ARG D 224 3.88 24.49 -2.11
CA ARG D 224 4.83 23.63 -2.80
C ARG D 224 4.35 22.19 -2.94
N ARG D 225 3.26 21.85 -2.25
CA ARG D 225 2.72 20.51 -2.36
C ARG D 225 3.76 19.42 -2.08
N GLY D 226 4.50 19.54 -0.98
CA GLY D 226 5.46 18.52 -0.59
C GLY D 226 6.81 18.61 -1.27
N GLY D 227 6.81 19.05 -2.54
CA GLY D 227 8.04 19.24 -3.29
C GLY D 227 8.91 20.32 -2.68
N GLY D 228 10.17 20.39 -3.10
CA GLY D 228 11.07 21.44 -2.64
C GLY D 228 10.93 22.73 -3.41
N GLU D 229 11.88 23.65 -3.20
CA GLU D 229 11.93 24.93 -3.89
C GLU D 229 12.06 24.78 -5.40
N LEU D 230 11.49 25.72 -6.14
CA LEU D 230 11.45 25.66 -7.60
C LEU D 230 12.81 25.55 -8.24
N PHE D 231 12.91 24.68 -9.25
CA PHE D 231 13.97 24.77 -10.26
C PHE D 231 13.40 25.37 -11.55
N ALA D 232 14.28 25.94 -12.36
CA ALA D 232 13.90 26.35 -13.70
C ALA D 232 14.96 25.96 -14.74
N PHE D 233 14.52 25.35 -15.84
CA PHE D 233 15.33 25.27 -17.05
C PHE D 233 14.89 26.40 -17.97
N GLY D 234 15.86 27.16 -18.46
CA GLY D 234 15.53 28.23 -19.38
C GLY D 234 16.13 28.05 -20.74
N HIS D 235 15.33 28.33 -21.76
CA HIS D 235 15.76 28.31 -23.15
C HIS D 235 15.33 29.63 -23.78
N GLN D 236 16.01 30.04 -24.84
CA GLN D 236 15.62 31.26 -25.56
C GLN D 236 14.11 31.27 -25.88
N ASP D 237 13.56 30.10 -26.17
CA ASP D 237 12.17 30.01 -26.64
C ASP D 237 11.27 29.11 -25.79
N GLY D 238 11.59 28.97 -24.51
CA GLY D 238 10.79 28.14 -23.63
C GLY D 238 11.40 28.09 -22.25
N TYR D 239 10.61 27.63 -21.27
CA TYR D 239 11.15 27.36 -19.95
C TYR D 239 10.38 26.18 -19.33
N ALA D 240 10.97 25.54 -18.33
CA ALA D 240 10.29 24.54 -17.54
C ALA D 240 10.53 24.87 -16.07
N LEU D 241 9.45 24.93 -15.27
CA LEU D 241 9.57 25.13 -13.84
C LEU D 241 9.21 23.79 -13.21
N TYR D 242 10.00 23.34 -12.24
CA TYR D 242 9.73 22.05 -11.64
C TYR D 242 10.22 21.98 -10.19
N ARG D 243 9.73 20.99 -9.47
CA ARG D 243 10.17 20.76 -8.11
C ARG D 243 10.55 19.29 -8.02
N VAL D 244 11.35 18.96 -7.00
CA VAL D 244 11.73 17.57 -6.73
C VAL D 244 11.25 17.17 -5.34
N ASP D 245 10.65 15.99 -5.23
CA ASP D 245 10.34 15.46 -3.89
C ASP D 245 10.90 14.07 -3.69
N ARG D 246 11.01 13.69 -2.42
CA ARG D 246 11.48 12.38 -2.01
C ARG D 246 10.32 11.51 -1.53
N GLY D 247 10.58 10.21 -1.43
CA GLY D 247 9.63 9.28 -0.84
C GLY D 247 10.21 8.78 0.47
N PRO D 248 9.47 7.89 1.16
CA PRO D 248 10.00 7.27 2.38
C PRO D 248 11.32 6.55 2.06
N ASP D 249 11.33 5.93 0.87
CA ASP D 249 12.45 5.16 0.38
C ASP D 249 13.64 6.00 -0.05
N GLY D 250 13.47 7.32 -0.04
CA GLY D 250 14.55 8.24 -0.38
C GLY D 250 14.76 8.40 -1.88
N ARG D 251 13.85 7.81 -2.67
CA ARG D 251 13.88 7.97 -4.12
C ARG D 251 13.35 9.35 -4.46
N ARG D 252 13.92 9.98 -5.48
CA ARG D 252 13.48 11.31 -5.88
C ARG D 252 12.59 11.26 -7.12
N SER D 253 11.60 12.15 -7.16
CA SER D 253 10.79 12.33 -8.35
C SER D 253 10.69 13.83 -8.70
N ALA D 254 10.57 14.17 -9.97
CA ALA D 254 10.42 15.57 -10.37
C ALA D 254 9.03 15.85 -10.92
N HIS D 255 8.38 16.91 -10.43
CA HIS D 255 7.09 17.28 -10.98
C HIS D 255 7.20 18.62 -11.66
N VAL D 256 6.83 18.63 -12.93
CA VAL D 256 6.90 19.83 -13.72
C VAL D 256 5.68 20.67 -13.37
N VAL D 257 5.94 21.84 -12.81
CA VAL D 257 4.86 22.78 -12.49
C VAL D 257 4.34 23.42 -13.77
N GLU D 258 5.23 23.70 -14.69
CA GLU D 258 4.84 24.44 -15.86
C GLU D 258 5.90 24.26 -16.92
N LEU D 259 5.51 23.88 -18.14
CA LEU D 259 6.44 23.87 -19.26
C LEU D 259 5.82 24.62 -20.43
N THR D 260 6.49 25.70 -20.82
CA THR D 260 5.95 26.62 -21.80
C THR D 260 6.98 26.76 -22.90
N ALA D 261 6.63 26.31 -24.09
CA ALA D 261 7.57 26.26 -25.20
C ALA D 261 6.96 26.93 -26.41
N VAL D 262 7.66 27.95 -26.91
CA VAL D 262 7.19 28.65 -28.09
C VAL D 262 7.45 27.81 -29.34
N THR D 263 8.54 27.05 -29.32
CA THR D 263 8.95 26.29 -30.49
C THR D 263 9.09 24.81 -30.19
N ALA D 264 9.03 24.00 -31.24
CA ALA D 264 9.22 22.56 -31.13
C ALA D 264 10.60 22.28 -30.59
N ASP D 265 11.57 23.05 -31.06
CA ASP D 265 12.95 22.89 -30.62
C ASP D 265 13.06 23.10 -29.11
N ALA D 266 12.43 24.16 -28.61
CA ALA D 266 12.49 24.47 -27.17
C ALA D 266 11.87 23.35 -26.34
N HIS D 267 10.70 22.87 -26.77
CA HIS D 267 10.02 21.76 -26.13
C HIS D 267 10.91 20.52 -26.02
N ALA D 268 11.51 20.09 -27.13
CA ALA D 268 12.45 18.95 -27.12
C ALA D 268 13.64 19.19 -26.19
N ALA D 269 14.20 20.39 -26.26
CA ALA D 269 15.42 20.67 -25.49
C ALA D 269 15.12 20.65 -23.99
N LEU D 270 13.94 21.15 -23.62
CA LEU D 270 13.54 21.16 -22.21
C LEU D 270 13.29 19.73 -21.68
N TRP D 271 12.65 18.91 -22.50
CA TRP D 271 12.41 17.53 -22.10
C TRP D 271 13.72 16.75 -22.02
N ARG D 272 14.67 17.04 -22.92
CA ARG D 272 15.97 16.39 -22.83
C ARG D 272 16.64 16.76 -21.51
N ALA D 273 16.53 18.02 -21.11
CA ALA D 273 17.13 18.45 -19.84
C ALA D 273 16.46 17.72 -18.69
N LEU D 274 15.12 17.72 -18.71
CA LEU D 274 14.36 17.06 -17.65
C LEU D 274 14.67 15.58 -17.52
N LEU D 275 14.73 14.88 -18.65
CA LEU D 275 14.96 13.44 -18.60
C LEU D 275 16.43 13.12 -18.35
N GLY D 276 17.28 14.16 -18.35
CA GLY D 276 18.67 14.01 -17.96
C GLY D 276 18.96 14.11 -16.46
N LEU D 277 17.93 14.27 -15.65
CA LEU D 277 18.11 14.39 -14.20
C LEU D 277 18.48 13.04 -13.56
N ASP D 278 19.77 12.78 -13.48
CA ASP D 278 20.30 11.46 -13.12
C ASP D 278 19.70 10.78 -11.90
N LEU D 279 19.44 11.53 -10.83
CA LEU D 279 19.03 10.88 -9.58
C LEU D 279 17.49 10.83 -9.40
N ILE D 280 16.77 11.25 -10.42
CA ILE D 280 15.30 11.27 -10.37
C ILE D 280 14.78 10.02 -11.07
N ASP D 281 13.81 9.34 -10.48
CA ASP D 281 13.25 8.14 -11.11
C ASP D 281 12.20 8.50 -12.17
N ARG D 282 11.29 9.39 -11.79
CA ARG D 282 10.17 9.77 -12.65
C ARG D 282 9.99 11.27 -12.77
N VAL D 283 9.58 11.71 -13.96
CA VAL D 283 9.26 13.11 -14.18
C VAL D 283 7.82 13.18 -14.63
N SER D 284 7.02 14.00 -13.96
CA SER D 284 5.61 14.08 -14.24
C SER D 284 5.21 15.52 -14.60
N ILE D 285 4.08 15.64 -15.28
CA ILE D 285 3.59 16.93 -15.73
C ILE D 285 2.12 16.77 -15.99
N GLY D 286 1.38 17.87 -15.84
CA GLY D 286 0.00 17.93 -16.28
C GLY D 286 -0.03 18.68 -17.59
N THR D 287 -0.33 17.95 -18.66
CA THR D 287 -0.23 18.52 -19.98
C THR D 287 -1.47 18.22 -20.83
N HIS D 288 -1.45 18.60 -22.10
CA HIS D 288 -2.62 18.42 -22.94
C HIS D 288 -2.53 17.10 -23.72
N PRO D 289 -3.68 16.61 -24.23
CA PRO D 289 -3.68 15.28 -24.86
C PRO D 289 -2.72 15.12 -26.04
N HIS D 290 -2.38 16.21 -26.71
CA HIS D 290 -1.57 16.11 -27.91
C HIS D 290 -0.13 16.56 -27.74
N ASP D 291 0.34 16.51 -26.50
CA ASP D 291 1.73 16.84 -26.19
C ASP D 291 2.65 15.99 -27.06
N PRO D 292 3.61 16.61 -27.74
CA PRO D 292 4.57 15.90 -28.60
C PRO D 292 5.48 14.94 -27.84
N LEU D 293 5.57 15.07 -26.52
CA LEU D 293 6.53 14.29 -25.75
C LEU D 293 6.65 12.81 -26.18
N PRO D 294 5.55 12.04 -26.16
CA PRO D 294 5.77 10.61 -26.47
C PRO D 294 6.26 10.38 -27.89
N TYR D 295 6.00 11.33 -28.79
CA TYR D 295 6.48 11.24 -30.18
C TYR D 295 7.97 11.50 -30.29
N LEU D 296 8.56 12.10 -29.25
CA LEU D 296 10.01 12.35 -29.22
C LEU D 296 10.80 11.12 -28.74
N LEU D 297 10.11 10.11 -28.23
CA LEU D 297 10.77 8.96 -27.61
C LEU D 297 10.85 7.75 -28.55
N THR D 298 11.79 6.85 -28.29
CA THR D 298 11.85 5.62 -29.08
C THR D 298 10.71 4.68 -28.66
N ASP D 299 10.27 4.79 -27.41
CA ASP D 299 9.17 3.96 -26.91
C ASP D 299 8.13 4.89 -26.32
N PRO D 300 7.06 5.17 -27.09
CA PRO D 300 6.07 6.16 -26.61
C PRO D 300 5.40 5.76 -25.29
N ARG D 301 5.43 4.48 -24.95
CA ARG D 301 4.81 4.01 -23.72
C ARG D 301 5.50 4.53 -22.47
N GLN D 302 6.70 5.05 -22.61
CA GLN D 302 7.41 5.52 -21.42
C GLN D 302 6.83 6.85 -20.91
N ALA D 303 6.04 7.50 -21.76
CA ALA D 303 5.28 8.68 -21.35
C ALA D 303 3.89 8.21 -20.97
N GLN D 304 3.76 7.77 -19.73
CA GLN D 304 2.55 7.11 -19.28
C GLN D 304 1.48 8.10 -18.86
N VAL D 305 0.33 8.08 -19.52
CA VAL D 305 -0.86 8.81 -19.05
C VAL D 305 -1.48 8.08 -17.87
N THR D 306 -1.67 8.77 -16.75
CA THR D 306 -2.24 8.14 -15.56
C THR D 306 -3.54 8.80 -15.10
N ALA D 307 -3.90 9.90 -15.76
CA ALA D 307 -5.13 10.60 -15.40
C ALA D 307 -5.46 11.55 -16.52
N SER D 308 -6.75 11.86 -16.64
CA SER D 308 -7.21 12.77 -17.66
C SER D 308 -8.49 13.42 -17.16
N ALA D 309 -8.55 14.74 -17.19
CA ALA D 309 -9.72 15.43 -16.68
C ALA D 309 -9.91 16.77 -17.36
N ASP D 310 -11.10 17.32 -17.18
CA ASP D 310 -11.43 18.65 -17.67
C ASP D 310 -10.49 19.67 -17.05
N ASP D 311 -10.12 20.69 -17.81
CA ASP D 311 -9.33 21.80 -17.28
C ASP D 311 -10.14 23.08 -17.47
N LEU D 312 -10.01 23.74 -18.63
CA LEU D 312 -10.80 24.95 -18.90
C LEU D 312 -12.22 24.61 -19.34
N TRP D 313 -13.20 25.26 -18.72
CA TRP D 313 -14.59 25.25 -19.17
C TRP D 313 -14.94 26.63 -19.75
N ILE D 314 -15.78 26.64 -20.78
CA ILE D 314 -16.17 27.87 -21.45
C ILE D 314 -17.69 27.96 -21.59
N ARG D 315 -18.25 29.11 -21.28
CA ARG D 315 -19.64 29.39 -21.62
C ARG D 315 -19.66 30.51 -22.64
N ILE D 316 -20.21 30.24 -23.81
CA ILE D 316 -20.36 31.29 -24.80
C ILE D 316 -21.54 32.20 -24.39
N MET D 317 -21.25 33.50 -24.20
CA MET D 317 -22.25 34.48 -23.80
C MET D 317 -22.89 35.15 -25.03
N ASN D 318 -22.13 35.26 -26.10
CA ASN D 318 -22.57 35.93 -27.32
C ASN D 318 -22.15 35.05 -28.49
N VAL D 319 -23.09 34.28 -29.02
CA VAL D 319 -22.77 33.29 -30.05
C VAL D 319 -22.15 33.86 -31.34
N PRO D 320 -22.76 34.93 -31.89
CA PRO D 320 -22.14 35.53 -33.08
C PRO D 320 -20.72 36.05 -32.85
N ALA D 321 -20.50 36.87 -31.82
CA ALA D 321 -19.17 37.38 -31.54
C ALA D 321 -18.15 36.26 -31.27
N ALA D 322 -18.52 35.27 -30.47
CA ALA D 322 -17.63 34.15 -30.18
C ALA D 322 -17.29 33.38 -31.45
N LEU D 323 -18.30 33.06 -32.23
CA LEU D 323 -18.08 32.24 -33.41
C LEU D 323 -17.35 32.98 -34.51
N GLU D 324 -17.53 34.30 -34.58
CA GLU D 324 -16.83 35.06 -35.61
C GLU D 324 -15.38 35.37 -35.25
N ALA D 325 -15.07 35.37 -33.95
CA ALA D 325 -13.72 35.70 -33.49
C ALA D 325 -12.68 34.60 -33.75
N ARG D 326 -13.12 33.34 -33.78
CA ARG D 326 -12.17 32.25 -34.02
C ARG D 326 -12.13 31.86 -35.49
N ARG D 327 -11.08 31.13 -35.86
CA ARG D 327 -10.90 30.66 -37.22
C ARG D 327 -11.18 29.16 -37.29
N TYR D 328 -11.41 28.66 -38.49
CA TYR D 328 -11.87 27.28 -38.66
C TYR D 328 -11.03 26.51 -39.66
N GLN D 329 -11.12 25.19 -39.59
CA GLN D 329 -10.25 24.32 -40.37
C GLN D 329 -10.94 23.83 -41.63
N ALA D 330 -12.23 24.10 -41.75
CA ALA D 330 -12.96 23.68 -42.94
C ALA D 330 -14.16 24.59 -43.16
N ASP D 331 -14.74 24.53 -44.34
CA ASP D 331 -15.84 25.42 -44.67
C ASP D 331 -17.19 24.81 -44.35
N LEU D 332 -18.18 25.67 -44.17
CA LEU D 332 -19.46 25.22 -43.64
C LEU D 332 -20.56 26.21 -43.98
N ASP D 333 -21.75 25.70 -44.19
CA ASP D 333 -22.92 26.53 -44.44
C ASP D 333 -24.15 25.84 -43.84
N VAL D 334 -24.46 26.16 -42.59
CA VAL D 334 -25.58 25.53 -41.91
C VAL D 334 -26.36 26.53 -41.07
N VAL D 335 -27.49 26.10 -40.56
CA VAL D 335 -28.21 26.86 -39.54
C VAL D 335 -28.16 26.10 -38.21
N LEU D 336 -27.64 26.77 -37.19
CA LEU D 336 -27.57 26.22 -35.84
C LEU D 336 -28.72 26.69 -35.00
N ASP D 337 -29.40 25.76 -34.32
CA ASP D 337 -30.28 26.12 -33.22
C ASP D 337 -29.55 25.79 -31.92
N VAL D 338 -29.18 26.82 -31.18
CA VAL D 338 -28.41 26.66 -29.94
C VAL D 338 -29.33 26.67 -28.72
N ALA D 339 -29.37 25.55 -28.00
CA ALA D 339 -30.26 25.44 -26.84
C ALA D 339 -29.57 25.90 -25.55
N ASP D 340 -30.12 26.95 -24.96
CA ASP D 340 -29.61 27.52 -23.73
C ASP D 340 -30.69 27.37 -22.64
N GLY D 341 -30.48 26.47 -21.70
CA GLY D 341 -31.47 26.19 -20.67
C GLY D 341 -31.29 27.02 -19.42
N PHE D 342 -30.38 28.00 -19.48
CA PHE D 342 -30.09 28.80 -18.30
C PHE D 342 -30.40 30.28 -18.55
N ARG D 343 -29.99 30.78 -19.70
CA ARG D 343 -30.26 32.16 -20.07
C ARG D 343 -30.94 32.13 -21.44
N SER D 344 -30.87 33.22 -22.20
CA SER D 344 -31.44 33.25 -23.54
C SER D 344 -30.40 33.61 -24.59
N ASP D 345 -29.23 32.99 -24.49
CA ASP D 345 -28.11 33.34 -25.36
C ASP D 345 -28.06 32.40 -26.57
N GLY D 346 -29.01 31.47 -26.61
CA GLY D 346 -29.13 30.55 -27.73
C GLY D 346 -30.05 31.10 -28.79
N GLY D 347 -30.60 30.23 -29.61
CA GLY D 347 -31.42 30.65 -30.73
C GLY D 347 -30.90 30.07 -32.02
N ARG D 348 -31.46 30.53 -33.14
CA ARG D 348 -31.03 30.02 -34.44
C ARG D 348 -30.08 30.99 -35.12
N PHE D 349 -29.00 30.44 -35.66
CA PHE D 349 -27.98 31.24 -36.29
C PHE D 349 -27.57 30.65 -37.62
N ALA D 350 -27.35 31.52 -38.59
CA ALA D 350 -26.83 31.13 -39.88
C ALA D 350 -25.31 31.20 -39.79
N LEU D 351 -24.68 30.04 -39.73
CA LEU D 351 -23.23 29.97 -39.63
C LEU D 351 -22.62 29.68 -41.00
N GLN D 352 -21.96 30.67 -41.56
CA GLN D 352 -21.31 30.49 -42.86
C GLN D 352 -19.82 30.67 -42.72
N ILE D 353 -19.07 29.62 -43.02
CA ILE D 353 -17.62 29.64 -42.90
C ILE D 353 -16.95 29.37 -44.24
N SER D 354 -16.15 30.34 -44.70
CA SER D 354 -15.36 30.15 -45.91
C SER D 354 -13.99 30.79 -45.75
N GLY D 355 -12.98 30.11 -46.27
CA GLY D 355 -11.60 30.53 -46.10
C GLY D 355 -11.27 30.59 -44.62
N GLY D 356 -11.86 29.66 -43.86
CA GLY D 356 -11.61 29.54 -42.44
C GLY D 356 -12.17 30.67 -41.58
N ARG D 357 -12.91 31.58 -42.21
CA ARG D 357 -13.52 32.68 -41.47
C ARG D 357 -15.02 32.53 -41.45
N ALA D 358 -15.63 32.83 -40.30
CA ALA D 358 -17.06 32.62 -40.11
C ALA D 358 -17.84 33.93 -40.08
N ARG D 359 -19.04 33.90 -40.66
CA ARG D 359 -20.02 34.94 -40.38
C ARG D 359 -21.21 34.26 -39.73
N CYS D 360 -21.62 34.78 -38.59
CA CYS D 360 -22.67 34.14 -37.81
C CYS D 360 -23.73 35.15 -37.51
N THR D 361 -24.91 34.96 -38.10
CA THR D 361 -25.98 35.94 -37.99
C THR D 361 -27.27 35.26 -37.54
N THR D 362 -27.95 35.90 -36.60
CA THR D 362 -29.22 35.37 -36.12
C THR D 362 -30.24 35.27 -37.28
N THR D 363 -31.09 34.26 -37.23
CA THR D 363 -31.96 33.94 -38.37
C THR D 363 -33.22 33.20 -37.95
N ASP D 364 -34.23 33.23 -38.81
CA ASP D 364 -35.48 32.52 -38.57
C ASP D 364 -35.53 31.20 -39.33
N ALA D 365 -34.62 31.06 -40.29
CA ALA D 365 -34.53 29.83 -41.06
C ALA D 365 -34.54 28.62 -40.12
N PRO D 366 -35.00 27.47 -40.63
CA PRO D 366 -34.95 26.24 -39.86
C PRO D 366 -33.50 25.73 -39.75
N ALA D 367 -33.18 25.04 -38.66
CA ALA D 367 -31.81 24.64 -38.37
C ALA D 367 -31.45 23.29 -39.00
N ASP D 368 -30.18 23.12 -39.37
CA ASP D 368 -29.70 21.82 -39.85
C ASP D 368 -29.09 21.06 -38.68
N ILE D 369 -28.62 21.81 -37.68
CA ILE D 369 -27.97 21.23 -36.52
C ILE D 369 -28.51 21.85 -35.25
N GLU D 370 -28.85 21.00 -34.29
CA GLU D 370 -29.24 21.44 -32.95
C GLU D 370 -28.12 21.10 -31.97
N ILE D 371 -27.78 22.05 -31.12
CA ILE D 371 -26.62 21.88 -30.25
C ILE D 371 -26.88 22.55 -28.90
N ASP D 372 -26.63 21.83 -27.81
CA ASP D 372 -26.70 22.43 -26.48
C ASP D 372 -25.61 23.47 -26.34
N LEU D 373 -25.91 24.58 -25.68
CA LEU D 373 -24.96 25.67 -25.57
C LEU D 373 -23.63 25.21 -24.95
N ASP D 374 -23.67 24.34 -23.94
CA ASP D 374 -22.43 23.87 -23.34
C ASP D 374 -21.56 23.12 -24.35
N VAL D 375 -22.20 22.30 -25.18
CA VAL D 375 -21.48 21.59 -26.23
C VAL D 375 -20.73 22.56 -27.16
N LEU D 376 -21.41 23.63 -27.57
CA LEU D 376 -20.75 24.63 -28.41
C LEU D 376 -19.49 25.17 -27.72
N GLY D 377 -19.58 25.44 -26.42
CA GLY D 377 -18.41 25.91 -25.69
C GLY D 377 -17.32 24.83 -25.57
N GLY D 378 -17.72 23.59 -25.36
CA GLY D 378 -16.78 22.49 -25.27
C GLY D 378 -15.99 22.34 -26.57
N LEU D 379 -16.67 22.52 -27.71
CA LEU D 379 -16.03 22.36 -29.00
C LEU D 379 -15.19 23.57 -29.41
N TYR D 380 -15.34 24.66 -28.67
CA TYR D 380 -14.89 25.95 -29.14
C TYR D 380 -13.37 26.08 -29.35
N LEU D 381 -12.58 25.33 -28.60
CA LEU D 381 -11.13 25.42 -28.77
C LEU D 381 -10.55 24.20 -29.49
N GLY D 382 -11.42 23.39 -30.09
CA GLY D 382 -10.98 22.23 -30.85
C GLY D 382 -10.73 20.90 -30.13
N ALA D 383 -11.15 20.79 -28.86
CA ALA D 383 -10.75 19.65 -28.02
C ALA D 383 -11.51 18.32 -28.21
N HIS D 384 -12.64 18.33 -28.89
CA HIS D 384 -13.47 17.12 -28.93
C HIS D 384 -13.83 16.69 -30.35
N ARG D 385 -14.35 15.48 -30.48
CA ARG D 385 -15.05 15.06 -31.68
C ARG D 385 -16.53 15.27 -31.40
N VAL D 386 -17.38 15.25 -32.44
CA VAL D 386 -18.82 15.40 -32.23
C VAL D 386 -19.46 14.08 -31.79
N ASP D 387 -18.82 12.97 -32.12
CA ASP D 387 -19.40 11.65 -31.93
C ASP D 387 -20.01 11.45 -30.56
N GLY D 388 -19.24 11.78 -29.53
CA GLY D 388 -19.71 11.58 -28.17
C GLY D 388 -20.95 12.38 -27.82
N PHE D 389 -20.90 13.68 -28.12
CA PHE D 389 -22.01 14.59 -27.87
C PHE D 389 -23.25 14.17 -28.66
N ALA D 390 -23.03 13.70 -29.88
CA ALA D 390 -24.11 13.19 -30.72
C ALA D 390 -24.74 11.93 -30.12
N ALA D 391 -23.89 10.99 -29.73
CA ALA D 391 -24.39 9.76 -29.12
C ALA D 391 -25.22 10.05 -27.88
N ALA D 392 -24.92 11.14 -27.19
CA ALA D 392 -25.61 11.48 -25.95
C ALA D 392 -26.81 12.38 -26.18
N ASN D 393 -27.15 12.59 -27.44
CA ASN D 393 -28.27 13.45 -27.81
C ASN D 393 -28.09 14.90 -27.35
N ARG D 394 -26.84 15.34 -27.16
CA ARG D 394 -26.59 16.72 -26.77
C ARG D 394 -26.23 17.57 -27.99
N LEU D 395 -26.13 16.88 -29.12
CA LEU D 395 -25.86 17.48 -30.42
C LEU D 395 -26.61 16.60 -31.41
N ARG D 396 -27.37 17.22 -32.31
CA ARG D 396 -28.37 16.51 -33.11
C ARG D 396 -28.39 16.99 -34.56
N SER D 397 -28.52 16.04 -35.50
CA SER D 397 -28.78 16.37 -36.90
C SER D 397 -29.30 15.14 -37.62
N LYS D 398 -30.09 15.34 -38.67
CA LYS D 398 -30.55 14.23 -39.51
C LYS D 398 -29.46 13.85 -40.50
N ASP D 399 -28.65 14.84 -40.86
CA ASP D 399 -27.56 14.66 -41.79
C ASP D 399 -26.27 14.37 -41.03
N SER D 400 -25.99 13.09 -40.81
CA SER D 400 -24.85 12.67 -39.98
C SER D 400 -23.50 13.04 -40.60
N GLU D 401 -23.49 13.28 -41.90
CA GLU D 401 -22.27 13.68 -42.57
C GLU D 401 -22.06 15.19 -42.37
N LEU D 402 -23.17 15.89 -42.11
CA LEU D 402 -23.11 17.33 -41.83
C LEU D 402 -22.53 17.58 -40.44
N LEU D 403 -22.78 16.67 -39.51
CA LEU D 403 -22.16 16.73 -38.20
C LEU D 403 -20.63 16.62 -38.31
N GLN D 404 -20.14 15.69 -39.13
CA GLN D 404 -18.70 15.52 -39.27
C GLN D 404 -18.07 16.79 -39.85
N GLN D 405 -18.78 17.42 -40.78
CA GLN D 405 -18.32 18.67 -41.36
C GLN D 405 -18.22 19.76 -40.29
N PHE D 406 -19.22 19.80 -39.43
CA PHE D 406 -19.27 20.74 -38.33
C PHE D 406 -18.08 20.48 -37.38
N GLY D 407 -17.83 19.21 -37.09
CA GLY D 407 -16.71 18.83 -36.25
C GLY D 407 -15.36 19.17 -36.86
N ALA D 408 -15.25 19.01 -38.18
CA ALA D 408 -14.00 19.28 -38.88
C ALA D 408 -13.70 20.77 -38.89
N ALA D 409 -14.76 21.56 -39.07
CA ALA D 409 -14.63 23.01 -39.07
C ALA D 409 -14.13 23.52 -37.74
N PHE D 410 -14.64 22.97 -36.64
CA PHE D 410 -14.32 23.45 -35.29
C PHE D 410 -13.01 22.93 -34.72
N ALA D 411 -12.37 22.02 -35.46
CA ALA D 411 -11.06 21.54 -35.10
C ALA D 411 -10.09 22.72 -34.99
N GLY D 412 -8.97 22.51 -34.31
CA GLY D 412 -7.98 23.56 -34.20
C GLY D 412 -6.70 23.19 -34.92
N ASP D 413 -5.98 24.19 -35.40
CA ASP D 413 -4.69 23.93 -36.02
C ASP D 413 -3.55 23.88 -35.00
N MET D 414 -3.81 24.43 -33.80
CA MET D 414 -2.87 24.35 -32.69
C MET D 414 -3.59 23.74 -31.48
N PRO D 415 -2.97 22.72 -30.84
CA PRO D 415 -3.64 22.07 -29.72
C PRO D 415 -3.86 23.04 -28.56
N ALA D 416 -5.08 23.05 -28.03
CA ALA D 416 -5.45 24.01 -27.01
C ALA D 416 -4.89 23.62 -25.65
N GLU D 417 -4.45 24.62 -24.90
CA GLU D 417 -4.01 24.39 -23.54
C GLU D 417 -4.21 25.64 -22.67
N LEU D 418 -4.85 25.46 -21.51
CA LEU D 418 -5.10 26.56 -20.59
C LEU D 418 -3.79 27.13 -20.08
N GLY D 419 -3.60 28.44 -20.22
CA GLY D 419 -2.35 29.08 -19.77
C GLY D 419 -2.00 28.84 -18.31
N TYR D 420 -2.97 29.02 -17.43
CA TYR D 420 -2.75 28.73 -16.02
C TYR D 420 -4.08 28.55 -15.32
N GLY D 421 -4.04 27.88 -14.18
CA GLY D 421 -5.21 27.66 -13.38
C GLY D 421 -5.66 28.91 -12.64
N PHE D 422 -6.97 29.04 -12.52
CA PHE D 422 -7.56 30.14 -11.81
C PHE D 422 -8.90 29.66 -11.25
N MET E 21 17.56 1.78 43.24
CA MET E 21 17.45 2.71 44.37
C MET E 21 16.62 2.09 45.52
N ILE E 22 15.32 2.35 45.67
CA ILE E 22 14.51 3.30 44.89
C ILE E 22 13.78 4.21 45.87
N THR E 23 14.16 5.48 45.88
CA THR E 23 13.64 6.40 46.89
C THR E 23 12.86 7.56 46.26
N PRO E 24 11.55 7.37 46.09
CA PRO E 24 10.67 8.39 45.54
C PRO E 24 10.68 9.62 46.44
N ARG E 25 10.47 10.79 45.85
CA ARG E 25 10.45 12.03 46.58
C ARG E 25 9.23 12.83 46.11
N THR E 26 8.47 13.38 47.06
CA THR E 26 7.34 14.23 46.71
C THR E 26 7.79 15.68 46.66
N LEU E 27 7.45 16.38 45.59
CA LEU E 27 7.78 17.80 45.48
C LEU E 27 6.61 18.64 46.01
N HIS E 28 6.87 19.42 47.06
CA HIS E 28 5.84 20.26 47.66
C HIS E 28 5.23 21.21 46.64
N THR E 29 6.08 21.78 45.82
CA THR E 29 5.65 22.58 44.67
C THR E 29 6.61 22.31 43.53
N ILE E 30 6.26 22.71 42.31
CA ILE E 30 7.14 22.49 41.17
C ILE E 30 7.87 23.77 40.78
N THR E 31 9.18 23.79 41.00
CA THR E 31 10.00 24.91 40.57
C THR E 31 10.22 24.82 39.06
N ASP E 32 10.68 25.91 38.46
CA ASP E 32 10.98 25.90 37.04
C ASP E 32 12.07 24.88 36.70
N ASP E 33 13.10 24.81 37.54
CA ASP E 33 14.15 23.83 37.36
C ASP E 33 13.56 22.42 37.49
N ASP E 34 12.61 22.26 38.40
CA ASP E 34 11.92 20.99 38.57
C ASP E 34 11.20 20.58 37.28
N TRP E 35 10.43 21.49 36.73
CA TRP E 35 9.68 21.19 35.51
C TRP E 35 10.62 20.88 34.36
N THR E 36 11.72 21.63 34.29
CA THR E 36 12.73 21.42 33.27
C THR E 36 13.17 19.96 33.23
N ARG E 37 13.39 19.39 34.40
CA ARG E 37 13.81 17.99 34.47
C ARG E 37 12.65 17.09 34.12
N ILE E 38 11.43 17.55 34.42
CA ILE E 38 10.22 16.79 34.13
C ILE E 38 9.97 16.69 32.62
N ALA E 39 10.18 17.79 31.91
CA ALA E 39 10.03 17.80 30.46
C ALA E 39 11.08 16.90 29.79
N LEU E 40 12.32 17.07 30.23
CA LEU E 40 13.42 16.30 29.66
C LEU E 40 13.08 14.82 29.70
N LEU E 41 12.76 14.32 30.88
CA LEU E 41 12.44 12.90 31.06
C LEU E 41 11.20 12.52 30.27
N ALA E 42 10.22 13.42 30.21
CA ALA E 42 8.98 13.12 29.51
C ALA E 42 9.28 12.88 28.03
N ARG E 43 10.00 13.81 27.44
CA ARG E 43 10.39 13.69 26.04
C ARG E 43 11.12 12.38 25.72
N PHE E 44 12.10 12.00 26.53
CA PHE E 44 12.81 10.75 26.31
C PHE E 44 11.86 9.57 26.41
N ALA E 45 11.15 9.47 27.53
CA ALA E 45 10.34 8.29 27.84
C ALA E 45 9.23 8.10 26.84
N PHE E 46 8.64 9.21 26.40
CA PHE E 46 7.52 9.16 25.47
C PHE E 46 7.95 9.15 24.01
N GLY E 47 9.06 9.82 23.71
CA GLY E 47 9.55 9.92 22.35
C GLY E 47 9.29 11.30 21.77
N ASP E 48 8.54 12.11 22.50
CA ASP E 48 8.21 13.46 22.06
C ASP E 48 7.38 14.10 23.15
N ILE E 49 7.04 15.37 22.98
CA ILE E 49 6.41 16.13 24.04
C ILE E 49 5.66 17.35 23.49
N GLU E 50 4.55 17.70 24.14
CA GLU E 50 3.71 18.81 23.72
C GLU E 50 4.44 20.14 23.83
N PRO E 51 3.94 21.18 23.12
CA PRO E 51 4.50 22.53 23.15
C PRO E 51 4.60 23.05 24.58
N GLU E 52 5.43 24.06 24.81
CA GLU E 52 5.63 24.60 26.15
C GLU E 52 4.36 25.18 26.77
N GLN E 53 3.53 25.80 25.94
CA GLN E 53 2.33 26.45 26.44
C GLN E 53 1.31 25.41 26.89
N THR E 54 1.25 24.31 26.15
CA THR E 54 0.46 23.17 26.55
C THR E 54 0.98 22.64 27.88
N GLN E 55 2.30 22.51 27.98
CA GLN E 55 2.92 21.99 29.19
C GLN E 55 2.53 22.84 30.38
N ALA E 56 2.51 24.15 30.16
CA ALA E 56 2.22 25.11 31.22
C ALA E 56 0.79 25.02 31.72
N ALA E 57 -0.17 24.87 30.80
CA ALA E 57 -1.58 24.79 31.19
C ALA E 57 -1.81 23.59 32.10
N TRP E 58 -1.20 22.46 31.74
CA TRP E 58 -1.27 21.26 32.57
C TRP E 58 -0.62 21.53 33.92
N ARG E 59 0.59 22.08 33.88
CA ARG E 59 1.34 22.35 35.10
C ARG E 59 0.54 23.20 36.08
N SER E 60 -0.30 24.08 35.55
CA SER E 60 -1.10 24.96 36.40
C SER E 60 -2.24 24.26 37.13
N MET E 61 -2.50 23.00 36.78
CA MET E 61 -3.58 22.25 37.45
C MET E 61 -3.05 21.38 38.57
N VAL E 62 -1.74 21.38 38.75
CA VAL E 62 -1.12 20.55 39.76
C VAL E 62 -1.20 21.25 41.11
N PRO E 63 -1.87 20.62 42.08
CA PRO E 63 -1.98 21.19 43.42
C PRO E 63 -0.71 20.95 44.19
N GLU E 64 -0.73 21.20 45.50
CA GLU E 64 0.45 21.01 46.34
C GLU E 64 0.71 19.53 46.62
N ASP E 65 1.98 19.18 46.82
CA ASP E 65 2.37 17.80 47.15
C ASP E 65 1.78 16.76 46.18
N ALA E 66 1.76 17.10 44.89
CA ALA E 66 1.07 16.28 43.90
C ALA E 66 2.02 15.72 42.83
N THR E 67 3.32 15.88 43.07
CA THR E 67 4.36 15.46 42.10
C THR E 67 5.33 14.51 42.79
N VAL E 68 5.51 13.33 42.22
CA VAL E 68 6.43 12.36 42.81
C VAL E 68 7.53 11.99 41.82
N VAL E 69 8.79 12.21 42.21
CA VAL E 69 9.92 11.98 41.31
C VAL E 69 10.96 11.03 41.91
N VAL E 70 11.76 10.43 41.05
CA VAL E 70 12.83 9.52 41.47
C VAL E 70 14.14 9.95 40.84
N PRO E 71 15.11 10.36 41.68
CA PRO E 71 16.37 10.96 41.22
C PRO E 71 17.37 9.92 40.72
N ASP E 72 18.25 10.35 39.81
CA ASP E 72 19.38 9.52 39.42
C ASP E 72 20.43 9.50 40.53
N GLU E 73 21.53 8.80 40.29
CA GLU E 73 22.64 8.72 41.24
C GLU E 73 23.08 10.09 41.75
N THR E 74 23.06 11.08 40.87
CA THR E 74 23.58 12.41 41.18
C THR E 74 22.56 13.35 41.82
N ASP E 75 21.29 12.94 41.81
CA ASP E 75 20.19 13.87 42.04
C ASP E 75 20.37 15.05 41.09
N ASP E 76 20.83 14.74 39.87
CA ASP E 76 21.00 15.74 38.84
C ASP E 76 19.80 15.71 37.89
N ALA E 77 19.36 14.49 37.59
CA ALA E 77 18.22 14.30 36.69
C ALA E 77 17.17 13.42 37.32
N PHE E 78 15.95 13.48 36.78
CA PHE E 78 14.92 12.53 37.18
C PHE E 78 14.95 11.35 36.24
N VAL E 79 14.93 10.14 36.80
CA VAL E 79 14.79 8.94 35.98
C VAL E 79 13.39 8.37 36.16
N GLY E 80 12.58 9.08 36.93
CA GLY E 80 11.20 8.67 37.16
C GLY E 80 10.39 9.87 37.60
N GLN E 81 9.15 9.93 37.11
CA GLN E 81 8.24 10.99 37.53
C GLN E 81 6.76 10.58 37.38
N SER E 82 5.91 11.22 38.16
CA SER E 82 4.47 11.08 38.06
C SER E 82 3.87 12.25 38.83
N LEU E 83 2.68 12.69 38.41
CA LEU E 83 2.00 13.76 39.13
C LEU E 83 0.50 13.60 38.95
N TYR E 84 -0.27 14.44 39.64
CA TYR E 84 -1.71 14.42 39.40
C TYR E 84 -2.28 15.82 39.29
N LEU E 85 -3.36 15.91 38.53
CA LEU E 85 -4.04 17.15 38.27
C LEU E 85 -5.27 17.23 39.18
N ASP E 86 -5.56 18.42 39.68
CA ASP E 86 -6.75 18.62 40.50
C ASP E 86 -7.93 18.78 39.55
N MET E 87 -8.84 17.81 39.51
CA MET E 87 -9.90 17.82 38.51
C MET E 87 -11.29 17.60 39.10
N GLN E 88 -12.31 17.75 38.27
CA GLN E 88 -13.68 17.47 38.72
C GLN E 88 -14.47 16.70 37.67
N LEU E 89 -14.92 15.50 38.07
CA LEU E 89 -15.55 14.56 37.15
C LEU E 89 -17.04 14.46 37.40
N THR E 90 -17.83 14.42 36.34
CA THR E 90 -19.25 14.12 36.44
C THR E 90 -19.47 12.61 36.50
N VAL E 91 -20.32 12.15 37.42
CA VAL E 91 -20.64 10.74 37.53
C VAL E 91 -22.13 10.54 37.19
N PRO E 92 -22.57 9.29 37.02
CA PRO E 92 -23.97 9.11 36.63
C PRO E 92 -24.89 9.69 37.69
N GLY E 93 -25.86 10.50 37.27
CA GLY E 93 -26.75 11.14 38.22
C GLY E 93 -26.53 12.63 38.32
N GLY E 94 -25.33 13.08 37.94
CA GLY E 94 -25.05 14.50 37.87
C GLY E 94 -24.11 15.02 38.93
N GLU E 95 -23.89 14.23 39.97
CA GLU E 95 -22.92 14.59 40.99
C GLU E 95 -21.56 14.76 40.34
N VAL E 96 -20.86 15.83 40.74
CA VAL E 96 -19.51 16.11 40.30
C VAL E 96 -18.56 15.83 41.45
N LEU E 97 -17.58 14.96 41.21
CA LEU E 97 -16.60 14.60 42.25
C LEU E 97 -15.22 15.19 41.97
N PRO E 98 -14.51 15.54 43.04
CA PRO E 98 -13.10 15.89 42.89
C PRO E 98 -12.32 14.61 42.60
N VAL E 99 -11.48 14.64 41.57
CA VAL E 99 -10.65 13.48 41.23
C VAL E 99 -9.22 13.92 40.96
N ALA E 100 -8.28 13.01 41.21
CA ALA E 100 -6.87 13.23 40.92
C ALA E 100 -6.57 12.65 39.53
N GLY E 101 -6.32 13.53 38.57
CA GLY E 101 -6.04 13.06 37.21
C GLY E 101 -4.56 12.78 37.06
N ILE E 102 -4.16 11.51 37.05
CA ILE E 102 -2.74 11.16 36.90
C ILE E 102 -2.18 11.56 35.54
N SER E 103 -0.97 12.13 35.51
CA SER E 103 -0.39 12.60 34.25
C SER E 103 1.15 12.72 34.29
N PHE E 104 1.76 12.79 33.11
CA PHE E 104 3.21 12.94 33.00
C PHE E 104 3.99 11.80 33.64
N VAL E 105 3.41 10.62 33.61
CA VAL E 105 4.06 9.44 34.16
C VAL E 105 5.15 8.99 33.18
N ALA E 106 6.37 8.84 33.67
CA ALA E 106 7.50 8.46 32.83
C ALA E 106 8.60 7.82 33.66
N VAL E 107 9.24 6.81 33.08
CA VAL E 107 10.43 6.21 33.66
C VAL E 107 11.46 6.06 32.52
N ALA E 108 12.65 6.61 32.74
CA ALA E 108 13.70 6.59 31.72
C ALA E 108 13.88 5.18 31.15
N PRO E 109 14.05 5.08 29.82
CA PRO E 109 14.16 3.73 29.25
C PRO E 109 15.36 2.96 29.81
N THR E 110 16.28 3.68 30.45
CA THR E 110 17.44 3.07 31.08
C THR E 110 17.14 2.43 32.43
N HIS E 111 16.01 2.77 33.03
CA HIS E 111 15.67 2.32 34.37
C HIS E 111 14.36 1.53 34.45
N ARG E 112 13.85 1.13 33.29
CA ARG E 112 12.54 0.53 33.19
C ARG E 112 12.50 -0.89 33.75
N ARG E 113 11.29 -1.34 34.11
CA ARG E 113 11.08 -2.68 34.63
C ARG E 113 12.04 -3.04 35.79
N ARG E 114 12.27 -2.04 36.65
CA ARG E 114 12.98 -2.28 37.90
C ARG E 114 12.10 -1.95 39.11
N GLY E 115 10.83 -1.65 38.87
CA GLY E 115 9.89 -1.35 39.93
C GLY E 115 9.77 0.14 40.24
N VAL E 116 10.33 0.96 39.37
CA VAL E 116 10.32 2.42 39.57
C VAL E 116 8.91 3.00 39.57
N LEU E 117 8.09 2.64 38.58
CA LEU E 117 6.71 3.12 38.55
C LEU E 117 5.97 2.67 39.81
N ARG E 118 6.11 1.40 40.17
CA ARG E 118 5.40 0.86 41.33
C ARG E 118 5.71 1.71 42.56
N ALA E 119 6.98 2.03 42.75
CA ALA E 119 7.39 2.86 43.89
C ALA E 119 6.78 4.25 43.83
N MET E 120 6.83 4.89 42.66
CA MET E 120 6.27 6.22 42.53
C MET E 120 4.77 6.24 42.73
N TYR E 121 4.10 5.20 42.23
CA TYR E 121 2.66 5.14 42.29
C TYR E 121 2.21 4.91 43.74
N THR E 122 2.95 4.07 44.46
CA THR E 122 2.66 3.83 45.86
C THR E 122 2.62 5.15 46.64
N GLU E 123 3.68 5.95 46.47
CA GLU E 123 3.79 7.24 47.12
C GLU E 123 2.72 8.21 46.62
N LEU E 124 2.52 8.24 45.30
CA LEU E 124 1.60 9.19 44.71
C LEU E 124 0.17 8.92 45.13
N HIS E 125 -0.17 7.64 45.27
CA HIS E 125 -1.52 7.29 45.70
C HIS E 125 -1.75 7.55 47.21
N ASP E 126 -0.69 7.52 48.00
CA ASP E 126 -0.77 7.93 49.41
C ASP E 126 -1.09 9.41 49.48
N ARG E 127 -0.44 10.17 48.59
CA ARG E 127 -0.69 11.61 48.53
C ARG E 127 -2.13 11.87 48.12
N ILE E 128 -2.58 11.13 47.11
CA ILE E 128 -3.97 11.22 46.64
C ILE E 128 -4.95 10.90 47.76
N ALA E 129 -4.69 9.82 48.48
CA ALA E 129 -5.56 9.42 49.59
C ALA E 129 -5.55 10.50 50.69
N ARG E 130 -4.36 10.89 51.13
CA ARG E 130 -4.24 11.97 52.12
C ARG E 130 -5.02 13.23 51.75
N ALA E 131 -5.08 13.53 50.45
CA ALA E 131 -5.73 14.74 49.99
C ALA E 131 -7.25 14.58 49.94
N GLY E 132 -7.72 13.34 50.10
CA GLY E 132 -9.14 13.07 50.23
C GLY E 132 -9.92 12.77 48.96
N TYR E 133 -9.26 12.70 47.82
CA TYR E 133 -9.93 12.34 46.56
C TYR E 133 -10.57 10.96 46.66
N PRO E 134 -11.85 10.84 46.27
CA PRO E 134 -12.52 9.54 46.28
C PRO E 134 -12.20 8.75 45.00
N LEU E 135 -11.69 9.43 43.97
CA LEU E 135 -11.34 8.79 42.70
C LEU E 135 -10.03 9.28 42.13
N ALA E 136 -9.35 8.37 41.44
CA ALA E 136 -8.19 8.74 40.63
C ALA E 136 -8.50 8.39 39.18
N VAL E 137 -8.06 9.24 38.25
CA VAL E 137 -8.40 9.01 36.85
C VAL E 137 -7.18 9.18 35.96
N LEU E 138 -7.20 8.53 34.80
CA LEU E 138 -6.13 8.73 33.82
C LEU E 138 -6.54 8.28 32.42
N THR E 139 -5.76 8.68 31.42
CA THR E 139 -5.80 8.04 30.11
C THR E 139 -4.46 7.30 29.93
N ALA E 140 -4.47 6.14 29.27
CA ALA E 140 -3.29 5.29 29.24
C ALA E 140 -2.62 5.28 27.87
N SER E 141 -1.29 5.27 27.90
CA SER E 141 -0.50 5.16 26.69
C SER E 141 -0.55 3.72 26.18
N GLU E 142 -0.64 2.76 27.11
CA GLU E 142 -0.79 1.35 26.74
C GLU E 142 -1.86 0.67 27.58
N GLY E 143 -2.50 -0.36 27.02
CA GLY E 143 -3.64 -1.00 27.66
C GLY E 143 -3.31 -1.95 28.79
N GLY E 144 -2.02 -2.30 28.93
CA GLY E 144 -1.65 -3.34 29.88
C GLY E 144 -1.03 -2.89 31.20
N ILE E 145 -0.98 -1.58 31.44
CA ILE E 145 -0.24 -1.08 32.60
C ILE E 145 -1.09 -1.02 33.88
N TYR E 146 -2.26 -0.40 33.79
CA TYR E 146 -2.90 0.09 35.00
C TYR E 146 -3.94 -0.79 35.69
N GLY E 147 -4.38 -1.86 35.04
CA GLY E 147 -5.29 -2.80 35.68
C GLY E 147 -4.73 -3.23 37.02
N ARG E 148 -3.44 -3.52 37.05
CA ARG E 148 -2.78 -4.06 38.24
C ARG E 148 -2.75 -3.06 39.39
N PHE E 149 -2.90 -1.78 39.06
CA PHE E 149 -2.91 -0.74 40.08
C PHE E 149 -4.32 -0.34 40.49
N GLY E 150 -5.30 -1.09 39.99
CA GLY E 150 -6.68 -0.87 40.39
C GLY E 150 -7.49 0.02 39.46
N TYR E 151 -6.92 0.40 38.31
CA TYR E 151 -7.65 1.23 37.36
C TYR E 151 -8.47 0.35 36.42
N GLY E 152 -9.72 0.74 36.18
CA GLY E 152 -10.56 0.05 35.22
C GLY E 152 -10.92 0.95 34.05
N VAL E 153 -11.22 0.35 32.90
CA VAL E 153 -11.59 1.11 31.72
C VAL E 153 -13.03 1.59 31.84
N ALA E 154 -13.21 2.90 31.99
CA ALA E 154 -14.53 3.45 32.32
C ALA E 154 -15.26 4.04 31.12
N THR E 155 -14.50 4.51 30.13
CA THR E 155 -15.10 4.96 28.86
C THR E 155 -14.34 4.39 27.67
N ILE E 156 -15.06 4.22 26.57
CA ILE E 156 -14.53 3.67 25.33
C ILE E 156 -14.63 4.71 24.23
N GLU E 157 -13.52 4.94 23.52
CA GLU E 157 -13.54 5.79 22.34
C GLU E 157 -13.44 4.96 21.07
N GLN E 158 -14.30 5.27 20.11
CA GLN E 158 -14.32 4.56 18.85
C GLN E 158 -14.07 5.56 17.75
N HIS E 159 -13.20 5.19 16.82
CA HIS E 159 -12.98 6.03 15.66
C HIS E 159 -14.04 5.70 14.63
N VAL E 160 -14.77 6.72 14.22
CA VAL E 160 -15.83 6.58 13.25
C VAL E 160 -15.48 7.43 12.04
N SER E 161 -15.66 6.85 10.86
CA SER E 161 -15.36 7.53 9.62
C SER E 161 -16.61 7.51 8.74
N VAL E 162 -17.07 8.68 8.35
CA VAL E 162 -18.30 8.79 7.58
C VAL E 162 -18.01 9.12 6.11
N ASP E 163 -18.48 8.27 5.20
CA ASP E 163 -18.38 8.58 3.79
C ASP E 163 -19.45 9.59 3.45
N ARG E 164 -19.09 10.87 3.37
CA ARG E 164 -20.11 11.90 3.28
C ARG E 164 -20.71 12.05 1.88
N ARG E 165 -20.07 11.45 0.88
CA ARG E 165 -20.63 11.44 -0.47
C ARG E 165 -21.78 10.44 -0.58
N LEU E 166 -21.78 9.43 0.29
CA LEU E 166 -22.81 8.40 0.26
C LEU E 166 -23.83 8.51 1.41
N ALA E 167 -23.41 9.07 2.53
CA ALA E 167 -24.29 9.19 3.69
C ALA E 167 -25.52 10.02 3.34
N GLN E 168 -26.68 9.60 3.83
CA GLN E 168 -27.91 10.36 3.68
C GLN E 168 -28.63 10.36 5.01
N PHE E 169 -29.23 11.48 5.36
CA PHE E 169 -30.01 11.53 6.60
C PHE E 169 -31.35 10.86 6.53
N HIS E 170 -31.67 10.13 7.59
CA HIS E 170 -32.95 9.45 7.72
C HIS E 170 -34.09 10.47 7.61
N PRO E 171 -35.21 10.07 6.98
CA PRO E 171 -36.39 10.92 6.82
C PRO E 171 -36.83 11.56 8.13
N ALA E 172 -36.74 10.81 9.24
CA ALA E 172 -37.21 11.31 10.52
C ALA E 172 -36.23 12.24 11.24
N ALA E 173 -34.95 12.19 10.86
CA ALA E 173 -33.90 12.90 11.61
C ALA E 173 -34.16 14.39 11.72
N PRO E 174 -33.93 14.95 12.92
CA PRO E 174 -34.09 16.40 13.13
C PRO E 174 -33.26 17.18 12.12
N ASP E 175 -33.80 18.29 11.64
CA ASP E 175 -33.08 19.18 10.75
C ASP E 175 -33.41 20.62 11.15
N PRO E 176 -32.95 21.03 12.34
CA PRO E 176 -33.40 22.28 12.97
C PRO E 176 -32.67 23.55 12.51
N GLY E 177 -31.57 23.42 11.78
CA GLY E 177 -30.81 24.60 11.38
C GLY E 177 -30.17 25.31 12.58
N GLY E 178 -29.76 26.56 12.38
CA GLY E 178 -29.16 27.34 13.44
C GLY E 178 -27.66 27.21 13.57
N VAL E 179 -27.02 26.52 12.61
CA VAL E 179 -25.58 26.37 12.67
C VAL E 179 -24.87 27.52 11.97
N ARG E 180 -23.83 28.07 12.60
CA ARG E 180 -23.02 29.16 12.05
C ARG E 180 -21.60 28.73 11.80
N MET E 181 -20.92 29.41 10.88
CA MET E 181 -19.50 29.21 10.60
C MET E 181 -18.63 30.12 11.48
N LEU E 182 -18.05 29.56 12.53
CA LEU E 182 -17.34 30.36 13.52
C LEU E 182 -15.83 30.43 13.32
N VAL E 183 -15.24 31.51 13.82
CA VAL E 183 -13.81 31.55 14.13
C VAL E 183 -13.76 31.26 15.63
N PRO E 184 -13.30 30.07 16.01
CA PRO E 184 -13.45 29.61 17.40
C PRO E 184 -12.78 30.55 18.41
N ALA E 185 -11.60 31.08 18.07
CA ALA E 185 -10.90 31.98 18.97
C ALA E 185 -11.79 33.15 19.39
N ASP E 186 -12.74 33.52 18.54
CA ASP E 186 -13.61 34.66 18.82
C ASP E 186 -14.82 34.32 19.70
N HIS E 187 -14.87 33.10 20.21
CA HIS E 187 -16.03 32.68 21.01
C HIS E 187 -15.69 31.80 22.20
N ARG E 188 -14.54 32.03 22.83
CA ARG E 188 -14.16 31.21 23.98
C ARG E 188 -15.31 31.03 24.97
N ASP E 189 -15.86 32.15 25.43
CA ASP E 189 -16.90 32.10 26.46
C ASP E 189 -18.12 31.28 26.02
N GLY E 190 -18.64 31.57 24.84
CA GLY E 190 -19.77 30.82 24.32
C GLY E 190 -19.51 29.32 24.25
N LEU E 191 -18.36 28.94 23.71
CA LEU E 191 -18.03 27.52 23.61
C LEU E 191 -17.84 26.90 24.99
N ALA E 192 -17.15 27.61 25.87
CA ALA E 192 -16.90 27.09 27.21
C ALA E 192 -18.20 26.81 27.93
N ASP E 193 -19.22 27.65 27.70
CA ASP E 193 -20.51 27.45 28.35
C ASP E 193 -21.28 26.27 27.79
N ILE E 194 -21.22 26.09 26.48
CA ILE E 194 -21.84 24.90 25.89
C ILE E 194 -21.18 23.66 26.46
N TYR E 195 -19.85 23.69 26.54
CA TYR E 195 -19.12 22.56 27.09
C TYR E 195 -19.54 22.36 28.54
N ASP E 196 -19.61 23.45 29.30
CA ASP E 196 -20.06 23.33 30.69
C ASP E 196 -21.45 22.69 30.81
N ARG E 197 -22.37 23.09 29.96
CA ARG E 197 -23.70 22.49 30.02
C ARG E 197 -23.65 21.00 29.66
N TRP E 198 -22.82 20.65 28.68
CA TRP E 198 -22.67 19.24 28.33
C TRP E 198 -22.03 18.50 29.51
N ARG E 199 -20.98 19.11 30.08
CA ARG E 199 -20.28 18.56 31.24
C ARG E 199 -21.21 18.17 32.37
N ARG E 200 -22.07 19.11 32.77
CA ARG E 200 -22.97 18.87 33.89
C ARG E 200 -23.92 17.70 33.68
N ARG E 201 -24.26 17.37 32.45
CA ARG E 201 -25.19 16.25 32.26
C ARG E 201 -24.57 14.96 31.72
N THR E 202 -23.26 14.91 31.52
CA THR E 202 -22.67 13.72 30.94
C THR E 202 -21.58 13.15 31.81
N PRO E 203 -21.80 11.93 32.33
CA PRO E 203 -20.79 11.23 33.10
C PRO E 203 -19.52 11.13 32.27
N GLY E 204 -18.37 11.44 32.86
CA GLY E 204 -17.14 11.55 32.09
C GLY E 204 -16.76 13.00 31.86
N GLY E 205 -17.73 13.89 32.02
CA GLY E 205 -17.46 15.31 31.95
C GLY E 205 -16.38 15.72 32.93
N LEU E 206 -15.52 16.63 32.50
CA LEU E 206 -14.44 17.14 33.34
C LEU E 206 -14.48 18.64 33.25
N VAL E 207 -14.35 19.32 34.39
CA VAL E 207 -14.27 20.76 34.36
C VAL E 207 -13.04 21.16 33.54
N ARG E 208 -13.22 22.15 32.68
CA ARG E 208 -12.17 22.54 31.77
C ARG E 208 -11.69 23.97 32.00
N PRO E 209 -10.57 24.13 32.73
CA PRO E 209 -10.04 25.45 33.10
C PRO E 209 -9.75 26.37 31.91
N ASP E 210 -9.73 27.67 32.15
CA ASP E 210 -9.46 28.65 31.10
C ASP E 210 -8.18 28.35 30.35
N ALA E 211 -7.16 27.91 31.08
CA ALA E 211 -5.85 27.68 30.48
C ALA E 211 -5.90 26.61 29.40
N LEU E 212 -6.83 25.66 29.54
CA LEU E 212 -6.99 24.62 28.53
C LEU E 212 -7.75 25.16 27.32
N TRP E 213 -8.77 25.99 27.56
CA TRP E 213 -9.50 26.66 26.48
C TRP E 213 -8.59 27.56 25.65
N ASP E 214 -7.79 28.38 26.31
CA ASP E 214 -6.83 29.23 25.61
C ASP E 214 -5.84 28.41 24.79
N ASP E 215 -5.34 27.32 25.37
CA ASP E 215 -4.35 26.51 24.66
C ASP E 215 -4.99 25.82 23.44
N LEU E 216 -6.23 25.36 23.60
CA LEU E 216 -6.95 24.75 22.49
C LEU E 216 -7.15 25.74 21.36
N LEU E 217 -7.76 26.88 21.69
CA LEU E 217 -8.11 27.89 20.70
C LEU E 217 -6.90 28.63 20.13
N ALA E 218 -5.77 28.53 20.81
CA ALA E 218 -4.54 29.11 20.30
C ALA E 218 -4.11 28.34 19.05
N ASP E 219 -4.62 27.12 18.92
CA ASP E 219 -4.40 26.31 17.73
C ASP E 219 -2.95 26.38 17.25
N ARG E 220 -2.03 25.96 18.11
CA ARG E 220 -0.61 25.92 17.75
C ARG E 220 -0.35 24.83 16.71
N PRO E 221 0.46 25.16 15.69
CA PRO E 221 0.80 24.24 14.60
C PRO E 221 1.39 22.92 15.08
N GLU E 222 2.08 22.92 16.21
CA GLU E 222 2.67 21.70 16.76
C GLU E 222 1.60 20.68 17.14
N SER E 223 0.54 21.16 17.79
CA SER E 223 -0.52 20.30 18.31
C SER E 223 -1.57 20.00 17.25
N ARG E 224 -1.18 20.03 15.99
CA ARG E 224 -2.15 20.04 14.91
C ARG E 224 -2.38 18.67 14.26
N ARG E 225 -1.57 17.68 14.65
CA ARG E 225 -1.69 16.36 14.05
C ARG E 225 -1.76 16.51 12.54
N GLY E 226 -0.71 17.08 11.96
CA GLY E 226 -0.71 17.41 10.55
C GLY E 226 -1.17 18.85 10.34
N GLY E 227 -2.47 19.01 10.07
CA GLY E 227 -3.07 20.32 9.87
C GLY E 227 -4.49 20.10 9.40
N GLY E 228 -5.17 21.15 8.96
CA GLY E 228 -4.66 22.52 9.01
C GLY E 228 -5.32 23.30 10.15
N GLU E 229 -5.51 24.60 9.96
CA GLU E 229 -6.11 25.45 10.97
C GLU E 229 -7.53 25.04 11.34
N LEU E 230 -7.91 25.27 12.59
CA LEU E 230 -9.22 24.86 13.10
C LEU E 230 -10.37 25.54 12.35
N PHE E 231 -11.42 24.78 12.13
CA PHE E 231 -12.71 25.30 11.70
C PHE E 231 -13.67 25.05 12.84
N ALA E 232 -14.74 25.83 12.93
CA ALA E 232 -15.77 25.54 13.92
C ALA E 232 -17.16 25.75 13.34
N PHE E 233 -18.05 24.81 13.63
CA PHE E 233 -19.46 25.05 13.45
C PHE E 233 -20.02 25.37 14.82
N GLY E 234 -20.92 26.34 14.88
CA GLY E 234 -21.50 26.75 16.14
C GLY E 234 -23.01 26.70 16.11
N HIS E 235 -23.58 26.17 17.20
CA HIS E 235 -25.02 26.14 17.41
C HIS E 235 -25.25 26.68 18.81
N GLN E 236 -26.45 27.14 19.11
CA GLN E 236 -26.68 27.68 20.44
C GLN E 236 -26.51 26.59 21.51
N ASP E 237 -26.83 25.34 21.16
CA ASP E 237 -26.67 24.20 22.09
C ASP E 237 -25.59 23.17 21.69
N GLY E 238 -24.57 23.62 20.97
CA GLY E 238 -23.49 22.73 20.59
C GLY E 238 -22.50 23.36 19.64
N TYR E 239 -21.33 22.74 19.53
CA TYR E 239 -20.34 23.14 18.55
C TYR E 239 -19.56 21.92 18.06
N ALA E 240 -18.90 22.09 16.92
CA ALA E 240 -17.95 21.10 16.43
C ALA E 240 -16.69 21.82 16.00
N LEU E 241 -15.54 21.38 16.52
CA LEU E 241 -14.28 21.90 16.06
C LEU E 241 -13.70 20.85 15.14
N TYR E 242 -13.15 21.26 14.01
CA TYR E 242 -12.57 20.27 13.10
C TYR E 242 -11.45 20.84 12.24
N ARG E 243 -10.62 19.93 11.73
CA ARG E 243 -9.54 20.29 10.83
C ARG E 243 -9.72 19.58 9.50
N VAL E 244 -9.23 20.18 8.43
CA VAL E 244 -9.20 19.52 7.13
C VAL E 244 -7.78 19.08 6.78
N ASP E 245 -7.68 17.88 6.21
CA ASP E 245 -6.41 17.26 5.88
C ASP E 245 -6.41 16.89 4.40
N ARG E 246 -5.24 17.02 3.77
CA ARG E 246 -5.09 16.75 2.35
C ARG E 246 -4.43 15.39 2.13
N GLY E 247 -4.64 14.83 0.95
CA GLY E 247 -3.98 13.59 0.57
C GLY E 247 -2.84 13.87 -0.39
N PRO E 248 -1.95 12.88 -0.60
CA PRO E 248 -0.86 13.06 -1.56
C PRO E 248 -1.47 13.35 -2.93
N ASP E 249 -2.46 12.54 -3.28
CA ASP E 249 -3.29 12.76 -4.45
C ASP E 249 -3.86 14.18 -4.46
N GLY E 250 -4.60 14.51 -3.40
CA GLY E 250 -5.24 15.81 -3.30
C GLY E 250 -6.63 15.68 -2.71
N ARG E 251 -6.90 14.51 -2.14
CA ARG E 251 -8.19 14.22 -1.54
C ARG E 251 -8.27 14.84 -0.15
N ARG E 252 -9.34 15.58 0.11
CA ARG E 252 -9.52 16.20 1.41
C ARG E 252 -10.36 15.31 2.34
N SER E 253 -10.00 15.29 3.61
CA SER E 253 -10.84 14.68 4.64
C SER E 253 -10.96 15.64 5.83
N ALA E 254 -12.05 15.53 6.57
CA ALA E 254 -12.28 16.37 7.74
C ALA E 254 -12.17 15.53 9.01
N HIS E 255 -11.30 15.94 9.92
CA HIS E 255 -11.23 15.29 11.20
C HIS E 255 -11.83 16.17 12.28
N VAL E 256 -12.89 15.68 12.91
CA VAL E 256 -13.54 16.37 14.01
C VAL E 256 -12.71 16.22 15.28
N VAL E 257 -12.17 17.34 15.74
CA VAL E 257 -11.38 17.37 16.95
C VAL E 257 -12.30 17.20 18.15
N GLU E 258 -13.44 17.88 18.11
CA GLU E 258 -14.37 17.85 19.22
C GLU E 258 -15.75 18.25 18.75
N LEU E 259 -16.74 17.44 19.08
CA LEU E 259 -18.15 17.81 18.86
C LEU E 259 -18.90 17.64 20.18
N THR E 260 -19.40 18.76 20.69
CA THR E 260 -20.03 18.80 22.00
C THR E 260 -21.43 19.35 21.84
N ALA E 261 -22.43 18.52 22.11
CA ALA E 261 -23.82 18.90 21.91
C ALA E 261 -24.67 18.63 23.14
N VAL E 262 -25.40 19.64 23.61
CA VAL E 262 -26.25 19.42 24.78
C VAL E 262 -27.68 19.04 24.41
N THR E 263 -28.02 19.08 23.13
CA THR E 263 -29.32 18.59 22.66
C THR E 263 -29.18 17.72 21.41
N ALA E 264 -30.13 16.82 21.21
CA ALA E 264 -30.15 15.96 20.04
C ALA E 264 -30.31 16.84 18.80
N ASP E 265 -31.02 17.95 18.95
CA ASP E 265 -31.21 18.91 17.86
C ASP E 265 -29.87 19.46 17.42
N ALA E 266 -29.03 19.81 18.39
CA ALA E 266 -27.73 20.40 18.08
C ALA E 266 -26.82 19.39 17.41
N HIS E 267 -26.78 18.17 17.94
CA HIS E 267 -25.98 17.07 17.40
C HIS E 267 -26.35 16.82 15.94
N ALA E 268 -27.65 16.69 15.66
CA ALA E 268 -28.12 16.48 14.29
C ALA E 268 -27.75 17.65 13.39
N ALA E 269 -27.96 18.86 13.86
CA ALA E 269 -27.66 20.05 13.06
C ALA E 269 -26.16 20.13 12.75
N LEU E 270 -25.34 19.78 13.74
CA LEU E 270 -23.90 19.89 13.54
C LEU E 270 -23.46 18.83 12.53
N TRP E 271 -24.00 17.63 12.64
CA TRP E 271 -23.64 16.57 11.70
C TRP E 271 -24.11 16.88 10.28
N ARG E 272 -25.31 17.42 10.13
CA ARG E 272 -25.75 17.83 8.80
C ARG E 272 -24.79 18.86 8.21
N ALA E 273 -24.31 19.79 9.02
CA ALA E 273 -23.32 20.75 8.53
C ALA E 273 -22.03 20.04 8.09
N LEU E 274 -21.49 19.19 8.97
CA LEU E 274 -20.25 18.47 8.65
C LEU E 274 -20.39 17.60 7.39
N LEU E 275 -21.48 16.86 7.28
CA LEU E 275 -21.66 15.98 6.13
C LEU E 275 -22.01 16.78 4.89
N GLY E 276 -22.19 18.09 5.06
CA GLY E 276 -22.42 19.00 3.95
C GLY E 276 -21.15 19.53 3.30
N LEU E 277 -19.99 19.18 3.83
CA LEU E 277 -18.72 19.66 3.25
C LEU E 277 -18.41 19.06 1.87
N ASP E 278 -18.73 19.82 0.82
CA ASP E 278 -18.75 19.31 -0.55
C ASP E 278 -17.47 18.66 -1.10
N LEU E 279 -16.31 19.22 -0.80
CA LEU E 279 -15.06 18.72 -1.38
C LEU E 279 -14.31 17.78 -0.44
N ILE E 280 -14.95 17.42 0.67
CA ILE E 280 -14.40 16.46 1.62
C ILE E 280 -14.92 15.09 1.26
N ASP E 281 -14.06 14.07 1.29
CA ASP E 281 -14.49 12.70 1.03
C ASP E 281 -15.08 12.04 2.28
N ARG E 282 -14.41 12.18 3.42
CA ARG E 282 -14.85 11.53 4.65
C ARG E 282 -14.74 12.47 5.84
N VAL E 283 -15.60 12.27 6.82
CA VAL E 283 -15.52 13.00 8.07
C VAL E 283 -15.33 11.96 9.16
N SER E 284 -14.30 12.13 9.97
CA SER E 284 -14.08 11.18 11.05
C SER E 284 -14.09 11.85 12.42
N ILE E 285 -14.27 11.05 13.46
CA ILE E 285 -14.37 11.55 14.81
C ILE E 285 -14.03 10.42 15.77
N GLY E 286 -13.44 10.76 16.91
CA GLY E 286 -13.30 9.80 17.99
C GLY E 286 -14.48 10.03 18.91
N THR E 287 -15.39 9.07 18.99
CA THR E 287 -16.60 9.26 19.76
C THR E 287 -16.92 8.07 20.68
N HIS E 288 -18.06 8.11 21.35
CA HIS E 288 -18.42 7.02 22.24
C HIS E 288 -19.27 5.97 21.53
N PRO E 289 -19.36 4.77 22.09
CA PRO E 289 -20.02 3.68 21.36
C PRO E 289 -21.50 3.93 21.04
N HIS E 290 -22.14 4.85 21.77
CA HIS E 290 -23.58 5.04 21.62
C HIS E 290 -23.97 6.33 20.90
N ASP E 291 -23.02 6.93 20.22
CA ASP E 291 -23.26 8.14 19.45
C ASP E 291 -24.48 7.96 18.54
N PRO E 292 -25.45 8.87 18.62
CA PRO E 292 -26.65 8.71 17.79
C PRO E 292 -26.39 8.80 16.28
N LEU E 293 -25.22 9.28 15.88
CA LEU E 293 -24.94 9.50 14.45
C LEU E 293 -25.52 8.44 13.50
N PRO E 294 -25.15 7.17 13.69
CA PRO E 294 -25.63 6.18 12.70
C PRO E 294 -27.16 6.08 12.69
N TYR E 295 -27.80 6.39 13.80
CA TYR E 295 -29.26 6.35 13.88
C TYR E 295 -29.90 7.52 13.11
N LEU E 296 -29.12 8.56 12.86
CA LEU E 296 -29.59 9.69 12.06
C LEU E 296 -29.61 9.41 10.56
N LEU E 297 -29.03 8.27 10.16
CA LEU E 297 -28.79 8.02 8.73
C LEU E 297 -29.73 6.99 8.11
N THR E 298 -29.95 7.10 6.82
CA THR E 298 -30.71 6.09 6.10
C THR E 298 -29.94 4.77 6.04
N ASP E 299 -28.61 4.84 5.93
CA ASP E 299 -27.77 3.63 5.95
C ASP E 299 -26.74 3.77 7.07
N PRO E 300 -26.95 3.06 8.18
CA PRO E 300 -26.08 3.26 9.34
C PRO E 300 -24.66 2.79 9.08
N ARG E 301 -24.47 1.99 8.04
CA ARG E 301 -23.13 1.54 7.67
C ARG E 301 -22.21 2.66 7.24
N GLN E 302 -22.77 3.74 6.69
CA GLN E 302 -21.93 4.84 6.24
C GLN E 302 -21.19 5.51 7.39
N ALA E 303 -21.59 5.22 8.62
CA ALA E 303 -20.87 5.70 9.80
C ALA E 303 -20.02 4.55 10.31
N GLN E 304 -18.82 4.45 9.77
CA GLN E 304 -18.02 3.24 9.87
C GLN E 304 -17.07 3.29 11.06
N VAL E 305 -17.27 2.37 12.00
CA VAL E 305 -16.33 2.15 13.09
C VAL E 305 -15.08 1.45 12.55
N THR E 306 -13.92 2.04 12.80
CA THR E 306 -12.65 1.51 12.34
C THR E 306 -11.68 1.18 13.48
N ALA E 307 -12.00 1.61 14.69
CA ALA E 307 -11.19 1.29 15.86
C ALA E 307 -12.01 1.53 17.12
N SER E 308 -11.66 0.84 18.20
CA SER E 308 -12.33 1.03 19.48
C SER E 308 -11.29 0.74 20.55
N ALA E 309 -11.17 1.62 21.54
CA ALA E 309 -10.16 1.47 22.56
C ALA E 309 -10.59 2.13 23.86
N ASP E 310 -9.92 1.75 24.95
CA ASP E 310 -10.09 2.39 26.25
C ASP E 310 -9.82 3.89 26.14
N ASP E 311 -10.54 4.70 26.91
CA ASP E 311 -10.25 6.13 26.92
C ASP E 311 -9.97 6.56 28.39
N LEU E 312 -11.01 6.85 29.16
CA LEU E 312 -10.83 7.15 30.59
C LEU E 312 -10.66 5.88 31.42
N TRP E 313 -9.66 5.88 32.30
CA TRP E 313 -9.55 4.82 33.30
C TRP E 313 -9.88 5.43 34.67
N ILE E 314 -10.45 4.62 35.56
CA ILE E 314 -10.78 5.08 36.91
C ILE E 314 -10.33 4.09 37.97
N ARG E 315 -9.67 4.60 39.00
CA ARG E 315 -9.44 3.85 40.23
C ARG E 315 -10.26 4.48 41.35
N ILE E 316 -11.10 3.68 41.97
CA ILE E 316 -11.87 4.17 43.11
C ILE E 316 -10.96 4.14 44.34
N MET E 317 -10.73 5.31 44.93
CA MET E 317 -9.89 5.41 46.13
C MET E 317 -10.70 5.20 47.42
N ASN E 318 -11.98 5.54 47.37
CA ASN E 318 -12.86 5.51 48.55
C ASN E 318 -14.17 4.92 48.06
N VAL E 319 -14.34 3.63 48.29
CA VAL E 319 -15.49 2.89 47.75
C VAL E 319 -16.84 3.44 48.21
N PRO E 320 -17.02 3.60 49.54
CA PRO E 320 -18.34 4.11 49.93
C PRO E 320 -18.64 5.48 49.33
N ALA E 321 -17.70 6.41 49.37
CA ALA E 321 -17.95 7.74 48.84
C ALA E 321 -18.27 7.73 47.34
N ALA E 322 -17.49 6.95 46.57
CA ALA E 322 -17.72 6.89 45.14
C ALA E 322 -19.04 6.21 44.82
N LEU E 323 -19.33 5.09 45.48
CA LEU E 323 -20.58 4.39 45.20
C LEU E 323 -21.81 5.17 45.67
N GLU E 324 -21.69 5.92 46.76
CA GLU E 324 -22.83 6.70 47.23
C GLU E 324 -23.05 7.97 46.42
N ALA E 325 -22.04 8.38 45.65
CA ALA E 325 -22.14 9.65 44.92
C ALA E 325 -22.92 9.51 43.60
N ARG E 326 -22.91 8.34 43.00
CA ARG E 326 -23.58 8.18 41.72
C ARG E 326 -24.97 7.58 41.90
N ARG E 327 -25.81 7.73 40.87
CA ARG E 327 -27.14 7.15 40.89
C ARG E 327 -27.15 5.82 40.12
N TYR E 328 -28.20 5.04 40.32
CA TYR E 328 -28.28 3.71 39.75
C TYR E 328 -29.59 3.48 39.03
N GLN E 329 -29.60 2.52 38.11
CA GLN E 329 -30.76 2.31 37.24
C GLN E 329 -31.72 1.27 37.77
N ALA E 330 -31.25 0.44 38.70
CA ALA E 330 -32.06 -0.62 39.26
C ALA E 330 -31.72 -0.77 40.73
N ASP E 331 -32.61 -1.41 41.48
CA ASP E 331 -32.39 -1.59 42.90
C ASP E 331 -31.61 -2.85 43.19
N LEU E 332 -30.95 -2.86 44.34
CA LEU E 332 -30.03 -3.93 44.69
C LEU E 332 -29.85 -3.99 46.20
N ASP E 333 -29.46 -5.14 46.73
CA ASP E 333 -29.12 -5.27 48.13
C ASP E 333 -28.19 -6.47 48.30
N VAL E 334 -26.90 -6.19 48.44
CA VAL E 334 -25.89 -7.24 48.46
C VAL E 334 -24.72 -6.88 49.34
N VAL E 335 -23.90 -7.87 49.67
CA VAL E 335 -22.62 -7.59 50.29
C VAL E 335 -21.53 -7.78 49.24
N LEU E 336 -20.75 -6.72 49.02
CA LEU E 336 -19.72 -6.69 48.00
C LEU E 336 -18.34 -6.87 48.64
N ASP E 337 -17.58 -7.85 48.18
CA ASP E 337 -16.19 -8.00 48.59
C ASP E 337 -15.29 -7.44 47.48
N VAL E 338 -14.64 -6.31 47.75
CA VAL E 338 -13.80 -5.64 46.77
C VAL E 338 -12.33 -5.97 46.98
N ALA E 339 -11.73 -6.61 45.99
CA ALA E 339 -10.33 -7.01 46.10
C ALA E 339 -9.40 -5.95 45.55
N ASP E 340 -8.46 -5.52 46.39
CA ASP E 340 -7.49 -4.51 46.05
C ASP E 340 -6.11 -5.11 46.26
N GLY E 341 -5.47 -5.52 45.16
CA GLY E 341 -4.13 -6.08 45.22
C GLY E 341 -3.01 -5.06 45.31
N PHE E 342 -3.35 -3.78 45.22
CA PHE E 342 -2.32 -2.74 45.22
C PHE E 342 -2.29 -1.98 46.55
N ARG E 343 -3.45 -1.60 47.04
CA ARG E 343 -3.55 -0.90 48.31
C ARG E 343 -4.55 -1.61 49.20
N SER E 344 -5.15 -0.88 50.14
CA SER E 344 -6.11 -1.45 51.06
C SER E 344 -7.43 -0.70 50.97
N ASP E 345 -7.82 -0.36 49.75
CA ASP E 345 -9.03 0.42 49.55
C ASP E 345 -10.25 -0.45 49.28
N GLY E 346 -10.06 -1.75 49.37
CA GLY E 346 -11.15 -2.70 49.15
C GLY E 346 -11.76 -3.17 50.45
N GLY E 347 -12.31 -4.39 50.44
CA GLY E 347 -12.89 -4.97 51.63
C GLY E 347 -14.37 -5.28 51.42
N ARG E 348 -15.06 -5.64 52.50
CA ARG E 348 -16.47 -5.96 52.39
C ARG E 348 -17.35 -4.76 52.70
N PHE E 349 -18.36 -4.56 51.87
CA PHE E 349 -19.23 -3.40 51.97
C PHE E 349 -20.66 -3.85 51.74
N ALA E 350 -21.56 -3.47 52.64
CA ALA E 350 -22.97 -3.69 52.40
C ALA E 350 -23.46 -2.64 51.43
N LEU E 351 -24.10 -3.07 50.35
CA LEU E 351 -24.48 -2.14 49.30
C LEU E 351 -25.98 -2.21 49.05
N GLN E 352 -26.69 -1.16 49.46
CA GLN E 352 -28.13 -1.12 49.35
C GLN E 352 -28.59 0.01 48.45
N ILE E 353 -29.34 -0.34 47.41
CA ILE E 353 -29.77 0.62 46.41
C ILE E 353 -31.27 0.55 46.25
N SER E 354 -31.94 1.68 46.44
CA SER E 354 -33.38 1.77 46.17
C SER E 354 -33.71 3.21 45.78
N GLY E 355 -34.70 3.36 44.90
CA GLY E 355 -34.97 4.66 44.31
C GLY E 355 -33.76 5.20 43.55
N GLY E 356 -32.90 4.31 43.08
CA GLY E 356 -31.72 4.69 42.35
C GLY E 356 -30.62 5.26 43.22
N ARG E 357 -30.74 5.09 44.53
CA ARG E 357 -29.77 5.70 45.44
C ARG E 357 -29.09 4.66 46.31
N ALA E 358 -27.79 4.87 46.54
CA ALA E 358 -27.01 3.85 47.21
C ALA E 358 -26.59 4.26 48.62
N ARG E 359 -26.62 3.27 49.50
CA ARG E 359 -25.99 3.38 50.80
C ARG E 359 -24.93 2.29 50.79
N CYS E 360 -23.70 2.67 51.11
CA CYS E 360 -22.59 1.73 51.04
C CYS E 360 -21.85 1.82 52.35
N THR E 361 -21.92 0.77 53.13
CA THR E 361 -21.34 0.79 54.45
C THR E 361 -20.35 -0.34 54.64
N THR E 362 -19.24 -0.04 55.28
CA THR E 362 -18.27 -1.06 55.62
C THR E 362 -18.93 -2.11 56.51
N THR E 363 -18.59 -3.38 56.31
CA THR E 363 -19.21 -4.45 57.08
C THR E 363 -18.31 -5.69 57.16
N ASP E 364 -18.78 -6.73 57.83
CA ASP E 364 -18.11 -8.03 57.71
C ASP E 364 -19.08 -9.20 57.61
N ALA E 365 -20.33 -8.88 57.30
CA ALA E 365 -21.25 -9.88 56.80
C ALA E 365 -20.57 -10.58 55.64
N PRO E 366 -20.89 -11.86 55.42
CA PRO E 366 -20.29 -12.62 54.32
C PRO E 366 -20.63 -11.96 52.98
N ALA E 367 -19.70 -12.03 52.04
CA ALA E 367 -19.87 -11.36 50.75
C ALA E 367 -20.82 -12.10 49.81
N ASP E 368 -21.68 -11.33 49.16
CA ASP E 368 -22.57 -11.83 48.11
C ASP E 368 -21.87 -11.90 46.75
N ILE E 369 -21.21 -10.80 46.38
CA ILE E 369 -20.49 -10.71 45.13
C ILE E 369 -19.03 -10.36 45.43
N GLU E 370 -18.12 -10.94 44.66
CA GLU E 370 -16.71 -10.57 44.76
C GLU E 370 -16.32 -9.82 43.50
N ILE E 371 -15.57 -8.74 43.68
CA ILE E 371 -15.21 -7.91 42.54
C ILE E 371 -13.79 -7.35 42.69
N ASP E 372 -13.03 -7.41 41.61
CA ASP E 372 -11.73 -6.76 41.61
C ASP E 372 -11.95 -5.26 41.58
N LEU E 373 -11.07 -4.52 42.26
CA LEU E 373 -11.25 -3.08 42.34
C LEU E 373 -11.28 -2.43 40.95
N ASP E 374 -10.42 -2.88 40.03
CA ASP E 374 -10.40 -2.28 38.71
C ASP E 374 -11.73 -2.49 37.97
N VAL E 375 -12.34 -3.65 38.16
CA VAL E 375 -13.63 -3.93 37.56
C VAL E 375 -14.67 -2.95 38.09
N LEU E 376 -14.65 -2.72 39.39
CA LEU E 376 -15.61 -1.80 39.97
C LEU E 376 -15.45 -0.42 39.32
N GLY E 377 -14.19 0.00 39.15
CA GLY E 377 -13.89 1.24 38.47
C GLY E 377 -14.39 1.30 37.04
N GLY E 378 -14.23 0.19 36.31
CA GLY E 378 -14.62 0.14 34.92
C GLY E 378 -16.13 0.14 34.71
N LEU E 379 -16.87 -0.46 35.63
CA LEU E 379 -18.33 -0.43 35.60
C LEU E 379 -18.89 0.93 36.03
N TYR E 380 -18.03 1.74 36.64
CA TYR E 380 -18.47 2.92 37.40
C TYR E 380 -19.25 3.97 36.61
N LEU E 381 -18.94 4.13 35.32
CA LEU E 381 -19.67 5.09 34.51
C LEU E 381 -20.71 4.43 33.58
N GLY E 382 -20.97 3.14 33.82
CA GLY E 382 -21.94 2.38 33.05
C GLY E 382 -21.51 1.85 31.69
N ALA E 383 -20.20 1.72 31.47
CA ALA E 383 -19.68 1.39 30.13
C ALA E 383 -19.68 -0.10 29.73
N HIS E 384 -19.80 -1.01 30.68
CA HIS E 384 -19.68 -2.42 30.30
C HIS E 384 -20.89 -3.23 30.74
N ARG E 385 -20.96 -4.47 30.26
CA ARG E 385 -21.82 -5.48 30.89
C ARG E 385 -20.93 -6.20 31.89
N VAL E 386 -21.55 -6.98 32.77
CA VAL E 386 -20.82 -7.78 33.74
C VAL E 386 -20.27 -9.08 33.12
N ASP E 387 -20.88 -9.50 32.02
CA ASP E 387 -20.58 -10.78 31.40
C ASP E 387 -19.10 -11.05 31.18
N GLY E 388 -18.41 -10.13 30.51
CA GLY E 388 -17.00 -10.32 30.21
C GLY E 388 -16.17 -10.45 31.46
N PHE E 389 -16.35 -9.52 32.39
CA PHE E 389 -15.63 -9.60 33.66
C PHE E 389 -15.92 -10.92 34.39
N ALA E 390 -17.17 -11.36 34.36
CA ALA E 390 -17.54 -12.59 35.05
C ALA E 390 -16.92 -13.83 34.38
N ALA E 391 -16.95 -13.85 33.05
CA ALA E 391 -16.31 -14.94 32.31
C ALA E 391 -14.81 -15.00 32.62
N ALA E 392 -14.21 -13.82 32.78
CA ALA E 392 -12.79 -13.72 33.07
C ALA E 392 -12.49 -14.00 34.55
N ASN E 393 -13.52 -14.31 35.33
CA ASN E 393 -13.37 -14.53 36.77
C ASN E 393 -12.77 -13.31 37.52
N ARG E 394 -13.06 -12.12 37.01
CA ARG E 394 -12.61 -10.89 37.68
C ARG E 394 -13.77 -10.28 38.46
N LEU E 395 -14.93 -10.93 38.33
CA LEU E 395 -16.15 -10.62 39.08
C LEU E 395 -16.80 -11.97 39.31
N ARG E 396 -17.18 -12.25 40.55
CA ARG E 396 -17.51 -13.62 40.96
C ARG E 396 -18.74 -13.65 41.88
N SER E 397 -19.71 -14.50 41.55
CA SER E 397 -20.85 -14.71 42.43
C SER E 397 -21.29 -16.18 42.39
N LYS E 398 -22.10 -16.58 43.38
CA LYS E 398 -22.69 -17.91 43.38
C LYS E 398 -24.05 -17.83 42.76
N ASP E 399 -24.57 -16.60 42.70
CA ASP E 399 -25.91 -16.35 42.17
C ASP E 399 -25.83 -15.49 40.92
N SER E 400 -25.70 -16.15 39.76
CA SER E 400 -25.58 -15.46 38.49
C SER E 400 -26.74 -14.50 38.25
N GLU E 401 -27.88 -14.78 38.88
CA GLU E 401 -29.03 -13.89 38.79
C GLU E 401 -28.68 -12.53 39.39
N LEU E 402 -27.85 -12.56 40.42
CA LEU E 402 -27.50 -11.35 41.15
C LEU E 402 -26.58 -10.47 40.31
N LEU E 403 -25.59 -11.08 39.68
CA LEU E 403 -24.67 -10.36 38.79
C LEU E 403 -25.45 -9.51 37.80
N GLN E 404 -26.45 -10.11 37.17
CA GLN E 404 -27.28 -9.37 36.24
C GLN E 404 -27.87 -8.13 36.90
N GLN E 405 -28.38 -8.32 38.11
CA GLN E 405 -28.91 -7.21 38.91
C GLN E 405 -27.82 -6.16 39.16
N PHE E 406 -26.66 -6.61 39.60
CA PHE E 406 -25.51 -5.75 39.81
C PHE E 406 -25.23 -4.96 38.54
N GLY E 407 -25.20 -5.66 37.40
CA GLY E 407 -24.93 -5.01 36.14
C GLY E 407 -26.02 -4.03 35.78
N ALA E 408 -27.27 -4.42 36.02
CA ALA E 408 -28.41 -3.57 35.67
C ALA E 408 -28.40 -2.27 36.49
N ALA E 409 -27.96 -2.39 37.74
CA ALA E 409 -27.94 -1.25 38.66
C ALA E 409 -26.89 -0.23 38.24
N PHE E 410 -25.75 -0.73 37.77
CA PHE E 410 -24.61 0.13 37.44
C PHE E 410 -24.70 0.77 36.07
N ALA E 411 -25.68 0.35 35.27
CA ALA E 411 -25.89 0.95 33.97
C ALA E 411 -26.17 2.43 34.14
N GLY E 412 -26.02 3.19 33.06
CA GLY E 412 -26.24 4.61 33.10
C GLY E 412 -27.44 5.05 32.26
N ASP E 413 -28.02 6.19 32.61
CA ASP E 413 -29.11 6.73 31.81
C ASP E 413 -28.59 7.66 30.72
N MET E 414 -27.34 8.11 30.86
CA MET E 414 -26.67 8.80 29.77
C MET E 414 -25.32 8.15 29.46
N PRO E 415 -25.04 7.91 28.16
CA PRO E 415 -23.77 7.34 27.72
C PRO E 415 -22.58 8.16 28.21
N ALA E 416 -21.64 7.51 28.89
CA ALA E 416 -20.46 8.22 29.39
C ALA E 416 -19.49 8.57 28.26
N GLU E 417 -18.79 9.68 28.42
CA GLU E 417 -17.75 10.09 27.50
C GLU E 417 -16.82 11.06 28.20
N LEU E 418 -15.52 10.82 28.09
CA LEU E 418 -14.51 11.70 28.67
C LEU E 418 -14.54 13.08 28.02
N GLY E 419 -14.65 14.12 28.83
CA GLY E 419 -14.75 15.49 28.31
C GLY E 419 -13.58 15.89 27.43
N TYR E 420 -12.37 15.55 27.86
CA TYR E 420 -11.17 15.88 27.10
C TYR E 420 -10.00 15.04 27.59
N GLY E 421 -9.00 14.84 26.72
CA GLY E 421 -7.88 14.00 27.06
C GLY E 421 -6.87 14.70 27.93
N PHE E 422 -6.17 13.93 28.76
CA PHE E 422 -5.15 14.49 29.62
C PHE E 422 -4.16 13.40 29.97
N MET F 21 -46.08 -2.44 -15.69
CA MET F 21 -46.41 -3.86 -15.76
C MET F 21 -45.53 -4.69 -14.81
N ILE F 22 -45.81 -4.59 -13.51
CA ILE F 22 -45.11 -5.39 -12.51
C ILE F 22 -46.08 -6.36 -11.84
N THR F 23 -46.06 -7.61 -12.31
CA THR F 23 -47.02 -8.60 -11.83
C THR F 23 -46.29 -9.77 -11.17
N PRO F 24 -46.07 -9.66 -9.84
CA PRO F 24 -45.38 -10.74 -9.16
C PRO F 24 -46.24 -11.99 -9.19
N ARG F 25 -45.62 -13.15 -9.08
CA ARG F 25 -46.38 -14.35 -8.82
C ARG F 25 -45.62 -15.23 -7.83
N THR F 26 -46.38 -16.00 -7.07
CA THR F 26 -45.83 -16.89 -6.05
C THR F 26 -45.68 -18.27 -6.64
N LEU F 27 -44.53 -18.89 -6.42
CA LEU F 27 -44.36 -20.29 -6.82
C LEU F 27 -44.83 -21.18 -5.68
N HIS F 28 -45.63 -22.20 -5.99
CA HIS F 28 -46.14 -23.12 -4.97
C HIS F 28 -45.01 -23.98 -4.49
N THR F 29 -44.29 -24.54 -5.46
CA THR F 29 -43.07 -25.24 -5.17
C THR F 29 -42.04 -24.74 -6.16
N ILE F 30 -40.77 -24.87 -5.80
CA ILE F 30 -39.71 -24.53 -6.71
C ILE F 30 -39.35 -25.77 -7.52
N THR F 31 -39.65 -25.74 -8.82
CA THR F 31 -39.21 -26.80 -9.71
C THR F 31 -37.76 -26.55 -10.05
N ASP F 32 -37.10 -27.58 -10.59
CA ASP F 32 -35.72 -27.45 -11.01
C ASP F 32 -35.55 -26.36 -12.06
N ASP F 33 -36.48 -26.27 -13.00
CA ASP F 33 -36.44 -25.19 -13.99
C ASP F 33 -36.51 -23.82 -13.34
N ASP F 34 -37.41 -23.68 -12.36
CA ASP F 34 -37.55 -22.41 -11.63
C ASP F 34 -36.26 -22.05 -10.89
N TRP F 35 -35.67 -23.02 -10.19
CA TRP F 35 -34.43 -22.76 -9.49
C TRP F 35 -33.30 -22.33 -10.46
N THR F 36 -33.30 -22.90 -11.65
CA THR F 36 -32.34 -22.51 -12.67
C THR F 36 -32.43 -21.02 -12.98
N ARG F 37 -33.66 -20.55 -13.16
CA ARG F 37 -33.89 -19.13 -13.41
C ARG F 37 -33.52 -18.29 -12.20
N ILE F 38 -33.69 -18.87 -11.02
CA ILE F 38 -33.42 -18.18 -9.75
C ILE F 38 -31.92 -18.00 -9.58
N ALA F 39 -31.17 -19.05 -9.91
CA ALA F 39 -29.72 -19.03 -9.80
C ALA F 39 -29.10 -18.09 -10.83
N LEU F 40 -29.69 -18.04 -12.04
CA LEU F 40 -29.18 -17.14 -13.07
C LEU F 40 -29.35 -15.68 -12.66
N LEU F 41 -30.55 -15.32 -12.23
CA LEU F 41 -30.81 -13.96 -11.78
C LEU F 41 -29.95 -13.61 -10.56
N ALA F 42 -29.78 -14.56 -9.66
CA ALA F 42 -29.02 -14.26 -8.44
C ALA F 42 -27.58 -13.93 -8.82
N ARG F 43 -27.00 -14.77 -9.67
CA ARG F 43 -25.62 -14.60 -10.07
C ARG F 43 -25.40 -13.21 -10.70
N PHE F 44 -26.27 -12.84 -11.62
CA PHE F 44 -26.20 -11.51 -12.24
C PHE F 44 -26.35 -10.37 -11.24
N ALA F 45 -27.36 -10.45 -10.38
CA ALA F 45 -27.65 -9.31 -9.52
C ALA F 45 -26.59 -9.13 -8.44
N PHE F 46 -25.99 -10.23 -7.99
CA PHE F 46 -24.98 -10.15 -6.94
C PHE F 46 -23.60 -10.01 -7.51
N GLY F 47 -23.37 -10.62 -8.67
CA GLY F 47 -22.05 -10.60 -9.29
C GLY F 47 -21.34 -11.92 -9.07
N ASP F 48 -21.99 -12.81 -8.32
CA ASP F 48 -21.48 -14.15 -8.07
C ASP F 48 -22.56 -14.98 -7.37
N ILE F 49 -22.28 -16.25 -7.13
CA ILE F 49 -23.25 -17.16 -6.52
C ILE F 49 -22.52 -18.31 -5.86
N GLU F 50 -23.15 -18.90 -4.84
CA GLU F 50 -22.56 -20.01 -4.08
C GLU F 50 -22.61 -21.31 -4.88
N PRO F 51 -21.83 -22.32 -4.44
CA PRO F 51 -21.80 -23.62 -5.10
C PRO F 51 -23.19 -24.23 -5.17
N GLU F 52 -23.38 -25.15 -6.10
CA GLU F 52 -24.69 -25.76 -6.30
C GLU F 52 -25.18 -26.49 -5.06
N GLN F 53 -24.27 -27.17 -4.37
CA GLN F 53 -24.60 -27.90 -3.17
C GLN F 53 -25.10 -26.95 -2.08
N THR F 54 -24.52 -25.77 -2.03
CA THR F 54 -24.92 -24.77 -1.05
C THR F 54 -26.32 -24.28 -1.39
N GLN F 55 -26.53 -23.97 -2.66
CA GLN F 55 -27.83 -23.57 -3.16
C GLN F 55 -28.88 -24.61 -2.79
N ALA F 56 -28.56 -25.88 -3.04
CA ALA F 56 -29.47 -26.97 -2.75
C ALA F 56 -29.86 -27.01 -1.28
N ALA F 57 -28.91 -26.76 -0.39
CA ALA F 57 -29.20 -26.73 1.04
C ALA F 57 -30.17 -25.61 1.42
N TRP F 58 -29.94 -24.40 0.90
CA TRP F 58 -30.88 -23.30 1.15
C TRP F 58 -32.26 -23.66 0.58
N ARG F 59 -32.27 -24.20 -0.63
CA ARG F 59 -33.51 -24.53 -1.31
C ARG F 59 -34.35 -25.49 -0.47
N SER F 60 -33.68 -26.36 0.27
CA SER F 60 -34.37 -27.37 1.07
C SER F 60 -35.13 -26.77 2.27
N MET F 61 -34.89 -25.51 2.56
CA MET F 61 -35.56 -24.86 3.69
C MET F 61 -36.74 -23.98 3.25
N VAL F 62 -36.99 -23.93 1.96
CA VAL F 62 -38.06 -23.11 1.42
C VAL F 62 -39.39 -23.88 1.45
N PRO F 63 -40.37 -23.38 2.21
CA PRO F 63 -41.64 -24.09 2.24
C PRO F 63 -42.44 -23.78 0.99
N GLU F 64 -43.68 -24.23 0.93
CA GLU F 64 -44.49 -23.99 -0.25
C GLU F 64 -45.02 -22.57 -0.20
N ASP F 65 -45.39 -22.02 -1.36
CA ASP F 65 -45.91 -20.65 -1.44
C ASP F 65 -45.00 -19.61 -0.76
N ALA F 66 -43.69 -19.81 -0.87
CA ALA F 66 -42.73 -18.97 -0.16
C ALA F 66 -41.73 -18.28 -1.11
N THR F 67 -42.02 -18.33 -2.41
CA THR F 67 -41.15 -17.77 -3.43
C THR F 67 -41.94 -16.84 -4.34
N VAL F 68 -41.55 -15.57 -4.37
CA VAL F 68 -42.19 -14.61 -5.25
C VAL F 68 -41.22 -14.16 -6.34
N VAL F 69 -41.63 -14.31 -7.59
CA VAL F 69 -40.81 -13.92 -8.73
C VAL F 69 -41.53 -12.97 -9.66
N VAL F 70 -40.77 -12.22 -10.45
CA VAL F 70 -41.32 -11.35 -11.46
C VAL F 70 -40.65 -11.71 -12.77
N PRO F 71 -41.44 -12.21 -13.74
CA PRO F 71 -40.90 -12.68 -15.01
C PRO F 71 -40.60 -11.54 -15.98
N ASP F 72 -39.77 -11.83 -16.97
CA ASP F 72 -39.49 -10.87 -18.04
C ASP F 72 -40.67 -10.81 -18.99
N GLU F 73 -40.61 -9.85 -19.92
CA GLU F 73 -41.68 -9.58 -20.87
C GLU F 73 -42.15 -10.84 -21.59
N THR F 74 -41.26 -11.82 -21.70
CA THR F 74 -41.52 -13.02 -22.49
C THR F 74 -41.72 -14.26 -21.62
N ASP F 75 -41.66 -14.09 -20.31
CA ASP F 75 -41.73 -15.21 -19.37
C ASP F 75 -40.72 -16.31 -19.70
N ASP F 76 -39.46 -15.92 -19.91
CA ASP F 76 -38.38 -16.87 -20.12
C ASP F 76 -37.37 -16.79 -18.98
N ALA F 77 -37.42 -15.68 -18.25
CA ALA F 77 -36.49 -15.44 -17.17
C ALA F 77 -37.17 -14.63 -16.08
N PHE F 78 -36.61 -14.64 -14.88
CA PHE F 78 -37.07 -13.79 -13.80
C PHE F 78 -36.24 -12.51 -13.82
N VAL F 79 -36.88 -11.37 -13.65
CA VAL F 79 -36.16 -10.11 -13.52
C VAL F 79 -36.25 -9.64 -12.08
N GLY F 80 -36.99 -10.38 -11.27
CA GLY F 80 -37.10 -10.09 -9.85
C GLY F 80 -37.33 -11.39 -9.12
N GLN F 81 -36.79 -11.51 -7.92
CA GLN F 81 -37.07 -12.69 -7.12
C GLN F 81 -36.87 -12.43 -5.63
N SER F 82 -37.56 -13.24 -4.83
CA SER F 82 -37.44 -13.19 -3.38
C SER F 82 -38.07 -14.46 -2.84
N LEU F 83 -37.54 -14.98 -1.74
CA LEU F 83 -38.12 -16.15 -1.11
C LEU F 83 -37.89 -16.05 0.37
N TYR F 84 -38.48 -16.95 1.13
CA TYR F 84 -38.14 -17.04 2.53
C TYR F 84 -37.88 -18.47 2.98
N LEU F 85 -37.09 -18.58 4.05
CA LEU F 85 -36.68 -19.86 4.59
C LEU F 85 -37.47 -20.12 5.87
N ASP F 86 -37.85 -21.37 6.09
CA ASP F 86 -38.61 -21.74 7.29
C ASP F 86 -37.63 -21.94 8.44
N MET F 87 -37.60 -21.00 9.38
CA MET F 87 -36.55 -21.03 10.39
C MET F 87 -37.09 -20.93 11.81
N GLN F 88 -36.18 -21.10 12.78
CA GLN F 88 -36.55 -21.01 14.20
C GLN F 88 -35.51 -20.21 14.98
N LEU F 89 -35.95 -19.07 15.52
CA LEU F 89 -35.08 -18.08 16.17
C LEU F 89 -35.28 -18.06 17.68
N THR F 90 -34.17 -18.04 18.41
CA THR F 90 -34.22 -17.96 19.88
C THR F 90 -34.31 -16.50 20.34
N VAL F 91 -35.29 -16.20 21.20
CA VAL F 91 -35.44 -14.82 21.67
C VAL F 91 -35.08 -14.69 23.16
N PRO F 92 -34.97 -13.45 23.66
CA PRO F 92 -34.58 -13.29 25.07
C PRO F 92 -35.49 -14.12 25.98
N GLY F 93 -34.91 -14.83 26.93
CA GLY F 93 -35.68 -15.69 27.81
C GLY F 93 -35.71 -17.15 27.38
N GLY F 94 -35.41 -17.40 26.11
CA GLY F 94 -35.29 -18.77 25.64
C GLY F 94 -36.43 -19.33 24.79
N GLU F 95 -37.49 -18.56 24.57
CA GLU F 95 -38.53 -19.04 23.67
C GLU F 95 -37.99 -19.07 22.24
N VAL F 96 -38.34 -20.14 21.51
CA VAL F 96 -37.94 -20.31 20.13
C VAL F 96 -39.16 -20.07 19.22
N LEU F 97 -39.13 -18.98 18.46
CA LEU F 97 -40.24 -18.66 17.56
C LEU F 97 -39.96 -19.12 16.13
N PRO F 98 -41.01 -19.50 15.41
CA PRO F 98 -40.87 -19.77 13.98
C PRO F 98 -40.70 -18.44 13.29
N VAL F 99 -39.77 -18.34 12.35
CA VAL F 99 -39.54 -17.08 11.65
C VAL F 99 -39.29 -17.32 10.17
N ALA F 100 -39.63 -16.34 9.35
CA ALA F 100 -39.42 -16.44 7.92
C ALA F 100 -38.10 -15.77 7.55
N GLY F 101 -37.12 -16.58 7.12
CA GLY F 101 -35.81 -16.07 6.75
C GLY F 101 -35.76 -15.60 5.31
N ILE F 102 -35.83 -14.29 5.09
CA ILE F 102 -35.80 -13.77 3.72
C ILE F 102 -34.44 -14.04 3.09
N SER F 103 -34.43 -14.49 1.84
CA SER F 103 -33.17 -14.76 1.16
C SER F 103 -33.31 -14.73 -0.36
N PHE F 104 -32.17 -14.80 -1.06
CA PHE F 104 -32.16 -14.81 -2.52
C PHE F 104 -32.91 -13.64 -3.18
N VAL F 105 -32.93 -12.50 -2.51
CA VAL F 105 -33.59 -11.32 -3.05
C VAL F 105 -32.74 -10.68 -4.14
N ALA F 106 -33.32 -10.51 -5.33
CA ALA F 106 -32.56 -9.95 -6.45
C ALA F 106 -33.48 -9.29 -7.46
N VAL F 107 -33.02 -8.16 -7.99
CA VAL F 107 -33.69 -7.52 -9.10
C VAL F 107 -32.64 -7.30 -10.17
N ALA F 108 -32.98 -7.60 -11.42
CA ALA F 108 -32.06 -7.45 -12.53
C ALA F 108 -31.51 -6.02 -12.64
N PRO F 109 -30.19 -5.88 -12.83
CA PRO F 109 -29.60 -4.54 -12.99
C PRO F 109 -30.31 -3.73 -14.08
N THR F 110 -30.95 -4.41 -15.03
CA THR F 110 -31.70 -3.74 -16.09
C THR F 110 -33.12 -3.27 -15.67
N HIS F 111 -33.54 -3.64 -14.46
CA HIS F 111 -34.91 -3.35 -14.03
C HIS F 111 -34.97 -2.70 -12.65
N ARG F 112 -33.82 -2.35 -12.11
CA ARG F 112 -33.73 -1.82 -10.76
C ARG F 112 -34.38 -0.43 -10.62
N ARG F 113 -34.72 -0.09 -9.39
CA ARG F 113 -35.27 1.23 -9.07
C ARG F 113 -36.53 1.52 -9.89
N ARG F 114 -37.34 0.48 -10.09
CA ARG F 114 -38.65 0.63 -10.71
C ARG F 114 -39.75 0.13 -9.78
N GLY F 115 -39.37 -0.24 -8.56
CA GLY F 115 -40.34 -0.71 -7.58
C GLY F 115 -40.62 -2.20 -7.64
N VAL F 116 -39.82 -2.95 -8.38
CA VAL F 116 -40.05 -4.40 -8.40
C VAL F 116 -39.75 -5.04 -7.05
N LEU F 117 -38.73 -4.56 -6.33
CA LEU F 117 -38.51 -5.09 -4.99
C LEU F 117 -39.73 -4.82 -4.11
N ARG F 118 -40.27 -3.60 -4.20
CA ARG F 118 -41.40 -3.24 -3.36
C ARG F 118 -42.61 -4.11 -3.66
N ALA F 119 -42.80 -4.46 -4.93
CA ALA F 119 -43.91 -5.31 -5.36
C ALA F 119 -43.77 -6.76 -4.88
N MET F 120 -42.58 -7.31 -5.01
CA MET F 120 -42.33 -8.66 -4.51
C MET F 120 -42.44 -8.74 -3.00
N TYR F 121 -41.97 -7.70 -2.32
CA TYR F 121 -41.96 -7.71 -0.88
C TYR F 121 -43.38 -7.58 -0.31
N THR F 122 -44.21 -6.78 -0.98
CA THR F 122 -45.60 -6.64 -0.59
C THR F 122 -46.27 -8.02 -0.62
N GLU F 123 -46.08 -8.73 -1.72
CA GLU F 123 -46.66 -10.07 -1.87
C GLU F 123 -46.04 -11.12 -0.93
N LEU F 124 -44.71 -11.11 -0.83
CA LEU F 124 -44.02 -12.10 0.00
C LEU F 124 -44.41 -11.98 1.45
N HIS F 125 -44.57 -10.75 1.92
CA HIS F 125 -44.91 -10.54 3.32
C HIS F 125 -46.37 -10.92 3.59
N ASP F 126 -47.22 -10.78 2.57
CA ASP F 126 -48.61 -11.23 2.69
C ASP F 126 -48.60 -12.74 2.93
N ARG F 127 -47.69 -13.42 2.24
CA ARG F 127 -47.51 -14.85 2.40
C ARG F 127 -46.97 -15.19 3.78
N ILE F 128 -45.98 -14.43 4.22
CA ILE F 128 -45.38 -14.65 5.52
C ILE F 128 -46.45 -14.50 6.62
N ALA F 129 -47.29 -13.48 6.49
CA ALA F 129 -48.35 -13.23 7.46
C ALA F 129 -49.36 -14.37 7.45
N ARG F 130 -49.81 -14.72 6.25
CA ARG F 130 -50.78 -15.80 6.11
C ARG F 130 -50.28 -17.08 6.73
N ALA F 131 -48.96 -17.27 6.71
CA ALA F 131 -48.37 -18.50 7.19
C ALA F 131 -48.23 -18.46 8.71
N GLY F 132 -48.41 -17.28 9.29
CA GLY F 132 -48.51 -17.16 10.73
C GLY F 132 -47.21 -16.89 11.47
N TYR F 133 -46.12 -16.63 10.73
CA TYR F 133 -44.85 -16.25 11.36
C TYR F 133 -45.00 -14.94 12.12
N PRO F 134 -44.57 -14.91 13.38
CA PRO F 134 -44.57 -13.66 14.16
C PRO F 134 -43.45 -12.71 13.76
N LEU F 135 -42.37 -13.23 13.17
CA LEU F 135 -41.22 -12.43 12.76
C LEU F 135 -40.72 -12.84 11.37
N ALA F 136 -40.24 -11.86 10.62
CA ALA F 136 -39.42 -12.13 9.44
C ALA F 136 -38.00 -11.65 9.75
N VAL F 137 -37.01 -12.37 9.24
CA VAL F 137 -35.61 -12.07 9.55
C VAL F 137 -34.76 -12.10 8.28
N LEU F 138 -33.64 -11.38 8.28
CA LEU F 138 -32.74 -11.39 7.12
C LEU F 138 -31.35 -10.87 7.48
N THR F 139 -30.37 -11.14 6.62
CA THR F 139 -29.11 -10.39 6.66
C THR F 139 -29.05 -9.54 5.39
N ALA F 140 -28.44 -8.36 5.48
CA ALA F 140 -28.54 -7.43 4.36
C ALA F 140 -27.21 -7.27 3.61
N SER F 141 -27.31 -7.21 2.29
CA SER F 141 -26.15 -6.90 1.47
C SER F 141 -25.74 -5.45 1.69
N GLU F 142 -26.72 -4.58 1.93
CA GLU F 142 -26.44 -3.15 2.11
C GLU F 142 -27.30 -2.59 3.23
N GLY F 143 -26.78 -1.56 3.89
CA GLY F 143 -27.40 -1.06 5.11
C GLY F 143 -28.64 -0.20 4.94
N GLY F 144 -28.86 0.35 3.74
CA GLY F 144 -29.97 1.27 3.53
C GLY F 144 -31.22 0.72 2.85
N ILE F 145 -31.37 -0.60 2.81
CA ILE F 145 -32.48 -1.17 2.06
C ILE F 145 -33.75 -1.39 2.88
N TYR F 146 -33.62 -2.00 4.05
CA TYR F 146 -34.75 -2.65 4.69
C TYR F 146 -35.47 -1.88 5.80
N GLY F 147 -34.83 -0.87 6.37
CA GLY F 147 -35.49 -0.04 7.35
C GLY F 147 -36.87 0.41 6.88
N ARG F 148 -36.94 0.87 5.63
CA ARG F 148 -38.20 1.33 5.04
C ARG F 148 -39.28 0.25 4.99
N PHE F 149 -38.89 -1.01 5.15
CA PHE F 149 -39.84 -2.11 5.11
C PHE F 149 -40.13 -2.65 6.51
N GLY F 150 -39.65 -1.96 7.54
CA GLY F 150 -39.92 -2.33 8.91
C GLY F 150 -38.92 -3.26 9.56
N TYR F 151 -37.78 -3.48 8.90
CA TYR F 151 -36.68 -4.27 9.47
C TYR F 151 -35.72 -3.40 10.29
N GLY F 152 -35.43 -3.83 11.50
CA GLY F 152 -34.48 -3.13 12.35
C GLY F 152 -33.26 -3.99 12.58
N VAL F 153 -32.13 -3.34 12.82
CA VAL F 153 -30.88 -4.00 13.10
C VAL F 153 -30.94 -4.62 14.50
N ALA F 154 -30.99 -5.95 14.56
CA ALA F 154 -31.22 -6.64 15.81
C ALA F 154 -29.95 -7.22 16.44
N THR F 155 -28.93 -7.50 15.63
CA THR F 155 -27.62 -7.84 16.17
C THR F 155 -26.52 -7.18 15.36
N ILE F 156 -25.35 -7.15 15.95
CA ILE F 156 -24.22 -6.41 15.42
C ILE F 156 -23.03 -7.35 15.38
N GLU F 157 -22.31 -7.37 14.25
CA GLU F 157 -21.08 -8.13 14.15
C GLU F 157 -19.88 -7.22 14.10
N GLN F 158 -18.94 -7.42 15.01
CA GLN F 158 -17.69 -6.69 14.98
C GLN F 158 -16.56 -7.59 14.51
N HIS F 159 -15.69 -7.06 13.66
CA HIS F 159 -14.49 -7.81 13.29
C HIS F 159 -13.41 -7.50 14.30
N VAL F 160 -12.90 -8.54 14.94
CA VAL F 160 -11.87 -8.40 15.96
C VAL F 160 -10.61 -9.11 15.51
N SER F 161 -9.47 -8.44 15.64
CA SER F 161 -8.19 -9.00 15.22
C SER F 161 -7.21 -9.01 16.40
N VAL F 162 -6.80 -10.21 16.83
CA VAL F 162 -5.91 -10.32 17.97
C VAL F 162 -4.46 -10.54 17.54
N ASP F 163 -3.56 -9.72 18.05
CA ASP F 163 -2.13 -9.96 17.86
C ASP F 163 -1.66 -11.01 18.86
N ARG F 164 -1.59 -12.26 18.43
CA ARG F 164 -1.33 -13.33 19.37
C ARG F 164 0.13 -13.41 19.81
N ARG F 165 1.00 -12.61 19.19
CA ARG F 165 2.38 -12.55 19.63
C ARG F 165 2.50 -11.66 20.86
N LEU F 166 1.57 -10.72 21.00
CA LEU F 166 1.61 -9.77 22.11
C LEU F 166 0.57 -10.04 23.19
N ALA F 167 -0.56 -10.62 22.81
CA ALA F 167 -1.65 -10.89 23.76
C ALA F 167 -1.22 -11.84 24.87
N GLN F 168 -1.63 -11.52 26.09
CA GLN F 168 -1.40 -12.38 27.24
C GLN F 168 -2.70 -12.52 28.02
N PHE F 169 -2.94 -13.69 28.60
CA PHE F 169 -4.15 -13.86 29.38
C PHE F 169 -4.02 -13.26 30.77
N HIS F 170 -5.08 -12.57 31.17
CA HIS F 170 -5.20 -12.04 32.53
C HIS F 170 -4.98 -13.16 33.54
N PRO F 171 -4.22 -12.89 34.62
CA PRO F 171 -3.94 -13.85 35.69
C PRO F 171 -5.17 -14.60 36.22
N ALA F 172 -6.35 -13.96 36.18
CA ALA F 172 -7.57 -14.59 36.72
C ALA F 172 -8.31 -15.44 35.71
N ALA F 173 -8.03 -15.23 34.42
CA ALA F 173 -8.83 -15.87 33.39
C ALA F 173 -8.75 -17.39 33.50
N PRO F 174 -9.89 -18.07 33.30
CA PRO F 174 -9.96 -19.54 33.39
C PRO F 174 -8.96 -20.18 32.43
N ASP F 175 -8.37 -21.29 32.85
CA ASP F 175 -7.52 -22.11 31.99
C ASP F 175 -7.93 -23.54 32.26
N PRO F 176 -9.06 -23.95 31.67
CA PRO F 176 -9.71 -25.22 32.00
C PRO F 176 -9.19 -26.42 31.21
N GLY F 177 -8.41 -26.21 30.16
CA GLY F 177 -7.98 -27.31 29.32
C GLY F 177 -9.16 -27.97 28.64
N GLY F 178 -8.95 -29.20 28.17
CA GLY F 178 -10.03 -29.98 27.58
C GLY F 178 -10.19 -29.81 26.09
N VAL F 179 -9.29 -29.06 25.45
CA VAL F 179 -9.44 -28.81 24.02
C VAL F 179 -8.66 -29.84 23.20
N ARG F 180 -9.29 -30.35 22.14
CA ARG F 180 -8.66 -31.29 21.23
C ARG F 180 -8.59 -30.75 19.81
N MET F 181 -7.59 -31.20 19.05
CA MET F 181 -7.47 -30.93 17.63
C MET F 181 -8.35 -31.93 16.88
N LEU F 182 -9.35 -31.44 16.14
CA LEU F 182 -10.33 -32.34 15.56
C LEU F 182 -10.43 -32.29 14.04
N VAL F 183 -10.86 -33.42 13.47
CA VAL F 183 -11.29 -33.44 12.08
C VAL F 183 -12.79 -33.21 12.06
N PRO F 184 -13.20 -31.98 11.75
CA PRO F 184 -14.59 -31.58 11.98
C PRO F 184 -15.58 -32.49 11.26
N ALA F 185 -15.22 -32.99 10.09
CA ALA F 185 -16.13 -33.88 9.36
C ALA F 185 -16.38 -35.20 10.10
N ASP F 186 -15.51 -35.55 11.03
CA ASP F 186 -15.69 -36.79 11.80
C ASP F 186 -16.45 -36.58 13.11
N HIS F 187 -16.99 -35.39 13.32
CA HIS F 187 -17.69 -35.10 14.57
C HIS F 187 -18.92 -34.26 14.30
N ARG F 188 -19.59 -34.49 13.17
CA ARG F 188 -20.74 -33.68 12.81
C ARG F 188 -21.77 -33.62 13.93
N ASP F 189 -22.21 -34.79 14.41
CA ASP F 189 -23.22 -34.82 15.46
C ASP F 189 -22.74 -34.16 16.75
N GLY F 190 -21.49 -34.39 17.11
CA GLY F 190 -20.92 -33.77 18.31
C GLY F 190 -20.94 -32.25 18.22
N LEU F 191 -20.55 -31.73 17.07
CA LEU F 191 -20.53 -30.28 16.85
C LEU F 191 -21.95 -29.74 16.78
N ALA F 192 -22.84 -30.46 16.11
CA ALA F 192 -24.24 -30.06 16.00
C ALA F 192 -24.88 -29.92 17.38
N ASP F 193 -24.55 -30.82 18.29
CA ASP F 193 -25.14 -30.75 19.62
C ASP F 193 -24.61 -29.57 20.41
N ILE F 194 -23.31 -29.29 20.27
CA ILE F 194 -22.76 -28.12 20.94
C ILE F 194 -23.48 -26.87 20.45
N TYR F 195 -23.60 -26.75 19.13
CA TYR F 195 -24.30 -25.62 18.56
C TYR F 195 -25.75 -25.55 19.08
N ASP F 196 -26.43 -26.68 19.14
CA ASP F 196 -27.83 -26.65 19.58
C ASP F 196 -27.95 -26.17 21.02
N ARG F 197 -27.02 -26.61 21.87
CA ARG F 197 -27.01 -26.15 23.26
C ARG F 197 -26.73 -24.65 23.34
N TRP F 198 -25.80 -24.16 22.51
CA TRP F 198 -25.55 -22.73 22.47
C TRP F 198 -26.79 -21.97 22.02
N ARG F 199 -27.45 -22.41 20.95
CA ARG F 199 -28.58 -21.62 20.44
C ARG F 199 -29.79 -21.60 21.35
N ARG F 200 -30.00 -22.66 22.13
CA ARG F 200 -31.12 -22.68 23.07
C ARG F 200 -30.91 -21.66 24.18
N ARG F 201 -29.66 -21.25 24.38
CA ARG F 201 -29.33 -20.29 25.42
C ARG F 201 -29.12 -18.88 24.88
N THR F 202 -29.04 -18.73 23.56
CA THR F 202 -28.59 -17.47 22.99
C THR F 202 -29.62 -16.86 22.04
N PRO F 203 -30.13 -15.68 22.40
CA PRO F 203 -30.97 -14.94 21.48
C PRO F 203 -30.20 -14.68 20.19
N GLY F 204 -30.79 -14.97 19.06
CA GLY F 204 -30.08 -14.92 17.79
C GLY F 204 -29.83 -16.34 17.28
N GLY F 205 -29.75 -17.30 18.19
CA GLY F 205 -29.66 -18.70 17.80
C GLY F 205 -30.70 -19.04 16.73
N LEU F 206 -30.27 -19.82 15.73
CA LEU F 206 -31.16 -20.35 14.69
C LEU F 206 -30.98 -21.85 14.62
N VAL F 207 -32.07 -22.58 14.44
CA VAL F 207 -31.93 -24.01 14.19
C VAL F 207 -31.18 -24.15 12.87
N ARG F 208 -30.20 -25.06 12.86
CA ARG F 208 -29.36 -25.29 11.70
C ARG F 208 -29.53 -26.74 11.24
N PRO F 209 -30.27 -26.95 10.14
CA PRO F 209 -30.59 -28.30 9.66
C PRO F 209 -29.35 -29.06 9.20
N ASP F 210 -29.49 -30.38 9.12
CA ASP F 210 -28.39 -31.26 8.74
C ASP F 210 -27.75 -30.86 7.41
N ALA F 211 -28.56 -30.34 6.50
CA ALA F 211 -28.09 -29.96 5.18
C ALA F 211 -27.07 -28.83 5.25
N LEU F 212 -27.26 -27.89 6.19
CA LEU F 212 -26.32 -26.79 6.36
C LEU F 212 -25.05 -27.31 7.02
N TRP F 213 -25.22 -28.21 7.99
CA TRP F 213 -24.06 -28.82 8.61
C TRP F 213 -23.23 -29.59 7.60
N ASP F 214 -23.90 -30.38 6.76
CA ASP F 214 -23.21 -31.16 5.73
C ASP F 214 -22.45 -30.25 4.78
N ASP F 215 -23.07 -29.15 4.37
CA ASP F 215 -22.43 -28.24 3.43
C ASP F 215 -21.21 -27.56 4.08
N LEU F 216 -21.39 -27.11 5.31
CA LEU F 216 -20.31 -26.51 6.07
C LEU F 216 -19.14 -27.48 6.16
N LEU F 217 -19.42 -28.69 6.62
CA LEU F 217 -18.36 -29.66 6.86
C LEU F 217 -17.73 -30.20 5.58
N ALA F 218 -18.39 -30.01 4.44
CA ALA F 218 -17.83 -30.42 3.15
C ALA F 218 -16.68 -29.48 2.78
N ASP F 219 -16.67 -28.29 3.37
CA ASP F 219 -15.54 -27.38 3.23
C ASP F 219 -15.11 -27.29 1.76
N ARG F 220 -16.04 -26.88 0.89
CA ARG F 220 -15.76 -26.81 -0.53
C ARG F 220 -14.87 -25.62 -0.89
N PRO F 221 -13.87 -25.85 -1.76
CA PRO F 221 -12.84 -24.87 -2.08
C PRO F 221 -13.36 -23.48 -2.48
N GLU F 222 -14.43 -23.40 -3.26
CA GLU F 222 -14.94 -22.10 -3.70
C GLU F 222 -15.45 -21.25 -2.54
N SER F 223 -15.63 -21.88 -1.38
CA SER F 223 -16.24 -21.20 -0.24
C SER F 223 -15.23 -20.70 0.80
N ARG F 224 -13.94 -20.84 0.51
CA ARG F 224 -12.92 -20.37 1.44
C ARG F 224 -12.50 -18.94 1.11
N ARG F 225 -12.96 -18.00 1.92
CA ARG F 225 -12.65 -16.60 1.66
C ARG F 225 -11.21 -16.25 2.04
N GLY F 226 -10.79 -16.68 3.23
CA GLY F 226 -9.52 -16.20 3.77
C GLY F 226 -8.47 -17.23 4.14
N GLY F 227 -8.67 -18.49 3.78
CA GLY F 227 -7.69 -19.51 4.15
C GLY F 227 -7.76 -20.85 3.42
N GLY F 228 -7.11 -21.84 4.00
CA GLY F 228 -7.09 -23.17 3.44
C GLY F 228 -8.17 -24.07 4.02
N GLU F 229 -7.83 -25.35 4.16
CA GLU F 229 -8.74 -26.37 4.65
C GLU F 229 -9.09 -26.08 6.10
N LEU F 230 -10.31 -26.43 6.50
CA LEU F 230 -10.81 -26.14 7.84
C LEU F 230 -9.97 -26.80 8.94
N PHE F 231 -9.68 -26.06 9.99
CA PHE F 231 -9.19 -26.66 11.23
C PHE F 231 -10.32 -26.63 12.26
N ALA F 232 -10.26 -27.49 13.27
CA ALA F 232 -11.22 -27.44 14.37
C ALA F 232 -10.57 -27.69 15.73
N PHE F 233 -10.92 -26.84 16.70
CA PHE F 233 -10.61 -27.12 18.09
C PHE F 233 -11.92 -27.55 18.73
N GLY F 234 -11.88 -28.64 19.49
CA GLY F 234 -13.06 -29.16 20.14
C GLY F 234 -12.93 -29.22 21.65
N HIS F 235 -14.01 -28.81 22.30
CA HIS F 235 -14.13 -28.90 23.75
C HIS F 235 -15.47 -29.55 24.06
N GLN F 236 -15.59 -30.13 25.24
CA GLN F 236 -16.86 -30.70 25.68
C GLN F 236 -17.99 -29.69 25.46
N ASP F 237 -17.70 -28.43 25.74
CA ASP F 237 -18.74 -27.40 25.74
C ASP F 237 -18.54 -26.29 24.71
N GLY F 238 -17.81 -26.61 23.63
CA GLY F 238 -17.64 -25.63 22.58
C GLY F 238 -16.68 -26.07 21.50
N TYR F 239 -16.67 -25.32 20.41
CA TYR F 239 -15.76 -25.61 19.32
C TYR F 239 -15.42 -24.33 18.58
N ALA F 240 -14.29 -24.35 17.88
CA ALA F 240 -13.87 -23.24 17.02
C ALA F 240 -13.48 -23.82 15.68
N LEU F 241 -14.04 -23.26 14.61
CA LEU F 241 -13.68 -23.65 13.26
C LEU F 241 -12.87 -22.48 12.69
N TYR F 242 -11.71 -22.76 12.11
CA TYR F 242 -10.87 -21.71 11.57
C TYR F 242 -10.07 -22.16 10.35
N ARG F 243 -9.54 -21.17 9.63
CA ARG F 243 -8.71 -21.41 8.47
C ARG F 243 -7.46 -20.57 8.62
N VAL F 244 -6.38 -21.00 8.01
CA VAL F 244 -5.14 -20.26 8.00
C VAL F 244 -4.86 -19.78 6.59
N ASP F 245 -4.37 -18.55 6.46
CA ASP F 245 -3.83 -18.08 5.18
C ASP F 245 -2.47 -17.42 5.34
N ARG F 246 -1.71 -17.40 4.25
CA ARG F 246 -0.42 -16.71 4.22
C ARG F 246 -0.51 -15.50 3.31
N GLY F 247 0.19 -14.44 3.67
CA GLY F 247 0.30 -13.29 2.80
C GLY F 247 1.39 -13.53 1.78
N PRO F 248 1.63 -12.56 0.87
CA PRO F 248 2.69 -12.73 -0.13
C PRO F 248 4.03 -12.84 0.57
N ASP F 249 4.18 -12.06 1.63
CA ASP F 249 5.38 -12.05 2.46
C ASP F 249 5.71 -13.43 3.05
N GLY F 250 4.69 -14.16 3.48
CA GLY F 250 4.89 -15.51 4.00
C GLY F 250 4.33 -15.67 5.40
N ARG F 251 3.95 -14.55 6.00
CA ARG F 251 3.35 -14.53 7.32
C ARG F 251 1.96 -15.17 7.30
N ARG F 252 1.65 -15.92 8.36
CA ARG F 252 0.37 -16.59 8.46
C ARG F 252 -0.58 -15.85 9.39
N SER F 253 -1.88 -15.90 9.07
CA SER F 253 -2.92 -15.46 9.99
C SER F 253 -4.06 -16.49 10.02
N ALA F 254 -4.74 -16.58 11.17
CA ALA F 254 -5.85 -17.52 11.31
C ALA F 254 -7.17 -16.77 11.34
N HIS F 255 -8.13 -17.22 10.56
CA HIS F 255 -9.45 -16.63 10.61
C HIS F 255 -10.47 -17.58 11.21
N VAL F 256 -11.09 -17.18 12.32
CA VAL F 256 -12.08 -18.02 12.94
C VAL F 256 -13.38 -17.85 12.18
N VAL F 257 -13.86 -18.97 11.64
CA VAL F 257 -15.11 -19.04 10.90
C VAL F 257 -16.30 -19.05 11.85
N GLU F 258 -16.19 -19.82 12.92
CA GLU F 258 -17.24 -19.93 13.92
C GLU F 258 -16.61 -20.37 15.24
N LEU F 259 -16.92 -19.64 16.31
CA LEU F 259 -16.59 -20.09 17.66
C LEU F 259 -17.87 -20.13 18.45
N THR F 260 -18.30 -21.35 18.80
CA THR F 260 -19.55 -21.57 19.52
C THR F 260 -19.25 -22.19 20.87
N ALA F 261 -19.57 -21.47 21.95
CA ALA F 261 -19.22 -21.90 23.28
C ALA F 261 -20.43 -21.83 24.19
N VAL F 262 -20.73 -22.94 24.83
CA VAL F 262 -21.88 -23.04 25.71
C VAL F 262 -21.55 -22.42 27.05
N THR F 263 -20.30 -22.56 27.49
CA THR F 263 -19.88 -22.06 28.78
C THR F 263 -18.71 -21.08 28.67
N ALA F 264 -18.51 -20.31 29.73
CA ALA F 264 -17.37 -19.40 29.84
C ALA F 264 -16.04 -20.15 29.80
N ASP F 265 -16.02 -21.34 30.40
CA ASP F 265 -14.83 -22.16 30.43
C ASP F 265 -14.43 -22.56 29.01
N ALA F 266 -15.41 -23.03 28.24
CA ALA F 266 -15.16 -23.44 26.86
C ALA F 266 -14.61 -22.26 26.04
N HIS F 267 -15.21 -21.10 26.19
CA HIS F 267 -14.81 -19.93 25.43
C HIS F 267 -13.36 -19.56 25.76
N ALA F 268 -13.03 -19.53 27.04
CA ALA F 268 -11.67 -19.19 27.43
C ALA F 268 -10.67 -20.25 26.93
N ALA F 269 -11.04 -21.52 27.00
CA ALA F 269 -10.13 -22.60 26.61
C ALA F 269 -9.87 -22.59 25.11
N LEU F 270 -10.91 -22.33 24.33
CA LEU F 270 -10.77 -22.31 22.89
C LEU F 270 -9.88 -21.13 22.46
N TRP F 271 -10.03 -20.00 23.15
CA TRP F 271 -9.21 -18.84 22.84
C TRP F 271 -7.77 -19.08 23.26
N ARG F 272 -7.55 -19.83 24.33
CA ARG F 272 -6.16 -20.13 24.69
C ARG F 272 -5.50 -21.01 23.63
N ALA F 273 -6.24 -21.97 23.09
CA ALA F 273 -5.73 -22.79 21.99
C ALA F 273 -5.43 -21.93 20.74
N LEU F 274 -6.38 -21.09 20.34
CA LEU F 274 -6.16 -20.23 19.17
C LEU F 274 -4.95 -19.31 19.32
N LEU F 275 -4.78 -18.71 20.49
CA LEU F 275 -3.69 -17.77 20.70
C LEU F 275 -2.39 -18.52 20.96
N GLY F 276 -2.46 -19.84 21.01
CA GLY F 276 -1.27 -20.67 21.12
C GLY F 276 -0.70 -21.10 19.77
N LEU F 277 -1.33 -20.67 18.69
CA LEU F 277 -0.87 -21.03 17.35
C LEU F 277 0.45 -20.31 16.98
N ASP F 278 1.57 -20.97 17.28
CA ASP F 278 2.89 -20.37 17.29
C ASP F 278 3.31 -19.60 16.04
N LEU F 279 3.01 -20.11 14.85
CA LEU F 279 3.48 -19.48 13.61
C LEU F 279 2.47 -18.48 13.03
N ILE F 280 1.39 -18.25 13.76
CA ILE F 280 0.33 -17.36 13.30
C ILE F 280 0.57 -15.98 13.91
N ASP F 281 0.46 -14.93 13.10
CA ASP F 281 0.66 -13.56 13.59
C ASP F 281 -0.60 -13.00 14.26
N ARG F 282 -1.74 -13.17 13.60
CA ARG F 282 -2.99 -12.59 14.07
C ARG F 282 -4.12 -13.61 13.93
N VAL F 283 -5.04 -13.57 14.89
CA VAL F 283 -6.25 -14.38 14.87
C VAL F 283 -7.43 -13.43 14.79
N SER F 284 -8.30 -13.60 13.80
CA SER F 284 -9.46 -12.72 13.70
C SER F 284 -10.76 -13.52 13.77
N ILE F 285 -11.85 -12.81 14.06
CA ILE F 285 -13.18 -13.39 14.18
C ILE F 285 -14.22 -12.28 14.02
N GLY F 286 -15.37 -12.64 13.48
CA GLY F 286 -16.53 -11.76 13.50
C GLY F 286 -17.37 -12.19 14.69
N THR F 287 -17.51 -11.30 15.66
CA THR F 287 -18.23 -11.65 16.87
C THR F 287 -19.15 -10.50 17.30
N HIS F 288 -19.78 -10.65 18.45
CA HIS F 288 -20.71 -9.63 18.92
C HIS F 288 -20.00 -8.65 19.85
N PRO F 289 -20.61 -7.47 20.07
CA PRO F 289 -19.97 -6.38 20.80
C PRO F 289 -19.46 -6.77 22.20
N HIS F 290 -20.13 -7.72 22.85
CA HIS F 290 -19.78 -8.04 24.24
C HIS F 290 -19.03 -9.35 24.43
N ASP F 291 -18.31 -9.75 23.39
CA ASP F 291 -17.47 -10.93 23.51
C ASP F 291 -16.55 -10.77 24.72
N PRO F 292 -16.49 -11.79 25.59
CA PRO F 292 -15.62 -11.74 26.76
C PRO F 292 -14.13 -11.63 26.42
N LEU F 293 -13.77 -11.95 25.18
CA LEU F 293 -12.36 -12.08 24.81
C LEU F 293 -11.44 -11.02 25.41
N PRO F 294 -11.71 -9.73 25.14
CA PRO F 294 -10.77 -8.72 25.62
C PRO F 294 -10.68 -8.69 27.15
N TYR F 295 -11.75 -9.10 27.83
CA TYR F 295 -11.75 -9.17 29.29
C TYR F 295 -10.85 -10.29 29.83
N LEU F 296 -10.55 -11.26 28.97
CA LEU F 296 -9.66 -12.36 29.32
C LEU F 296 -8.17 -11.99 29.31
N LEU F 297 -7.84 -10.83 28.74
CA LEU F 297 -6.44 -10.48 28.46
C LEU F 297 -5.85 -9.48 29.46
N THR F 298 -4.53 -9.43 29.57
CA THR F 298 -3.94 -8.40 30.44
C THR F 298 -4.06 -7.03 29.77
N ASP F 299 -4.01 -7.01 28.44
CA ASP F 299 -4.15 -5.76 27.70
C ASP F 299 -5.28 -5.97 26.69
N PRO F 300 -6.46 -5.36 26.96
CA PRO F 300 -7.65 -5.52 26.11
C PRO F 300 -7.44 -4.99 24.67
N ARG F 301 -6.50 -4.07 24.50
CA ARG F 301 -6.21 -3.52 23.18
C ARG F 301 -5.67 -4.54 22.21
N GLN F 302 -5.11 -5.64 22.70
CA GLN F 302 -4.62 -6.67 21.78
C GLN F 302 -5.77 -7.34 21.03
N ALA F 303 -6.99 -7.21 21.57
CA ALA F 303 -8.19 -7.69 20.88
C ALA F 303 -8.84 -6.51 20.15
N GLN F 304 -8.39 -6.27 18.94
CA GLN F 304 -8.67 -5.02 18.25
C GLN F 304 -9.88 -5.07 17.32
N VAL F 305 -10.86 -4.22 17.60
CA VAL F 305 -12.00 -4.04 16.70
C VAL F 305 -11.58 -3.24 15.49
N THR F 306 -11.81 -3.80 14.31
CA THR F 306 -11.45 -3.12 13.07
C THR F 306 -12.68 -2.74 12.24
N ALA F 307 -13.86 -3.21 12.64
CA ALA F 307 -15.07 -2.90 11.92
C ALA F 307 -16.27 -3.34 12.73
N SER F 308 -17.43 -2.78 12.40
CA SER F 308 -18.65 -3.09 13.12
C SER F 308 -19.83 -2.84 12.20
N ALA F 309 -20.75 -3.78 12.12
CA ALA F 309 -21.87 -3.64 11.20
C ALA F 309 -23.09 -4.44 11.62
N ASP F 310 -24.23 -4.07 11.08
CA ASP F 310 -25.47 -4.82 11.27
C ASP F 310 -25.23 -6.26 10.88
N ASP F 311 -25.88 -7.18 11.58
CA ASP F 311 -25.81 -8.59 11.20
C ASP F 311 -27.25 -9.08 10.97
N LEU F 312 -27.92 -9.52 12.03
CA LEU F 312 -29.32 -9.93 11.87
C LEU F 312 -30.25 -8.73 11.84
N TRP F 313 -31.20 -8.73 10.89
CA TRP F 313 -32.30 -7.77 10.88
C TRP F 313 -33.62 -8.48 11.21
N ILE F 314 -34.49 -7.79 11.92
CA ILE F 314 -35.79 -8.35 12.29
C ILE F 314 -36.95 -7.41 11.95
N ARG F 315 -37.97 -7.95 11.29
CA ARG F 315 -39.23 -7.23 11.19
C ARG F 315 -40.28 -7.99 11.99
N ILE F 316 -40.89 -7.30 12.95
CA ILE F 316 -41.98 -7.90 13.72
C ILE F 316 -43.28 -7.84 12.94
N MET F 317 -43.81 -9.01 12.59
CA MET F 317 -45.05 -9.10 11.82
C MET F 317 -46.27 -9.05 12.73
N ASN F 318 -46.15 -9.66 13.90
CA ASN F 318 -47.24 -9.73 14.88
C ASN F 318 -46.76 -9.17 16.22
N VAL F 319 -47.07 -7.90 16.49
CA VAL F 319 -46.52 -7.23 17.66
C VAL F 319 -46.87 -7.89 19.01
N PRO F 320 -48.15 -8.18 19.26
CA PRO F 320 -48.47 -8.87 20.51
C PRO F 320 -47.74 -10.20 20.68
N ALA F 321 -47.79 -11.06 19.67
CA ALA F 321 -47.13 -12.35 19.74
C ALA F 321 -45.62 -12.23 20.02
N ALA F 322 -44.95 -11.33 19.31
CA ALA F 322 -43.52 -11.17 19.45
C ALA F 322 -43.16 -10.65 20.84
N LEU F 323 -43.87 -9.63 21.29
CA LEU F 323 -43.54 -8.98 22.55
C LEU F 323 -43.82 -9.89 23.74
N GLU F 324 -44.85 -10.73 23.64
CA GLU F 324 -45.21 -11.65 24.72
C GLU F 324 -44.29 -12.87 24.74
N ALA F 325 -43.66 -13.17 23.62
CA ALA F 325 -42.79 -14.34 23.51
C ALA F 325 -41.45 -14.13 24.21
N ARG F 326 -40.92 -12.92 24.18
CA ARG F 326 -39.65 -12.67 24.85
C ARG F 326 -39.85 -12.23 26.30
N ARG F 327 -38.78 -12.28 27.07
CA ARG F 327 -38.82 -11.87 28.45
C ARG F 327 -38.03 -10.57 28.61
N TYR F 328 -38.20 -9.90 29.75
CA TYR F 328 -37.69 -8.55 29.90
C TYR F 328 -36.88 -8.38 31.17
N GLN F 329 -36.10 -7.30 31.25
CA GLN F 329 -35.16 -7.12 32.36
C GLN F 329 -35.59 -6.05 33.36
N ALA F 330 -36.77 -5.48 33.14
CA ALA F 330 -37.35 -4.53 34.08
C ALA F 330 -38.83 -4.47 33.81
N ASP F 331 -39.59 -4.07 34.84
CA ASP F 331 -41.04 -4.00 34.74
C ASP F 331 -41.48 -2.69 34.11
N LEU F 332 -42.68 -2.70 33.53
CA LEU F 332 -43.13 -1.62 32.69
C LEU F 332 -44.65 -1.65 32.55
N ASP F 333 -45.24 -0.45 32.45
CA ASP F 333 -46.67 -0.32 32.23
C ASP F 333 -46.92 0.89 31.35
N VAL F 334 -46.97 0.68 30.04
CA VAL F 334 -47.16 1.76 29.10
C VAL F 334 -48.11 1.39 27.98
N VAL F 335 -48.43 2.38 27.14
CA VAL F 335 -49.16 2.15 25.91
C VAL F 335 -48.26 2.55 24.75
N LEU F 336 -48.13 1.66 23.78
CA LEU F 336 -47.18 1.81 22.68
C LEU F 336 -47.91 2.03 21.37
N ASP F 337 -47.60 3.12 20.68
CA ASP F 337 -48.11 3.32 19.32
C ASP F 337 -47.02 2.93 18.31
N VAL F 338 -47.21 1.81 17.62
CA VAL F 338 -46.24 1.33 16.65
C VAL F 338 -46.59 1.80 15.24
N ALA F 339 -45.70 2.60 14.66
CA ALA F 339 -45.86 3.08 13.30
C ALA F 339 -45.30 2.10 12.26
N ASP F 340 -46.19 1.61 11.38
CA ASP F 340 -45.80 0.72 10.31
C ASP F 340 -46.11 1.40 8.98
N GLY F 341 -45.07 1.75 8.23
CA GLY F 341 -45.25 2.55 7.03
C GLY F 341 -45.28 1.74 5.75
N PHE F 342 -45.30 0.42 5.90
CA PHE F 342 -45.25 -0.49 4.77
C PHE F 342 -46.47 -1.40 4.76
N ARG F 343 -46.82 -1.91 5.94
CA ARG F 343 -48.03 -2.70 6.10
C ARG F 343 -48.90 -2.06 7.17
N SER F 344 -49.72 -2.89 7.82
CA SER F 344 -50.58 -2.41 8.91
C SER F 344 -50.43 -3.30 10.13
N ASP F 345 -49.18 -3.54 10.53
CA ASP F 345 -48.90 -4.41 11.66
C ASP F 345 -48.62 -3.59 12.92
N GLY F 346 -48.79 -2.28 12.81
CA GLY F 346 -48.61 -1.40 13.95
C GLY F 346 -49.92 -1.09 14.66
N GLY F 347 -49.99 0.09 15.27
CA GLY F 347 -51.17 0.49 16.03
C GLY F 347 -50.80 0.74 17.47
N ARG F 348 -51.81 0.98 18.31
CA ARG F 348 -51.58 1.21 19.74
C ARG F 348 -51.78 -0.08 20.54
N PHE F 349 -50.90 -0.32 21.49
CA PHE F 349 -50.91 -1.55 22.27
C PHE F 349 -50.64 -1.23 23.72
N ALA F 350 -51.34 -1.91 24.62
CA ALA F 350 -51.02 -1.81 26.03
C ALA F 350 -49.95 -2.84 26.33
N LEU F 351 -48.83 -2.37 26.87
CA LEU F 351 -47.72 -3.26 27.18
C LEU F 351 -47.47 -3.24 28.69
N GLN F 352 -47.83 -4.33 29.34
CA GLN F 352 -47.64 -4.44 30.78
C GLN F 352 -46.65 -5.55 31.03
N ILE F 353 -45.58 -5.22 31.73
CA ILE F 353 -44.53 -6.18 32.02
C ILE F 353 -44.28 -6.24 33.52
N SER F 354 -44.49 -7.41 34.10
CA SER F 354 -44.14 -7.62 35.50
C SER F 354 -43.61 -9.02 35.66
N GLY F 355 -42.61 -9.18 36.52
CA GLY F 355 -41.92 -10.44 36.66
C GLY F 355 -41.22 -10.81 35.36
N GLY F 356 -40.79 -9.80 34.61
CA GLY F 356 -40.10 -10.04 33.36
C GLY F 356 -40.96 -10.60 32.25
N ARG F 357 -42.24 -10.86 32.55
CA ARG F 357 -43.17 -11.36 31.54
C ARG F 357 -44.08 -10.24 31.04
N ALA F 358 -44.49 -10.34 29.78
CA ALA F 358 -45.24 -9.27 29.14
C ALA F 358 -46.62 -9.72 28.67
N ARG F 359 -47.57 -8.80 28.81
CA ARG F 359 -48.85 -8.94 28.17
C ARG F 359 -48.98 -7.74 27.26
N CYS F 360 -49.44 -7.99 26.04
CA CYS F 360 -49.50 -6.96 25.03
C CYS F 360 -50.81 -7.12 24.29
N THR F 361 -51.69 -6.13 24.44
CA THR F 361 -53.01 -6.22 23.87
C THR F 361 -53.34 -4.96 23.13
N THR F 362 -54.08 -5.09 22.04
CA THR F 362 -54.53 -3.91 21.33
C THR F 362 -55.34 -3.03 22.28
N THR F 363 -55.21 -1.71 22.13
CA THR F 363 -55.93 -0.77 22.96
C THR F 363 -56.32 0.44 22.15
N ASP F 364 -57.43 1.06 22.55
CA ASP F 364 -57.94 2.24 21.86
C ASP F 364 -57.58 3.44 22.70
N ALA F 365 -56.52 3.28 23.50
CA ALA F 365 -56.09 4.30 24.45
C ALA F 365 -54.91 5.15 23.98
N PRO F 366 -54.73 6.34 24.58
CA PRO F 366 -53.63 7.27 24.27
C PRO F 366 -52.26 6.71 24.60
N ALA F 367 -51.31 6.86 23.69
CA ALA F 367 -50.00 6.23 23.83
C ALA F 367 -49.01 7.04 24.66
N ASP F 368 -48.21 6.34 25.48
CA ASP F 368 -47.12 6.94 26.23
C ASP F 368 -45.86 7.06 25.37
N ILE F 369 -45.63 6.06 24.54
CA ILE F 369 -44.44 6.01 23.69
C ILE F 369 -44.82 5.74 22.25
N GLU F 370 -44.26 6.53 21.33
CA GLU F 370 -44.41 6.29 19.91
C GLU F 370 -43.09 5.72 19.39
N ILE F 371 -43.18 4.66 18.61
CA ILE F 371 -42.01 3.94 18.13
C ILE F 371 -42.22 3.46 16.70
N ASP F 372 -41.26 3.76 15.81
CA ASP F 372 -41.28 3.16 14.48
C ASP F 372 -41.14 1.64 14.59
N LEU F 373 -41.87 0.93 13.73
CA LEU F 373 -41.84 -0.53 13.75
C LEU F 373 -40.41 -1.07 13.58
N ASP F 374 -39.61 -0.46 12.70
CA ASP F 374 -38.25 -0.97 12.52
C ASP F 374 -37.45 -0.89 13.83
N VAL F 375 -37.63 0.20 14.57
CA VAL F 375 -36.97 0.38 15.86
C VAL F 375 -37.33 -0.72 16.86
N LEU F 376 -38.59 -1.13 16.86
CA LEU F 376 -39.04 -2.17 17.78
C LEU F 376 -38.34 -3.49 17.44
N GLY F 377 -38.22 -3.78 16.16
CA GLY F 377 -37.49 -4.98 15.74
C GLY F 377 -36.03 -4.89 16.16
N GLY F 378 -35.44 -3.71 15.98
CA GLY F 378 -34.05 -3.46 16.35
C GLY F 378 -33.77 -3.68 17.82
N LEU F 379 -34.67 -3.21 18.67
CA LEU F 379 -34.53 -3.37 20.12
C LEU F 379 -34.77 -4.81 20.55
N TYR F 380 -35.44 -5.57 19.69
CA TYR F 380 -36.05 -6.81 20.12
C TYR F 380 -35.12 -7.82 20.80
N LEU F 381 -33.86 -7.90 20.37
CA LEU F 381 -32.94 -8.87 20.98
C LEU F 381 -32.03 -8.25 22.03
N GLY F 382 -32.28 -6.98 22.38
CA GLY F 382 -31.50 -6.31 23.41
C GLY F 382 -30.24 -5.59 22.93
N ALA F 383 -30.12 -5.36 21.63
CA ALA F 383 -28.87 -4.84 21.05
C ALA F 383 -28.57 -3.33 21.10
N HIS F 384 -29.58 -2.49 21.32
CA HIS F 384 -29.32 -1.05 21.29
C HIS F 384 -29.76 -0.32 22.56
N ARG F 385 -29.37 0.93 22.69
CA ARG F 385 -29.98 1.84 23.66
C ARG F 385 -31.05 2.64 22.93
N VAL F 386 -31.92 3.30 23.66
CA VAL F 386 -33.00 4.08 23.05
C VAL F 386 -32.51 5.46 22.64
N ASP F 387 -31.41 5.88 23.27
CA ASP F 387 -30.88 7.23 23.08
C ASP F 387 -30.77 7.61 21.62
N GLY F 388 -30.14 6.74 20.83
CA GLY F 388 -29.89 7.07 19.45
C GLY F 388 -31.17 7.17 18.66
N PHE F 389 -32.03 6.17 18.80
CA PHE F 389 -33.31 6.16 18.13
C PHE F 389 -34.15 7.37 18.52
N ALA F 390 -34.07 7.76 19.79
CA ALA F 390 -34.83 8.91 20.27
C ALA F 390 -34.33 10.19 19.64
N ALA F 391 -33.00 10.34 19.62
CA ALA F 391 -32.37 11.49 18.98
C ALA F 391 -32.81 11.64 17.53
N ALA F 392 -32.98 10.51 16.87
CA ALA F 392 -33.33 10.48 15.45
C ALA F 392 -34.82 10.74 15.20
N ASN F 393 -35.57 10.96 16.27
CA ASN F 393 -37.03 11.08 16.18
C ASN F 393 -37.66 9.81 15.64
N ARG F 394 -37.08 8.67 15.96
CA ARG F 394 -37.62 7.39 15.50
C ARG F 394 -38.27 6.63 16.64
N LEU F 395 -38.02 7.13 17.84
CA LEU F 395 -38.64 6.69 19.08
C LEU F 395 -38.99 8.01 19.78
N ARG F 396 -40.20 8.12 20.32
CA ARG F 396 -40.69 9.41 20.78
C ARG F 396 -41.46 9.29 22.10
N SER F 397 -41.23 10.22 23.03
CA SER F 397 -42.00 10.25 24.28
C SER F 397 -41.84 11.58 25.02
N LYS F 398 -42.88 11.97 25.73
CA LYS F 398 -42.83 13.23 26.48
C LYS F 398 -42.19 13.01 27.84
N ASP F 399 -42.20 11.76 28.30
CA ASP F 399 -41.55 11.40 29.55
C ASP F 399 -40.20 10.75 29.27
N SER F 400 -39.14 11.51 29.47
CA SER F 400 -37.79 11.03 29.18
C SER F 400 -37.40 9.81 30.01
N GLU F 401 -37.73 9.84 31.30
CA GLU F 401 -37.41 8.71 32.18
C GLU F 401 -38.27 7.48 31.83
N LEU F 402 -39.30 7.68 31.02
CA LEU F 402 -40.13 6.55 30.58
C LEU F 402 -39.46 5.79 29.44
N LEU F 403 -38.84 6.52 28.51
CA LEU F 403 -38.06 5.87 27.47
C LEU F 403 -36.96 5.01 28.09
N GLN F 404 -36.32 5.54 29.13
CA GLN F 404 -35.24 4.81 29.80
C GLN F 404 -35.77 3.55 30.45
N GLN F 405 -36.97 3.64 31.04
CA GLN F 405 -37.63 2.46 31.57
C GLN F 405 -37.83 1.47 30.44
N PHE F 406 -38.26 1.97 29.29
CA PHE F 406 -38.56 1.16 28.12
C PHE F 406 -37.32 0.42 27.62
N GLY F 407 -36.22 1.17 27.50
CA GLY F 407 -34.97 0.60 27.04
C GLY F 407 -34.47 -0.45 28.02
N ALA F 408 -34.56 -0.13 29.30
CA ALA F 408 -34.09 -1.06 30.32
C ALA F 408 -34.87 -2.38 30.28
N ALA F 409 -36.14 -2.31 29.89
CA ALA F 409 -36.96 -3.52 29.86
C ALA F 409 -36.52 -4.43 28.71
N PHE F 410 -36.25 -3.80 27.57
CA PHE F 410 -35.90 -4.54 26.34
C PHE F 410 -34.47 -5.05 26.31
N ALA F 411 -33.67 -4.71 27.31
CA ALA F 411 -32.34 -5.28 27.42
C ALA F 411 -32.43 -6.80 27.53
N GLY F 412 -31.31 -7.48 27.35
CA GLY F 412 -31.27 -8.92 27.50
C GLY F 412 -30.30 -9.33 28.59
N ASP F 413 -30.52 -10.52 29.16
CA ASP F 413 -29.63 -11.04 30.19
C ASP F 413 -28.50 -11.83 29.54
N MET F 414 -28.59 -12.01 28.23
CA MET F 414 -27.49 -12.56 27.45
C MET F 414 -27.38 -11.94 26.08
N PRO F 415 -26.15 -11.56 25.69
CA PRO F 415 -25.85 -10.86 24.44
C PRO F 415 -26.30 -11.69 23.26
N ALA F 416 -27.06 -11.07 22.36
CA ALA F 416 -27.53 -11.73 21.15
C ALA F 416 -26.43 -11.90 20.12
N GLU F 417 -26.46 -13.02 19.40
CA GLU F 417 -25.59 -13.24 18.27
C GLU F 417 -26.29 -14.15 17.29
N LEU F 418 -26.33 -13.75 16.02
CA LEU F 418 -26.93 -14.60 14.98
C LEU F 418 -26.16 -15.92 14.86
N GLY F 419 -26.88 -17.05 14.88
CA GLY F 419 -26.26 -18.36 14.78
C GLY F 419 -25.42 -18.60 13.54
N TYR F 420 -25.94 -18.19 12.37
CA TYR F 420 -25.18 -18.27 11.13
C TYR F 420 -25.76 -17.33 10.09
N GLY F 421 -24.96 -17.00 9.07
CA GLY F 421 -25.42 -16.14 8.01
C GLY F 421 -26.35 -16.86 7.04
N PHE F 422 -27.29 -16.13 6.47
CA PHE F 422 -28.21 -16.69 5.50
C PHE F 422 -28.71 -15.55 4.61
#